data_3EBL
#
_entry.id   3EBL
#
_cell.length_a   82.760
_cell.length_b   133.895
_cell.length_c   118.886
_cell.angle_alpha   90.00
_cell.angle_beta   104.95
_cell.angle_gamma   90.00
#
_symmetry.space_group_name_H-M   'P 1 21 1'
#
loop_
_entity.id
_entity.type
_entity.pdbx_description
1 polymer 'Gibberellin receptor GID1'
2 non-polymer 'GIBBERELLIN A4'
3 non-polymer (4S)-2-METHYL-2,4-PENTANEDIOL
4 non-polymer 'NITRATE ION'
5 non-polymer 'PHOSPHATE ION'
6 water water
#
_entity_poly.entity_id   1
_entity_poly.type   'polypeptide(L)'
_entity_poly.pdbx_seq_one_letter_code
;AGSDEVNRNECKTVVPLHTWVLISNFKLSYNILRRADGTFERDLGEYLDRRVPANARPLEGVSSFDHIIDQSVGLEVRIY
RAAAEGDAEEGAAAVTRPILEFLTDAPAAEPFPVIIFFHGGSFVHSSASSTIYDSLCRRFVKLSKGVVVSVNYRRAPEHR
YPCAYDDGWTALKWVMSQPFMRSGGDAQARVFLSGDSSGGNIAHHVAVRAADEGVKVCGNILLNAMFGGTERTESERRLD
GKYFVTLQDRDWYWKAYLPEDADRDHPACNPFGPNGRRLGGLPFAKSLIIVSGLDLTCDRQLAYADALREDGHHVKVVQC
ENATVGFYLLPNTVHYHEVMEEISDFLNANLYYGSHHHHHHHHHH
;
_entity_poly.pdbx_strand_id   A,B,C,D,E,F
#
# COMPACT_ATOMS: atom_id res chain seq x y z
N VAL A 14 8.89 -18.31 4.43
CA VAL A 14 7.75 -17.59 3.80
C VAL A 14 7.50 -16.23 4.51
N VAL A 15 7.16 -15.25 3.70
CA VAL A 15 6.85 -13.94 4.20
C VAL A 15 5.33 -13.96 4.42
N PRO A 16 4.84 -13.51 5.58
CA PRO A 16 3.37 -13.37 5.71
C PRO A 16 2.80 -12.49 4.58
N LEU A 17 1.59 -12.78 4.14
CA LEU A 17 1.04 -12.12 2.98
C LEU A 17 0.95 -10.60 3.20
N HIS A 18 0.56 -10.17 4.40
CA HIS A 18 0.35 -8.72 4.60
C HIS A 18 1.69 -7.98 4.56
N THR A 19 2.75 -8.62 5.06
CA THR A 19 4.10 -8.03 4.98
C THR A 19 4.51 -7.94 3.53
N TRP A 20 4.32 -9.05 2.80
CA TRP A 20 4.69 -9.06 1.41
C TRP A 20 4.00 -7.96 0.64
N VAL A 21 2.70 -7.81 0.85
CA VAL A 21 1.97 -6.78 0.13
C VAL A 21 2.45 -5.35 0.52
N LEU A 22 2.57 -5.08 1.82
CA LEU A 22 2.99 -3.75 2.30
C LEU A 22 4.38 -3.36 1.82
N ILE A 23 5.37 -4.21 2.08
CA ILE A 23 6.73 -3.92 1.60
C ILE A 23 6.85 -3.91 0.08
N SER A 24 6.13 -4.79 -0.63
CA SER A 24 6.14 -4.67 -2.06
C SER A 24 5.57 -3.34 -2.57
N ASN A 25 4.54 -2.84 -1.90
CA ASN A 25 3.95 -1.56 -2.28
C ASN A 25 5.02 -0.47 -2.19
N PHE A 26 5.78 -0.42 -1.08
CA PHE A 26 6.94 0.49 -0.99
C PHE A 26 7.97 0.23 -2.11
N LYS A 27 8.37 -1.03 -2.29
CA LYS A 27 9.42 -1.37 -3.27
C LYS A 27 9.11 -0.85 -4.66
N LEU A 28 7.87 -1.14 -5.11
CA LEU A 28 7.43 -0.76 -6.44
C LEU A 28 7.24 0.75 -6.59
N SER A 29 6.76 1.41 -5.56
CA SER A 29 6.60 2.87 -5.62
C SER A 29 8.01 3.47 -5.67
N TYR A 30 8.90 3.00 -4.79
CA TYR A 30 10.24 3.61 -4.72
C TYR A 30 11.04 3.40 -6.02
N ASN A 31 10.72 2.33 -6.74
CA ASN A 31 11.30 2.07 -8.07
C ASN A 31 11.13 3.28 -8.99
N ILE A 32 10.01 3.97 -8.90
CA ILE A 32 9.76 5.03 -9.89
C ILE A 32 10.29 6.39 -9.40
N LEU A 33 10.66 6.47 -8.12
CA LEU A 33 11.14 7.74 -7.55
C LEU A 33 12.66 7.96 -7.70
N ARG A 34 13.44 6.87 -7.73
CA ARG A 34 14.89 6.97 -7.92
C ARG A 34 15.14 7.28 -9.37
N ARG A 35 15.83 8.38 -9.66
CA ARG A 35 16.26 8.64 -11.04
C ARG A 35 17.66 8.05 -11.33
N ALA A 36 17.85 7.65 -12.58
CA ALA A 36 19.14 7.13 -13.06
C ALA A 36 20.28 8.11 -12.85
N ASP A 37 20.00 9.41 -12.86
CA ASP A 37 21.11 10.36 -12.71
C ASP A 37 21.42 10.69 -11.24
N GLY A 38 20.82 9.96 -10.31
CA GLY A 38 21.12 10.13 -8.90
C GLY A 38 20.31 11.22 -8.23
N THR A 39 19.36 11.81 -8.98
CA THR A 39 18.42 12.76 -8.38
C THR A 39 17.15 12.03 -8.00
N PHE A 40 16.23 12.73 -7.33
CA PHE A 40 15.11 12.01 -6.73
C PHE A 40 13.79 12.69 -7.05
N GLU A 41 12.75 11.91 -7.28
CA GLU A 41 11.40 12.50 -7.45
C GLU A 41 10.79 12.92 -6.13
N ARG A 42 11.29 14.03 -5.59
CA ARG A 42 10.96 14.42 -4.22
C ARG A 42 9.50 14.88 -4.02
N ASP A 43 8.99 15.73 -4.88
CA ASP A 43 7.61 16.18 -4.74
C ASP A 43 6.63 15.04 -4.86
N LEU A 44 6.92 14.09 -5.76
CA LEU A 44 6.04 12.95 -5.97
C LEU A 44 6.15 12.01 -4.77
N GLY A 45 7.37 11.75 -4.31
CA GLY A 45 7.60 10.97 -3.07
C GLY A 45 6.86 11.50 -1.86
N GLU A 46 6.89 12.82 -1.66
CA GLU A 46 6.17 13.45 -0.54
C GLU A 46 4.65 13.26 -0.70
N TYR A 47 4.18 13.39 -1.95
CA TYR A 47 2.76 13.29 -2.27
C TYR A 47 2.27 11.87 -2.03
N LEU A 48 3.10 10.88 -2.35
CA LEU A 48 2.69 9.45 -2.26
C LEU A 48 2.90 8.80 -0.90
N ASP A 49 3.59 9.50 0.00
CA ASP A 49 3.87 8.90 1.31
C ASP A 49 2.60 8.89 2.15
N ARG A 50 2.43 7.82 2.93
CA ARG A 50 1.32 7.70 3.84
C ARG A 50 1.76 8.26 5.17
N ARG A 51 1.09 9.32 5.59
CA ARG A 51 1.48 10.08 6.79
C ARG A 51 0.25 10.42 7.65
N VAL A 52 0.50 10.72 8.93
CA VAL A 52 -0.54 11.19 9.85
C VAL A 52 -0.08 12.46 10.59
N PRO A 53 -1.05 13.32 10.99
CA PRO A 53 -0.67 14.50 11.78
C PRO A 53 -0.34 14.14 13.25
N ALA A 54 0.33 15.05 13.97
CA ALA A 54 0.45 14.88 15.41
C ALA A 54 -0.95 15.08 16.02
N ASN A 55 -1.21 14.57 17.21
CA ASN A 55 -2.51 14.82 17.87
C ASN A 55 -2.36 14.83 19.37
N ALA A 56 -2.58 16.01 19.95
CA ALA A 56 -2.62 16.22 21.40
C ALA A 56 -3.65 15.35 22.13
N ARG A 57 -4.69 14.93 21.43
CA ARG A 57 -5.69 14.04 21.98
C ARG A 57 -5.21 12.57 21.88
N PRO A 58 -5.14 11.86 23.02
CA PRO A 58 -4.59 10.49 23.03
C PRO A 58 -5.35 9.53 22.13
N LEU A 59 -4.64 8.76 21.34
CA LEU A 59 -5.22 7.59 20.71
C LEU A 59 -4.57 6.40 21.38
N GLU A 60 -5.39 5.51 21.92
CA GLU A 60 -4.95 4.36 22.72
C GLU A 60 -3.95 4.73 23.79
N GLY A 61 -4.14 5.87 24.42
CA GLY A 61 -3.32 6.27 25.56
C GLY A 61 -2.06 7.02 25.22
N VAL A 62 -1.80 7.24 23.93
CA VAL A 62 -0.60 7.97 23.49
C VAL A 62 -1.01 9.21 22.73
N SER A 63 -0.37 10.33 23.07
CA SER A 63 -0.51 11.62 22.40
C SER A 63 0.77 11.98 21.66
N SER A 64 0.68 12.89 20.69
CA SER A 64 1.86 13.34 19.97
C SER A 64 1.82 14.84 19.65
N PHE A 65 3.01 15.40 19.53
CA PHE A 65 3.22 16.84 19.34
C PHE A 65 4.41 17.08 18.41
N ASP A 66 4.22 17.95 17.42
CA ASP A 66 5.29 18.37 16.50
C ASP A 66 5.97 19.63 17.02
N HIS A 67 7.29 19.69 16.95
CA HIS A 67 8.03 20.85 17.48
C HIS A 67 9.32 21.10 16.70
N ILE A 68 9.54 22.35 16.26
CA ILE A 68 10.79 22.70 15.59
C ILE A 68 11.85 22.96 16.66
N ILE A 69 13.00 22.30 16.56
CA ILE A 69 14.01 22.39 17.62
C ILE A 69 15.25 23.19 17.16
N ASP A 70 15.34 23.45 15.85
CA ASP A 70 16.42 24.22 15.26
C ASP A 70 15.91 24.95 14.04
N GLN A 71 15.67 26.24 14.20
CA GLN A 71 15.16 27.08 13.12
C GLN A 71 16.13 27.30 11.98
N SER A 72 17.43 27.18 12.22
CA SER A 72 18.42 27.42 11.16
C SER A 72 18.32 26.42 10.00
N VAL A 73 17.90 25.19 10.30
CA VAL A 73 17.79 24.16 9.27
C VAL A 73 16.36 23.62 9.20
N GLY A 74 15.45 24.26 9.93
CA GLY A 74 14.04 23.84 9.99
C GLY A 74 13.79 22.48 10.65
N LEU A 75 14.67 22.08 11.57
CA LEU A 75 14.64 20.71 12.12
C LEU A 75 13.52 20.47 13.11
N GLU A 76 12.63 19.55 12.73
CA GLU A 76 11.42 19.25 13.49
C GLU A 76 11.47 17.84 14.13
N VAL A 77 10.87 17.70 15.30
CA VAL A 77 10.71 16.38 15.92
C VAL A 77 9.23 16.12 16.22
N ARG A 78 8.87 14.85 16.39
CA ARG A 78 7.56 14.53 16.92
C ARG A 78 7.79 13.84 18.24
N ILE A 79 7.14 14.37 19.27
CA ILE A 79 7.24 13.87 20.64
C ILE A 79 6.01 13.07 20.98
N TYR A 80 6.21 11.86 21.49
CA TYR A 80 5.10 10.98 21.88
C TYR A 80 5.21 10.72 23.37
N ARG A 81 4.08 10.79 24.06
CA ARG A 81 4.07 10.41 25.47
C ARG A 81 2.71 9.84 25.85
N ALA A 82 2.67 9.06 26.92
CA ALA A 82 1.39 8.62 27.49
C ALA A 82 0.61 9.84 28.00
N ALA A 83 -0.72 9.78 27.84
CA ALA A 83 -1.60 10.85 28.31
C ALA A 83 -2.91 10.25 28.81
N LEU A 100 2.15 21.45 24.53
CA LEU A 100 3.40 22.20 24.27
C LEU A 100 4.18 22.60 25.54
N GLU A 101 3.47 23.22 26.48
CA GLU A 101 4.06 23.74 27.72
C GLU A 101 4.75 22.68 28.61
N PHE A 102 4.35 21.42 28.45
CA PHE A 102 4.86 20.33 29.30
C PHE A 102 6.39 20.15 29.28
N LEU A 103 7.04 20.72 28.26
CA LEU A 103 8.50 20.60 28.13
C LEU A 103 9.22 21.29 29.30
N THR A 104 8.52 22.22 29.92
CA THR A 104 9.01 22.99 31.07
C THR A 104 8.91 22.19 32.37
N ASP A 105 7.96 21.25 32.43
CA ASP A 105 7.70 20.45 33.64
C ASP A 105 8.97 19.93 34.32
N ALA A 106 8.88 19.75 35.64
CA ALA A 106 10.00 19.31 36.46
C ALA A 106 10.42 17.89 36.14
N PRO A 107 11.74 17.59 36.21
CA PRO A 107 12.24 16.22 36.12
C PRO A 107 11.43 15.21 36.93
N ALA A 108 10.95 14.15 36.27
CA ALA A 108 10.17 13.10 36.94
C ALA A 108 10.92 12.48 38.11
N ALA A 109 10.20 12.20 39.19
CA ALA A 109 10.78 11.57 40.37
C ALA A 109 11.40 10.23 40.02
N GLU A 110 10.59 9.36 39.41
CA GLU A 110 11.02 8.02 38.98
C GLU A 110 11.66 8.03 37.58
N PRO A 111 12.70 7.21 37.38
CA PRO A 111 13.34 7.15 36.06
C PRO A 111 12.38 6.71 34.97
N PHE A 112 12.51 7.31 33.79
CA PHE A 112 11.85 6.80 32.59
C PHE A 112 12.75 6.97 31.38
N PRO A 113 12.62 6.08 30.37
CA PRO A 113 13.41 6.24 29.15
C PRO A 113 12.92 7.33 28.22
N VAL A 114 13.85 8.00 27.56
CA VAL A 114 13.49 8.82 26.41
C VAL A 114 14.16 8.10 25.25
N ILE A 115 13.36 7.70 24.28
CA ILE A 115 13.92 7.07 23.09
C ILE A 115 13.96 8.11 21.99
N ILE A 116 15.17 8.39 21.51
CA ILE A 116 15.31 9.28 20.35
C ILE A 116 15.33 8.36 19.12
N PHE A 117 14.31 8.50 18.26
CA PHE A 117 14.11 7.58 17.13
C PHE A 117 14.40 8.25 15.79
N PHE A 118 15.11 7.54 14.93
CA PHE A 118 15.47 8.01 13.59
C PHE A 118 14.83 7.06 12.62
N HIS A 119 13.87 7.57 11.85
CA HIS A 119 13.23 6.67 10.88
C HIS A 119 14.14 6.13 9.77
N GLY A 120 13.72 4.99 9.21
CA GLY A 120 14.38 4.35 8.06
C GLY A 120 13.97 5.02 6.75
N GLY A 121 14.26 4.39 5.62
CA GLY A 121 14.04 4.96 4.28
C GLY A 121 15.36 5.23 3.57
N SER A 122 16.46 4.63 4.07
CA SER A 122 17.69 4.57 3.28
C SER A 122 18.32 5.95 3.02
N PHE A 123 18.14 6.83 3.99
CA PHE A 123 18.56 8.24 3.95
C PHE A 123 17.74 9.19 3.07
N VAL A 124 16.81 8.63 2.30
CA VAL A 124 16.09 9.35 1.22
C VAL A 124 14.58 9.49 1.49
N HIS A 125 13.97 8.42 2.01
CA HIS A 125 12.51 8.32 2.13
C HIS A 125 12.00 8.52 3.53
N SER A 126 10.68 8.67 3.64
CA SER A 126 9.92 8.68 4.91
C SER A 126 10.17 9.91 5.74
N SER A 127 9.51 9.98 6.90
CA SER A 127 9.41 11.19 7.71
C SER A 127 8.94 10.72 9.08
N ALA A 128 9.11 11.55 10.10
CA ALA A 128 8.57 11.25 11.41
C ALA A 128 7.06 11.16 11.36
N SER A 129 6.47 11.80 10.37
CA SER A 129 4.99 11.71 10.25
C SER A 129 4.53 10.48 9.46
N SER A 130 5.46 9.71 8.87
CA SER A 130 5.05 8.55 8.09
C SER A 130 4.31 7.60 8.99
N THR A 131 3.16 7.11 8.53
CA THR A 131 2.29 6.29 9.39
C THR A 131 3.03 5.07 9.95
N ILE A 132 3.81 4.37 9.12
CA ILE A 132 4.54 3.18 9.63
C ILE A 132 5.44 3.52 10.85
N TYR A 133 5.97 4.75 10.85
CA TYR A 133 6.88 5.19 11.94
C TYR A 133 6.14 5.83 13.10
N ASP A 134 5.08 6.60 12.79
CA ASP A 134 4.17 7.07 13.83
C ASP A 134 3.63 5.91 14.65
N SER A 135 3.23 4.84 13.96
CA SER A 135 2.70 3.68 14.63
C SER A 135 3.80 2.97 15.48
N LEU A 136 4.97 2.79 14.91
CA LEU A 136 6.08 2.18 15.68
C LEU A 136 6.45 2.98 16.93
N CYS A 137 6.51 4.30 16.82
CA CYS A 137 6.79 5.16 17.99
C CYS A 137 5.71 5.10 19.06
N ARG A 138 4.44 5.12 18.65
CA ARG A 138 3.36 4.84 19.56
C ARG A 138 3.53 3.53 20.35
N ARG A 139 3.91 2.46 19.66
CA ARG A 139 4.13 1.16 20.27
C ARG A 139 5.34 1.21 21.24
N PHE A 140 6.37 1.93 20.82
CA PHE A 140 7.52 2.20 21.71
C PHE A 140 7.17 2.89 23.02
N VAL A 141 6.27 3.88 22.98
CA VAL A 141 5.81 4.52 24.22
C VAL A 141 5.04 3.55 25.13
N LYS A 142 4.12 2.77 24.54
CA LYS A 142 3.37 1.78 25.33
C LYS A 142 4.28 0.77 25.99
N LEU A 143 5.25 0.33 25.21
CA LEU A 143 6.24 -0.64 25.60
C LEU A 143 7.27 -0.17 26.66
N SER A 144 7.70 1.09 26.56
CA SER A 144 8.75 1.64 27.42
C SER A 144 8.19 2.37 28.67
N LYS A 145 6.90 2.67 28.65
CA LYS A 145 6.33 3.63 29.56
C LYS A 145 7.19 4.92 29.66
N GLY A 146 7.69 5.40 28.53
CA GLY A 146 8.57 6.54 28.52
C GLY A 146 8.15 7.50 27.44
N VAL A 147 9.12 8.22 26.89
CA VAL A 147 8.81 9.27 25.92
C VAL A 147 9.60 8.91 24.66
N VAL A 148 8.99 9.16 23.50
CA VAL A 148 9.66 8.97 22.21
C VAL A 148 9.79 10.29 21.48
N VAL A 149 11.00 10.59 21.03
CA VAL A 149 11.28 11.76 20.21
C VAL A 149 11.75 11.32 18.82
N SER A 150 10.87 11.50 17.84
CA SER A 150 11.11 11.02 16.48
C SER A 150 11.63 12.19 15.67
N VAL A 151 12.81 12.03 15.11
CA VAL A 151 13.53 13.12 14.44
C VAL A 151 13.31 13.14 12.94
N ASN A 152 12.84 14.28 12.44
CA ASN A 152 12.64 14.49 11.01
C ASN A 152 13.93 14.93 10.37
N TYR A 153 14.94 14.07 10.30
CA TYR A 153 16.22 14.48 9.77
C TYR A 153 16.15 14.85 8.29
N ARG A 154 17.07 15.73 7.88
CA ARG A 154 17.18 16.13 6.47
C ARG A 154 17.70 14.96 5.65
N ARG A 155 17.09 14.77 4.48
CA ARG A 155 17.29 13.57 3.72
C ARG A 155 18.10 13.82 2.45
N ALA A 156 18.76 12.77 2.00
CA ALA A 156 19.39 12.74 0.70
C ALA A 156 18.36 12.53 -0.44
N PRO A 157 18.77 12.78 -1.70
CA PRO A 157 20.08 13.34 -2.15
C PRO A 157 20.22 14.83 -1.97
N GLU A 158 19.16 15.51 -1.58
CA GLU A 158 19.24 16.98 -1.47
C GLU A 158 20.24 17.38 -0.38
N HIS A 159 20.17 16.70 0.76
CA HIS A 159 21.08 16.92 1.86
C HIS A 159 21.92 15.67 2.03
N ARG A 160 23.20 15.78 1.66
CA ARG A 160 24.15 14.70 1.78
C ARG A 160 24.85 14.65 3.15
N TYR A 161 25.67 13.62 3.37
CA TYR A 161 26.55 13.53 4.53
C TYR A 161 27.21 14.90 4.78
N PRO A 162 27.30 15.36 6.04
CA PRO A 162 26.89 14.73 7.29
C PRO A 162 25.60 15.29 7.86
N CYS A 163 24.73 15.86 7.04
CA CYS A 163 23.52 16.56 7.54
C CYS A 163 22.62 15.77 8.50
N ALA A 164 22.31 14.55 8.12
CA ALA A 164 21.46 13.70 8.96
C ALA A 164 22.12 13.46 10.33
N TYR A 165 23.44 13.23 10.32
CA TYR A 165 24.18 13.09 11.58
C TYR A 165 24.14 14.38 12.41
N ASP A 166 24.29 15.54 11.75
CA ASP A 166 24.19 16.85 12.44
C ASP A 166 22.87 17.00 13.13
N ASP A 167 21.80 16.67 12.41
CA ASP A 167 20.44 16.75 12.94
C ASP A 167 20.21 15.82 14.12
N GLY A 168 20.77 14.61 14.09
CA GLY A 168 20.63 13.72 15.24
C GLY A 168 21.40 14.26 16.45
N TRP A 169 22.56 14.88 16.19
CA TRP A 169 23.32 15.45 17.33
C TRP A 169 22.51 16.63 17.90
N THR A 170 22.02 17.48 17.01
CA THR A 170 21.13 18.57 17.44
C THR A 170 20.01 18.04 18.32
N ALA A 171 19.32 16.98 17.89
CA ALA A 171 18.22 16.37 18.65
C ALA A 171 18.67 15.80 20.00
N LEU A 172 19.81 15.13 20.05
CA LEU A 172 20.30 14.62 21.34
C LEU A 172 20.50 15.79 22.32
N LYS A 173 21.15 16.85 21.87
CA LYS A 173 21.48 17.95 22.77
C LYS A 173 20.21 18.67 23.21
N TRP A 174 19.24 18.80 22.30
CA TRP A 174 17.96 19.40 22.66
C TRP A 174 17.24 18.60 23.74
N VAL A 175 17.23 17.28 23.59
CA VAL A 175 16.55 16.41 24.54
C VAL A 175 17.20 16.53 25.93
N MET A 176 18.53 16.51 25.97
CA MET A 176 19.27 16.53 27.24
C MET A 176 18.99 17.81 28.02
N SER A 177 18.65 18.89 27.31
CA SER A 177 18.43 20.20 27.93
C SER A 177 17.00 20.51 28.40
N GLN A 178 16.03 19.64 28.10
CA GLN A 178 14.64 19.84 28.55
C GLN A 178 14.44 19.23 29.94
N PRO A 179 13.93 20.04 30.89
CA PRO A 179 13.57 19.56 32.23
C PRO A 179 12.62 18.36 32.20
N PHE A 180 11.60 18.44 31.35
CA PHE A 180 10.63 17.35 31.19
C PHE A 180 11.26 15.99 30.89
N MET A 181 12.28 15.99 30.03
CA MET A 181 12.95 14.76 29.59
C MET A 181 13.74 14.05 30.68
N ARG A 182 14.03 14.79 31.77
CA ARG A 182 14.89 14.34 32.87
C ARG A 182 14.11 13.59 33.93
N SER A 183 14.80 12.70 34.64
CA SER A 183 14.18 11.82 35.63
C SER A 183 15.19 11.12 36.57
N GLY A 184 14.66 10.56 37.65
CA GLY A 184 15.46 9.81 38.62
C GLY A 184 16.23 10.69 39.61
N GLY A 185 17.05 10.04 40.43
CA GLY A 185 17.83 10.72 41.46
C GLY A 185 18.61 11.91 40.92
N ASP A 186 19.58 11.61 40.05
CA ASP A 186 20.44 12.60 39.40
C ASP A 186 19.77 13.50 38.35
N ALA A 187 18.43 13.56 38.34
CA ALA A 187 17.66 14.34 37.37
C ALA A 187 18.40 14.55 36.04
N GLN A 188 18.56 13.47 35.28
CA GLN A 188 19.07 13.59 33.93
C GLN A 188 18.18 12.82 32.95
N ALA A 189 18.28 13.19 31.68
CA ALA A 189 17.61 12.47 30.59
C ALA A 189 18.26 11.09 30.44
N ARG A 190 17.45 10.03 30.59
CA ARG A 190 17.94 8.67 30.35
C ARG A 190 17.70 8.28 28.89
N VAL A 191 18.66 8.60 28.03
CA VAL A 191 18.43 8.62 26.57
C VAL A 191 18.82 7.30 25.92
N PHE A 192 17.95 6.79 25.04
CA PHE A 192 18.31 5.64 24.19
C PHE A 192 18.25 6.18 22.77
N LEU A 193 19.24 5.84 21.94
CA LEU A 193 19.23 6.26 20.55
C LEU A 193 18.76 5.05 19.77
N SER A 194 17.79 5.24 18.86
CA SER A 194 17.22 4.09 18.15
C SER A 194 16.90 4.46 16.69
N GLY A 195 16.93 3.47 15.81
CA GLY A 195 16.53 3.73 14.45
C GLY A 195 16.57 2.43 13.67
N ASP A 196 15.77 2.39 12.59
CA ASP A 196 15.88 1.30 11.63
C ASP A 196 16.57 1.75 10.32
N SER A 197 17.17 0.81 9.60
CA SER A 197 17.73 1.11 8.26
C SER A 197 18.69 2.30 8.43
N SER A 198 18.64 3.30 7.54
CA SER A 198 19.45 4.53 7.71
C SER A 198 19.37 5.16 9.09
N GLY A 199 18.21 5.15 9.73
CA GLY A 199 18.10 5.68 11.10
C GLY A 199 18.98 4.96 12.14
N GLY A 200 19.18 3.67 11.96
CA GLY A 200 20.09 2.89 12.82
C GLY A 200 21.56 3.31 12.58
N ASN A 201 21.93 3.52 11.32
CA ASN A 201 23.20 4.17 11.00
C ASN A 201 23.37 5.53 11.69
N ILE A 202 22.36 6.38 11.58
CA ILE A 202 22.38 7.68 12.26
C ILE A 202 22.54 7.52 13.78
N ALA A 203 21.75 6.63 14.39
CA ALA A 203 21.85 6.40 15.82
C ALA A 203 23.29 6.08 16.22
N HIS A 204 23.93 5.20 15.46
CA HIS A 204 25.33 4.82 15.74
C HIS A 204 26.24 6.04 15.74
N HIS A 205 26.11 6.90 14.73
CA HIS A 205 27.11 7.98 14.57
C HIS A 205 26.87 9.04 15.63
N VAL A 206 25.60 9.26 15.95
CA VAL A 206 25.28 10.12 17.07
C VAL A 206 25.85 9.58 18.40
N ALA A 207 25.69 8.28 18.64
CA ALA A 207 26.24 7.62 19.82
C ALA A 207 27.77 7.79 19.91
N VAL A 208 28.47 7.66 18.78
CA VAL A 208 29.94 7.85 18.75
C VAL A 208 30.27 9.28 19.14
N ARG A 209 29.54 10.24 18.59
CA ARG A 209 29.80 11.63 18.88
C ARG A 209 29.55 11.93 20.35
N ALA A 210 28.48 11.36 20.90
CA ALA A 210 28.15 11.43 22.32
C ALA A 210 29.31 10.90 23.17
N ALA A 211 29.87 9.75 22.79
CA ALA A 211 30.95 9.15 23.58
C ALA A 211 32.24 10.02 23.51
N ASP A 212 32.56 10.53 22.32
CA ASP A 212 33.64 11.53 22.14
C ASP A 212 33.46 12.78 23.00
N GLU A 213 32.22 13.21 23.23
CA GLU A 213 31.96 14.41 24.00
C GLU A 213 31.54 14.18 25.45
N GLY A 214 31.63 12.93 25.90
CA GLY A 214 31.29 12.55 27.28
C GLY A 214 29.82 12.70 27.64
N VAL A 215 28.96 12.75 26.62
CA VAL A 215 27.51 12.74 26.80
C VAL A 215 27.04 11.29 27.03
N LYS A 216 26.27 11.06 28.09
CA LYS A 216 25.92 9.68 28.48
C LYS A 216 24.69 9.21 27.68
N VAL A 217 24.83 8.07 27.00
CA VAL A 217 23.68 7.42 26.31
C VAL A 217 23.45 6.07 26.97
N CYS A 218 22.23 5.81 27.44
CA CYS A 218 21.95 4.57 28.14
C CYS A 218 21.96 3.35 27.25
N GLY A 219 21.67 3.50 25.96
CA GLY A 219 21.72 2.35 25.09
C GLY A 219 21.32 2.76 23.70
N ASN A 220 21.79 1.98 22.73
CA ASN A 220 21.37 2.12 21.34
C ASN A 220 20.50 0.92 20.95
N ILE A 221 19.43 1.21 20.20
CA ILE A 221 18.54 0.15 19.71
C ILE A 221 18.47 0.23 18.17
N LEU A 222 19.10 -0.74 17.50
CA LEU A 222 19.31 -0.67 16.06
C LEU A 222 18.51 -1.78 15.42
N LEU A 223 17.61 -1.40 14.52
CA LEU A 223 16.81 -2.39 13.79
C LEU A 223 17.22 -2.41 12.33
N ASN A 224 17.92 -3.45 11.91
CA ASN A 224 18.40 -3.54 10.54
C ASN A 224 19.18 -2.28 10.16
N ALA A 225 20.11 -1.88 11.04
CA ALA A 225 20.98 -0.72 10.80
C ALA A 225 21.68 -0.83 9.47
N MET A 226 21.74 0.30 8.77
CA MET A 226 22.21 0.29 7.40
C MET A 226 23.71 0.61 7.31
N PHE A 227 24.49 -0.37 6.84
CA PHE A 227 25.95 -0.19 6.64
C PHE A 227 26.30 -0.78 5.31
N GLY A 228 27.46 -0.43 4.75
CA GLY A 228 27.83 -0.96 3.45
C GLY A 228 29.37 -1.00 3.33
N GLY A 229 29.83 -1.17 2.11
CA GLY A 229 31.29 -1.25 1.81
C GLY A 229 31.47 -1.54 0.34
N THR A 230 32.68 -1.32 -0.17
CA THR A 230 32.89 -1.45 -1.61
C THR A 230 32.74 -2.89 -2.09
N GLU A 231 33.24 -3.88 -1.35
CA GLU A 231 33.04 -5.30 -1.73
C GLU A 231 31.69 -5.82 -1.24
N ARG A 232 31.15 -6.85 -1.88
CA ARG A 232 29.93 -7.51 -1.43
C ARG A 232 30.25 -8.65 -0.48
N THR A 233 29.38 -8.84 0.50
CA THR A 233 29.48 -9.92 1.41
C THR A 233 28.74 -11.12 0.81
N GLU A 234 28.91 -12.30 1.40
CA GLU A 234 28.15 -13.46 1.00
C GLU A 234 26.63 -13.19 1.04
N SER A 235 26.14 -12.64 2.15
CA SER A 235 24.69 -12.40 2.29
C SER A 235 24.17 -11.47 1.19
N GLU A 236 24.98 -10.48 0.82
CA GLU A 236 24.58 -9.52 -0.21
C GLU A 236 24.38 -10.23 -1.54
N ARG A 237 25.35 -11.09 -1.91
CA ARG A 237 25.29 -11.81 -3.18
C ARG A 237 24.19 -12.89 -3.16
N ARG A 238 23.99 -13.54 -2.03
CA ARG A 238 22.99 -14.59 -1.88
C ARG A 238 21.53 -14.06 -1.82
N LEU A 239 21.30 -12.96 -1.13
CA LEU A 239 19.91 -12.53 -0.89
C LEU A 239 19.48 -11.43 -1.86
N ASP A 240 20.39 -11.00 -2.73
CA ASP A 240 20.13 -9.92 -3.66
C ASP A 240 18.84 -10.17 -4.44
N GLY A 241 17.90 -9.25 -4.36
CA GLY A 241 16.65 -9.39 -5.12
C GLY A 241 15.61 -10.39 -4.64
N LYS A 242 15.90 -11.14 -3.57
CA LYS A 242 15.00 -12.22 -3.11
C LYS A 242 13.90 -11.74 -2.15
N TYR A 243 14.20 -10.66 -1.41
CA TYR A 243 13.32 -10.19 -0.33
C TYR A 243 13.26 -8.68 -0.31
N PHE A 244 12.73 -8.13 -1.40
CA PHE A 244 12.36 -6.71 -1.58
C PHE A 244 13.53 -5.80 -1.89
N VAL A 245 14.72 -6.15 -1.42
CA VAL A 245 15.86 -5.26 -1.53
C VAL A 245 16.84 -5.73 -2.61
N THR A 246 17.35 -4.79 -3.39
CA THR A 246 18.35 -5.13 -4.42
C THR A 246 19.67 -4.40 -4.18
N LEU A 247 20.78 -4.99 -4.64
CA LEU A 247 22.07 -4.30 -4.57
C LEU A 247 22.08 -3.02 -5.43
N GLN A 248 21.37 -3.01 -6.56
CA GLN A 248 21.30 -1.81 -7.38
C GLN A 248 20.76 -0.69 -6.54
N ASP A 249 19.67 -0.96 -5.79
CA ASP A 249 19.08 0.13 -5.00
C ASP A 249 19.96 0.50 -3.78
N ARG A 250 20.54 -0.49 -3.10
CA ARG A 250 21.47 -0.19 -1.99
C ARG A 250 22.60 0.71 -2.49
N ASP A 251 23.18 0.36 -3.62
CA ASP A 251 24.25 1.20 -4.16
C ASP A 251 23.73 2.57 -4.45
N TRP A 252 22.50 2.67 -4.96
CA TRP A 252 21.91 3.97 -5.28
C TRP A 252 21.77 4.88 -4.06
N TYR A 253 21.23 4.35 -2.98
CA TYR A 253 21.04 5.13 -1.74
C TYR A 253 22.37 5.59 -1.12
N TRP A 254 23.36 4.72 -1.12
CA TRP A 254 24.71 5.14 -0.66
C TRP A 254 25.28 6.24 -1.52
N LYS A 255 25.15 6.10 -2.83
CA LYS A 255 25.62 7.15 -3.73
C LYS A 255 24.90 8.47 -3.41
N ALA A 256 23.61 8.38 -3.09
CA ALA A 256 22.78 9.58 -2.83
C ALA A 256 23.14 10.33 -1.54
N TYR A 257 23.54 9.58 -0.52
CA TYR A 257 23.90 10.14 0.78
C TYR A 257 25.39 10.52 0.91
N LEU A 258 26.28 9.69 0.40
CA LEU A 258 27.74 9.93 0.63
C LEU A 258 28.18 11.15 -0.21
N PRO A 259 29.29 11.79 0.20
CA PRO A 259 29.82 12.88 -0.65
C PRO A 259 30.02 12.44 -2.10
N GLU A 260 29.92 13.39 -3.03
CA GLU A 260 30.06 13.07 -4.45
C GLU A 260 31.38 12.37 -4.82
N ASP A 261 32.45 12.69 -4.10
CA ASP A 261 33.73 12.07 -4.43
C ASP A 261 34.03 10.78 -3.66
N ALA A 262 33.07 10.28 -2.88
CA ALA A 262 33.28 9.19 -1.91
C ALA A 262 32.86 7.86 -2.49
N ASP A 263 33.28 6.77 -1.85
CA ASP A 263 32.76 5.43 -2.17
C ASP A 263 32.22 4.70 -0.94
N ARG A 264 31.81 3.45 -1.08
CA ARG A 264 31.12 2.78 0.04
C ARG A 264 32.06 2.41 1.19
N ASP A 265 33.38 2.58 1.00
CA ASP A 265 34.33 2.44 2.13
C ASP A 265 34.54 3.73 2.91
N HIS A 266 33.75 4.75 2.61
CA HIS A 266 33.69 5.94 3.47
C HIS A 266 33.24 5.48 4.85
N PRO A 267 33.80 6.08 5.94
CA PRO A 267 33.47 5.61 7.28
C PRO A 267 31.98 5.78 7.65
N ALA A 268 31.26 6.71 7.03
CA ALA A 268 29.82 6.88 7.36
C ALA A 268 29.11 5.59 7.01
N CYS A 269 29.54 4.99 5.91
CA CYS A 269 28.97 3.78 5.36
C CYS A 269 29.55 2.52 5.99
N ASN A 270 30.87 2.52 6.19
CA ASN A 270 31.62 1.33 6.57
C ASN A 270 32.49 1.73 7.77
N PRO A 271 31.87 1.91 8.95
CA PRO A 271 32.56 2.53 10.11
C PRO A 271 33.77 1.75 10.67
N PHE A 272 33.85 0.46 10.36
CA PHE A 272 34.97 -0.41 10.77
C PHE A 272 35.71 -1.04 9.60
N GLY A 273 35.57 -0.46 8.41
CA GLY A 273 36.27 -0.96 7.21
C GLY A 273 37.66 -0.30 7.08
N PRO A 274 38.22 -0.29 5.86
CA PRO A 274 39.57 0.25 5.59
C PRO A 274 39.80 1.66 6.10
N ASN A 275 38.77 2.52 6.04
CA ASN A 275 38.87 3.90 6.51
C ASN A 275 38.19 4.13 7.86
N GLY A 276 37.94 3.05 8.58
CA GLY A 276 37.19 3.10 9.81
C GLY A 276 37.95 3.59 11.05
N ARG A 277 37.31 3.46 12.19
CA ARG A 277 37.84 3.94 13.45
C ARG A 277 37.35 3.04 14.56
N ARG A 278 38.29 2.41 15.27
CA ARG A 278 37.94 1.54 16.38
C ARG A 278 37.48 2.38 17.57
N LEU A 279 36.66 1.80 18.45
CA LEU A 279 36.00 2.58 19.50
C LEU A 279 36.47 2.20 20.92
N GLY A 280 37.55 1.41 21.01
CA GLY A 280 38.17 1.09 22.30
C GLY A 280 38.32 2.30 23.20
N GLY A 281 38.00 2.12 24.48
CA GLY A 281 38.14 3.18 25.48
C GLY A 281 37.10 4.28 25.58
N LEU A 282 36.14 4.37 24.65
CA LEU A 282 35.14 5.45 24.68
C LEU A 282 34.00 5.05 25.60
N PRO A 283 33.37 6.03 26.29
CA PRO A 283 32.20 5.61 27.07
C PRO A 283 30.98 5.37 26.15
N PHE A 284 31.07 4.36 25.28
CA PHE A 284 30.06 4.07 24.26
C PHE A 284 28.84 3.35 24.86
N ALA A 285 27.66 3.64 24.31
CA ALA A 285 26.39 3.05 24.75
C ALA A 285 26.39 1.53 24.67
N LYS A 286 25.69 0.84 25.57
CA LYS A 286 25.36 -0.59 25.38
C LYS A 286 24.44 -0.66 24.12
N SER A 287 24.47 -1.77 23.38
CA SER A 287 23.75 -1.86 22.11
C SER A 287 22.84 -3.09 22.11
N LEU A 288 21.62 -2.89 21.61
CA LEU A 288 20.71 -3.99 21.27
C LEU A 288 20.64 -3.96 19.76
N ILE A 289 21.08 -5.02 19.11
CA ILE A 289 21.24 -5.02 17.66
C ILE A 289 20.36 -6.09 17.07
N ILE A 290 19.29 -5.63 16.42
CA ILE A 290 18.31 -6.53 15.85
C ILE A 290 18.57 -6.72 14.35
N VAL A 291 18.68 -7.97 13.92
CA VAL A 291 19.13 -8.28 12.56
C VAL A 291 18.15 -9.27 11.92
N SER A 292 17.58 -8.89 10.77
CA SER A 292 16.79 -9.77 9.94
C SER A 292 17.68 -10.69 9.10
N GLY A 293 17.49 -12.00 9.22
CA GLY A 293 18.32 -12.93 8.47
C GLY A 293 18.05 -12.87 6.98
N LEU A 294 16.87 -12.36 6.56
CA LEU A 294 16.58 -12.19 5.15
C LEU A 294 16.80 -10.78 4.63
N ASP A 295 17.53 -9.97 5.41
CA ASP A 295 18.07 -8.69 4.94
C ASP A 295 19.43 -9.00 4.35
N LEU A 296 19.57 -8.75 3.06
CA LEU A 296 20.81 -9.04 2.32
C LEU A 296 22.07 -8.39 2.97
N THR A 297 21.90 -7.37 3.80
CA THR A 297 23.05 -6.80 4.50
C THR A 297 23.28 -7.40 5.88
N CYS A 298 22.64 -8.52 6.21
CA CYS A 298 22.81 -9.07 7.57
C CYS A 298 24.29 -9.30 7.98
N ASP A 299 25.10 -9.78 7.01
CA ASP A 299 26.55 -10.05 7.30
C ASP A 299 27.23 -8.82 7.93
N ARG A 300 26.99 -7.64 7.34
CA ARG A 300 27.62 -6.39 7.80
C ARG A 300 27.16 -5.96 9.17
N GLN A 301 25.87 -6.23 9.47
CA GLN A 301 25.32 -5.88 10.75
C GLN A 301 25.94 -6.75 11.83
N LEU A 302 26.16 -8.01 11.51
CA LEU A 302 26.75 -8.92 12.49
C LEU A 302 28.22 -8.58 12.69
N ALA A 303 28.92 -8.21 11.62
CA ALA A 303 30.35 -7.84 11.72
C ALA A 303 30.46 -6.53 12.47
N TYR A 304 29.50 -5.61 12.26
CA TYR A 304 29.39 -4.40 13.08
C TYR A 304 29.32 -4.73 14.58
N ALA A 305 28.42 -5.66 14.94
CA ALA A 305 28.26 -6.12 16.31
C ALA A 305 29.59 -6.71 16.83
N ASP A 306 30.19 -7.58 16.02
CA ASP A 306 31.47 -8.23 16.33
C ASP A 306 32.56 -7.18 16.66
N ALA A 307 32.65 -6.13 15.84
CA ALA A 307 33.62 -5.05 16.07
C ALA A 307 33.39 -4.29 17.38
N LEU A 308 32.13 -3.97 17.70
CA LEU A 308 31.81 -3.35 18.98
C LEU A 308 32.26 -4.26 20.14
N ARG A 309 31.96 -5.55 20.06
CA ARG A 309 32.36 -6.47 21.12
C ARG A 309 33.88 -6.49 21.27
N GLU A 310 34.56 -6.63 20.13
CA GLU A 310 36.01 -6.54 20.04
C GLU A 310 36.60 -5.28 20.64
N ASP A 311 35.85 -4.18 20.62
CA ASP A 311 36.32 -2.93 21.20
C ASP A 311 35.99 -2.81 22.68
N GLY A 312 35.44 -3.87 23.25
CA GLY A 312 35.15 -3.92 24.68
C GLY A 312 33.78 -3.42 25.09
N HIS A 313 32.89 -3.24 24.12
CA HIS A 313 31.57 -2.68 24.46
C HIS A 313 30.56 -3.79 24.58
N HIS A 314 29.51 -3.54 25.34
CA HIS A 314 28.51 -4.55 25.55
C HIS A 314 27.52 -4.58 24.38
N VAL A 315 27.30 -5.76 23.79
CA VAL A 315 26.38 -5.90 22.67
C VAL A 315 25.44 -7.08 22.92
N LYS A 316 24.15 -6.89 22.66
CA LYS A 316 23.19 -8.00 22.57
C LYS A 316 22.62 -8.04 21.15
N VAL A 317 22.81 -9.17 20.48
CA VAL A 317 22.40 -9.34 19.11
C VAL A 317 21.14 -10.22 19.11
N VAL A 318 20.09 -9.77 18.43
CA VAL A 318 18.89 -10.60 18.24
C VAL A 318 18.82 -10.89 16.77
N GLN A 319 19.10 -12.13 16.39
CA GLN A 319 19.00 -12.54 15.01
C GLN A 319 17.61 -13.09 14.78
N CYS A 320 16.92 -12.52 13.79
CA CYS A 320 15.57 -12.96 13.45
C CYS A 320 15.66 -13.66 12.11
N GLU A 321 15.93 -14.97 12.15
CA GLU A 321 16.34 -15.67 10.94
C GLU A 321 15.31 -15.69 9.82
N ASN A 322 14.04 -15.77 10.18
CA ASN A 322 12.97 -15.80 9.20
C ASN A 322 12.44 -14.43 8.81
N ALA A 323 13.10 -13.37 9.27
CA ALA A 323 12.55 -12.03 9.08
C ALA A 323 13.14 -11.29 7.88
N THR A 324 12.29 -10.54 7.18
CA THR A 324 12.71 -9.70 6.08
C THR A 324 12.84 -8.28 6.66
N VAL A 325 13.26 -7.31 5.85
CA VAL A 325 13.21 -5.92 6.25
C VAL A 325 11.77 -5.58 6.64
N GLY A 326 11.61 -4.58 7.51
CA GLY A 326 10.31 -4.12 7.95
C GLY A 326 9.42 -4.96 8.85
N PHE A 327 9.91 -6.13 9.29
CA PHE A 327 9.05 -7.03 10.07
C PHE A 327 8.54 -6.41 11.35
N TYR A 328 9.29 -5.44 11.89
CA TYR A 328 8.91 -4.76 13.13
C TYR A 328 7.75 -3.78 12.89
N LEU A 329 7.28 -3.67 11.65
CA LEU A 329 6.22 -2.73 11.28
C LEU A 329 4.78 -3.28 11.36
N LEU A 330 4.67 -4.62 11.37
CA LEU A 330 3.40 -5.33 11.39
C LEU A 330 3.45 -6.36 12.50
N PRO A 331 2.42 -6.38 13.38
CA PRO A 331 2.44 -7.29 14.52
C PRO A 331 1.95 -8.68 14.12
N ASN A 332 2.66 -9.32 13.21
CA ASN A 332 2.13 -10.50 12.56
C ASN A 332 3.15 -11.62 12.43
N THR A 333 4.20 -11.61 13.26
CA THR A 333 5.14 -12.75 13.24
C THR A 333 5.64 -12.93 14.66
N VAL A 334 6.19 -14.11 14.93
CA VAL A 334 6.84 -14.37 16.21
C VAL A 334 7.97 -13.36 16.40
N HIS A 335 8.72 -13.07 15.33
CA HIS A 335 9.88 -12.18 15.41
C HIS A 335 9.46 -10.80 15.90
N TYR A 336 8.32 -10.31 15.42
CA TYR A 336 7.79 -9.06 15.91
C TYR A 336 7.61 -9.02 17.43
N HIS A 337 6.93 -10.03 17.98
CA HIS A 337 6.68 -10.13 19.40
C HIS A 337 7.96 -10.31 20.21
N GLU A 338 8.82 -11.16 19.70
CA GLU A 338 10.12 -11.41 20.32
C GLU A 338 10.91 -10.10 20.49
N VAL A 339 10.95 -9.33 19.41
CA VAL A 339 11.76 -8.12 19.37
C VAL A 339 11.15 -7.05 20.26
N MET A 340 9.81 -6.91 20.28
CA MET A 340 9.23 -5.92 21.20
C MET A 340 9.59 -6.29 22.65
N GLU A 341 9.64 -7.60 22.96
CA GLU A 341 10.01 -8.02 24.31
C GLU A 341 11.47 -7.73 24.60
N GLU A 342 12.35 -8.05 23.64
CA GLU A 342 13.79 -7.75 23.84
C GLU A 342 13.98 -6.27 24.04
N ILE A 343 13.24 -5.46 23.29
CA ILE A 343 13.35 -3.97 23.46
C ILE A 343 12.96 -3.55 24.85
N SER A 344 11.82 -4.05 25.29
CA SER A 344 11.37 -3.78 26.66
C SER A 344 12.40 -4.22 27.72
N ASP A 345 12.95 -5.43 27.60
CA ASP A 345 13.90 -5.94 28.57
C ASP A 345 15.17 -5.05 28.61
N PHE A 346 15.63 -4.66 27.42
CA PHE A 346 16.85 -3.86 27.27
C PHE A 346 16.66 -2.49 27.90
N LEU A 347 15.55 -1.85 27.60
CA LEU A 347 15.21 -0.58 28.25
C LEU A 347 15.17 -0.69 29.78
N ASN A 348 14.44 -1.69 30.28
CA ASN A 348 14.33 -1.91 31.72
C ASN A 348 15.69 -2.14 32.37
N ALA A 349 16.51 -2.96 31.72
CA ALA A 349 17.81 -3.32 32.24
C ALA A 349 18.78 -2.14 32.31
N ASN A 350 18.57 -1.14 31.45
CA ASN A 350 19.55 -0.07 31.24
C ASN A 350 19.13 1.32 31.70
N LEU A 351 18.01 1.37 32.41
CA LEU A 351 17.44 2.60 32.91
C LEU A 351 18.07 3.09 34.23
N TYR A 352 18.36 2.16 35.14
CA TYR A 352 18.78 2.50 36.52
C TYR A 352 20.27 2.35 36.75
N THR B 13 -0.02 -13.65 -14.50
CA THR B 13 -0.43 -12.24 -14.82
C THR B 13 -1.95 -12.01 -14.72
N VAL B 14 -2.55 -11.60 -15.85
CA VAL B 14 -3.91 -11.02 -15.89
C VAL B 14 -3.90 -9.64 -15.17
N VAL B 15 -3.71 -9.66 -13.85
CA VAL B 15 -3.63 -8.41 -13.09
C VAL B 15 -2.18 -7.90 -13.04
N PRO B 16 -1.92 -6.65 -13.47
CA PRO B 16 -0.59 -6.04 -13.35
C PRO B 16 -0.14 -6.13 -11.89
N LEU B 17 1.13 -6.38 -11.67
CA LEU B 17 1.62 -6.58 -10.33
C LEU B 17 1.31 -5.38 -9.41
N HIS B 18 1.51 -4.15 -9.86
CA HIS B 18 1.33 -2.99 -8.95
C HIS B 18 -0.15 -2.84 -8.56
N THR B 19 -1.04 -3.11 -9.50
CA THR B 19 -2.50 -3.18 -9.16
C THR B 19 -2.80 -4.22 -8.12
N TRP B 20 -2.29 -5.45 -8.33
CA TRP B 20 -2.55 -6.54 -7.41
C TRP B 20 -2.05 -6.10 -6.02
N VAL B 21 -0.85 -5.53 -5.97
CA VAL B 21 -0.28 -5.13 -4.71
C VAL B 21 -1.08 -4.00 -4.03
N LEU B 22 -1.44 -2.99 -4.81
CA LEU B 22 -2.13 -1.83 -4.20
C LEU B 22 -3.55 -2.23 -3.76
N ILE B 23 -4.30 -2.91 -4.62
CA ILE B 23 -5.67 -3.28 -4.18
C ILE B 23 -5.66 -4.35 -3.10
N SER B 24 -4.72 -5.31 -3.14
CA SER B 24 -4.59 -6.23 -2.00
C SER B 24 -4.34 -5.53 -0.70
N ASN B 25 -3.57 -4.45 -0.73
CA ASN B 25 -3.30 -3.71 0.52
C ASN B 25 -4.58 -3.18 1.13
N PHE B 26 -5.40 -2.55 0.29
CA PHE B 26 -6.75 -2.18 0.74
C PHE B 26 -7.54 -3.38 1.20
N LYS B 27 -7.62 -4.46 0.41
CA LYS B 27 -8.43 -5.62 0.80
C LYS B 27 -8.06 -6.15 2.22
N LEU B 28 -6.77 -6.34 2.43
CA LEU B 28 -6.31 -6.85 3.71
C LEU B 28 -6.53 -5.90 4.87
N SER B 29 -6.30 -4.60 4.67
CA SER B 29 -6.62 -3.59 5.71
C SER B 29 -8.11 -3.61 6.06
N TYR B 30 -8.93 -3.60 5.03
CA TYR B 30 -10.39 -3.53 5.24
C TYR B 30 -10.94 -4.80 5.89
N ASN B 31 -10.33 -5.96 5.67
CA ASN B 31 -10.71 -7.17 6.42
C ASN B 31 -10.65 -6.91 7.93
N ILE B 32 -9.69 -6.12 8.37
CA ILE B 32 -9.43 -5.87 9.81
C ILE B 32 -10.45 -4.85 10.36
N LEU B 33 -10.93 -3.95 9.50
CA LEU B 33 -11.77 -2.84 9.94
C LEU B 33 -13.28 -3.12 10.06
N ARG B 34 -13.78 -4.05 9.24
CA ARG B 34 -15.16 -4.53 9.36
C ARG B 34 -15.36 -5.43 10.59
N ARG B 35 -16.31 -5.07 11.46
CA ARG B 35 -16.65 -5.98 12.57
C ARG B 35 -17.84 -6.83 12.20
N ALA B 36 -17.87 -8.05 12.73
CA ALA B 36 -18.93 -9.02 12.44
C ALA B 36 -20.31 -8.53 12.87
N ASP B 37 -20.35 -7.64 13.85
CA ASP B 37 -21.65 -7.15 14.32
C ASP B 37 -22.19 -6.00 13.47
N GLY B 38 -21.51 -5.68 12.37
CA GLY B 38 -21.99 -4.65 11.44
C GLY B 38 -21.52 -3.28 11.87
N THR B 39 -20.70 -3.21 12.94
CA THR B 39 -20.07 -1.90 13.27
C THR B 39 -18.63 -1.79 12.65
N PHE B 40 -18.02 -0.63 12.78
CA PHE B 40 -16.77 -0.34 12.04
C PHE B 40 -15.63 0.20 12.90
N GLU B 41 -14.40 -0.24 12.62
CA GLU B 41 -13.22 0.29 13.30
C GLU B 41 -12.87 1.66 12.72
N ARG B 42 -13.73 2.66 12.95
CA ARG B 42 -13.61 4.01 12.37
C ARG B 42 -12.31 4.72 12.73
N ASP B 43 -11.95 4.72 13.99
CA ASP B 43 -10.77 5.48 14.38
C ASP B 43 -9.50 4.88 13.78
N LEU B 44 -9.45 3.56 13.74
CA LEU B 44 -8.29 2.87 13.12
C LEU B 44 -8.29 3.09 11.59
N GLY B 45 -9.46 3.01 10.98
CA GLY B 45 -9.59 3.31 9.55
C GLY B 45 -9.10 4.69 9.19
N GLU B 46 -9.52 5.69 9.97
CA GLU B 46 -9.11 7.06 9.78
C GLU B 46 -7.60 7.19 9.92
N TYR B 47 -7.06 6.50 10.91
CA TYR B 47 -5.59 6.54 11.13
C TYR B 47 -4.79 5.86 10.00
N LEU B 48 -5.34 4.82 9.43
CA LEU B 48 -4.63 4.05 8.43
C LEU B 48 -4.79 4.53 6.99
N ASP B 49 -5.77 5.40 6.75
CA ASP B 49 -6.01 5.84 5.38
C ASP B 49 -4.83 6.66 4.83
N ARG B 50 -4.52 6.47 3.56
CA ARG B 50 -3.55 7.34 2.95
C ARG B 50 -4.21 8.57 2.38
N ARG B 51 -3.82 9.73 2.91
CA ARG B 51 -4.44 11.03 2.58
C ARG B 51 -3.41 12.12 2.29
N VAL B 52 -3.84 13.12 1.52
CA VAL B 52 -3.05 14.35 1.28
C VAL B 52 -3.88 15.59 1.61
N PRO B 53 -3.23 16.68 2.10
CA PRO B 53 -3.96 17.94 2.29
C PRO B 53 -4.23 18.63 0.96
N ALA B 54 -5.11 19.63 1.01
CA ALA B 54 -5.29 20.52 -0.12
C ALA B 54 -4.07 21.44 -0.20
N ASN B 55 -3.77 21.96 -1.38
CA ASN B 55 -2.64 22.86 -1.53
C ASN B 55 -2.89 23.84 -2.67
N ALA B 56 -2.85 25.14 -2.34
CA ALA B 56 -2.96 26.21 -3.34
C ALA B 56 -1.79 26.26 -4.34
N ARG B 57 -0.58 25.92 -3.90
CA ARG B 57 0.55 25.84 -4.82
C ARG B 57 0.36 24.65 -5.76
N PRO B 58 0.42 24.88 -7.08
CA PRO B 58 0.18 23.83 -8.08
C PRO B 58 1.17 22.68 -8.02
N LEU B 59 0.66 21.47 -8.21
CA LEU B 59 1.48 20.27 -8.45
C LEU B 59 1.11 19.84 -9.85
N GLU B 60 2.11 19.62 -10.70
CA GLU B 60 1.88 19.35 -12.12
C GLU B 60 0.69 20.11 -12.69
N GLY B 61 0.58 21.39 -12.34
CA GLY B 61 -0.41 22.28 -12.95
C GLY B 61 -1.78 22.41 -12.30
N VAL B 62 -2.02 21.62 -11.26
CA VAL B 62 -3.33 21.62 -10.60
C VAL B 62 -3.14 22.07 -9.16
N SER B 63 -4.08 22.91 -8.70
CA SER B 63 -4.22 23.34 -7.31
C SER B 63 -5.52 22.80 -6.71
N SER B 64 -5.64 22.80 -5.38
CA SER B 64 -6.83 22.31 -4.66
C SER B 64 -7.09 23.09 -3.38
N PHE B 65 -8.35 23.13 -2.96
CA PHE B 65 -8.80 23.87 -1.79
C PHE B 65 -9.92 23.14 -1.13
N ASP B 66 -9.85 23.02 0.21
CA ASP B 66 -10.95 22.48 1.02
C ASP B 66 -11.89 23.59 1.47
N HIS B 67 -13.18 23.28 1.46
CA HIS B 67 -14.22 24.28 1.71
C HIS B 67 -15.45 23.62 2.30
N ILE B 68 -15.91 24.15 3.42
CA ILE B 68 -17.13 23.66 4.07
C ILE B 68 -18.32 24.32 3.38
N ILE B 69 -19.33 23.51 3.07
CA ILE B 69 -20.51 23.99 2.36
C ILE B 69 -21.82 23.74 3.12
N ASP B 70 -21.73 23.12 4.30
CA ASP B 70 -22.89 22.89 5.17
C ASP B 70 -22.51 22.53 6.61
N GLN B 71 -22.66 23.51 7.51
CA GLN B 71 -22.25 23.37 8.92
C GLN B 71 -23.18 22.46 9.73
N SER B 72 -24.48 22.54 9.46
CA SER B 72 -25.43 21.58 10.05
C SER B 72 -24.89 20.13 10.09
N VAL B 73 -24.21 19.69 9.02
CA VAL B 73 -23.66 18.33 8.97
C VAL B 73 -22.11 18.25 8.82
N GLY B 74 -21.45 19.41 8.81
CA GLY B 74 -19.99 19.51 8.65
C GLY B 74 -19.50 19.10 7.27
N LEU B 75 -20.31 19.32 6.24
CA LEU B 75 -20.00 18.84 4.89
C LEU B 75 -18.93 19.66 4.15
N GLU B 76 -17.86 18.97 3.76
CA GLU B 76 -16.73 19.62 3.11
C GLU B 76 -16.57 19.10 1.67
N VAL B 77 -16.01 19.94 0.80
CA VAL B 77 -15.60 19.52 -0.53
C VAL B 77 -14.17 19.95 -0.75
N ARG B 78 -13.53 19.30 -1.71
CA ARG B 78 -12.23 19.70 -2.17
C ARG B 78 -12.38 20.10 -3.62
N ILE B 79 -12.03 21.36 -3.89
CA ILE B 79 -12.11 21.90 -5.24
C ILE B 79 -10.76 21.86 -5.92
N TYR B 80 -10.71 21.30 -7.13
CA TYR B 80 -9.50 21.23 -7.95
C TYR B 80 -9.65 22.07 -9.22
N ARG B 81 -8.57 22.76 -9.59
CA ARG B 81 -8.53 23.59 -10.79
C ARG B 81 -7.09 23.82 -11.29
N ALA B 82 -6.98 24.15 -12.57
CA ALA B 82 -5.69 24.44 -13.18
C ALA B 82 -5.24 25.80 -12.67
N ALA B 83 -3.99 25.88 -12.21
CA ALA B 83 -3.43 27.12 -11.68
C ALA B 83 -1.91 27.08 -11.70
N PHE B 102 -11.69 33.51 -5.18
CA PHE B 102 -11.87 32.95 -6.52
C PHE B 102 -13.29 32.42 -6.73
N LEU B 103 -13.92 31.95 -5.65
CA LEU B 103 -15.29 31.39 -5.72
C LEU B 103 -16.34 32.45 -6.10
N THR B 104 -15.94 33.72 -6.01
CA THR B 104 -16.78 34.87 -6.36
C THR B 104 -16.41 35.47 -7.73
N ASP B 105 -15.57 34.77 -8.50
CA ASP B 105 -15.16 35.24 -9.83
C ASP B 105 -16.29 35.25 -10.85
N ALA B 106 -16.02 35.89 -11.99
CA ALA B 106 -17.00 36.05 -13.06
C ALA B 106 -17.02 34.84 -14.01
N PRO B 107 -18.22 34.29 -14.26
CA PRO B 107 -18.45 33.22 -15.24
C PRO B 107 -17.57 33.32 -16.48
N ALA B 108 -16.93 32.20 -16.86
CA ALA B 108 -16.09 32.15 -18.06
C ALA B 108 -16.89 32.32 -19.34
N ALA B 109 -16.29 32.98 -20.33
CA ALA B 109 -16.90 33.16 -21.63
C ALA B 109 -16.97 31.83 -22.38
N GLU B 110 -15.84 31.12 -22.37
CA GLU B 110 -15.76 29.76 -22.91
C GLU B 110 -16.31 28.73 -21.90
N PRO B 111 -17.23 27.86 -22.35
CA PRO B 111 -17.77 26.81 -21.46
C PRO B 111 -16.66 25.91 -20.90
N PHE B 112 -16.79 25.50 -19.64
CA PHE B 112 -15.91 24.46 -19.07
C PHE B 112 -16.73 23.54 -18.17
N PRO B 113 -16.37 22.25 -18.12
CA PRO B 113 -17.13 21.35 -17.29
C PRO B 113 -16.77 21.46 -15.80
N VAL B 114 -17.78 21.27 -14.95
CA VAL B 114 -17.61 21.14 -13.51
C VAL B 114 -17.95 19.69 -13.20
N ILE B 115 -16.96 18.93 -12.72
CA ILE B 115 -17.20 17.51 -12.38
C ILE B 115 -17.41 17.41 -10.86
N ILE B 116 -18.62 17.05 -10.46
CA ILE B 116 -18.88 16.73 -9.06
C ILE B 116 -18.53 15.23 -8.90
N PHE B 117 -17.48 14.96 -8.12
CA PHE B 117 -16.98 13.60 -7.91
C PHE B 117 -17.32 13.09 -6.51
N PHE B 118 -17.80 11.85 -6.42
CA PHE B 118 -18.07 11.18 -5.17
C PHE B 118 -17.13 9.97 -5.11
N HIS B 119 -16.23 9.97 -4.12
CA HIS B 119 -15.30 8.83 -3.98
C HIS B 119 -16.00 7.48 -3.72
N GLY B 120 -15.31 6.38 -4.06
CA GLY B 120 -15.78 5.05 -3.77
C GLY B 120 -15.38 4.64 -2.36
N GLY B 121 -15.32 3.34 -2.10
CA GLY B 121 -15.13 2.87 -0.71
C GLY B 121 -16.36 2.19 -0.12
N SER B 122 -17.28 1.81 -0.99
CA SER B 122 -18.45 0.99 -0.59
C SER B 122 -19.34 1.62 0.50
N PHE B 123 -19.43 2.95 0.49
CA PHE B 123 -20.20 3.80 1.44
C PHE B 123 -19.52 4.01 2.81
N VAL B 124 -18.45 3.26 3.08
CA VAL B 124 -17.87 3.16 4.47
C VAL B 124 -16.45 3.80 4.51
N HIS B 125 -15.65 3.54 3.46
CA HIS B 125 -14.23 3.94 3.44
C HIS B 125 -13.96 5.19 2.65
N SER B 126 -12.74 5.72 2.84
CA SER B 126 -12.10 6.74 2.02
C SER B 126 -12.70 8.15 2.22
N SER B 127 -12.12 9.11 1.53
CA SER B 127 -12.36 10.51 1.81
C SER B 127 -12.02 11.31 0.56
N ALA B 128 -12.51 12.54 0.47
CA ALA B 128 -12.05 13.40 -0.59
C ALA B 128 -10.54 13.64 -0.50
N SER B 129 -9.99 13.51 0.71
CA SER B 129 -8.55 13.68 0.89
C SER B 129 -7.73 12.41 0.64
N SER B 130 -8.39 11.27 0.42
CA SER B 130 -7.68 10.00 0.12
C SER B 130 -6.84 10.16 -1.11
N THR B 131 -5.55 9.77 -1.02
CA THR B 131 -4.62 10.05 -2.10
C THR B 131 -5.04 9.42 -3.46
N ILE B 132 -5.59 8.22 -3.43
CA ILE B 132 -6.06 7.62 -4.69
C ILE B 132 -7.10 8.51 -5.38
N TYR B 133 -7.91 9.17 -4.58
CA TYR B 133 -9.02 10.01 -5.16
C TYR B 133 -8.56 11.43 -5.41
N ASP B 134 -7.62 11.90 -4.60
CA ASP B 134 -6.96 13.20 -4.86
C ASP B 134 -6.25 13.16 -6.21
N SER B 135 -5.54 12.07 -6.46
CA SER B 135 -4.84 11.86 -7.69
C SER B 135 -5.80 11.74 -8.90
N LEU B 136 -6.85 10.97 -8.74
CA LEU B 136 -7.82 10.77 -9.81
C LEU B 136 -8.44 12.12 -10.19
N CYS B 137 -8.81 12.89 -9.19
CA CYS B 137 -9.44 14.22 -9.44
C CYS B 137 -8.50 15.19 -10.15
N ARG B 138 -7.20 15.12 -9.82
CA ARG B 138 -6.17 15.88 -10.49
C ARG B 138 -6.09 15.47 -11.95
N ARG B 139 -6.13 14.16 -12.22
CA ARG B 139 -6.18 13.67 -13.60
C ARG B 139 -7.45 14.17 -14.33
N PHE B 140 -8.57 14.15 -13.63
CA PHE B 140 -9.82 14.68 -14.22
C PHE B 140 -9.70 16.17 -14.63
N VAL B 141 -9.17 17.03 -13.75
CA VAL B 141 -8.87 18.42 -14.18
C VAL B 141 -8.04 18.51 -15.47
N LYS B 142 -6.91 17.79 -15.55
CA LYS B 142 -6.03 17.86 -16.74
C LYS B 142 -6.76 17.40 -18.00
N LEU B 143 -7.47 16.29 -17.87
CA LEU B 143 -8.34 15.74 -18.90
C LEU B 143 -9.42 16.71 -19.42
N SER B 144 -10.17 17.29 -18.48
CA SER B 144 -11.37 18.03 -18.75
C SER B 144 -11.17 19.54 -19.03
N LYS B 145 -9.99 20.08 -18.70
CA LYS B 145 -9.78 21.55 -18.60
C LYS B 145 -10.94 22.23 -17.84
N GLY B 146 -11.39 21.58 -16.78
CA GLY B 146 -12.52 22.08 -16.02
C GLY B 146 -12.21 22.15 -14.55
N VAL B 147 -13.27 22.08 -13.75
CA VAL B 147 -13.19 22.18 -12.32
C VAL B 147 -13.72 20.88 -11.73
N VAL B 148 -12.99 20.34 -10.74
CA VAL B 148 -13.49 19.15 -10.04
C VAL B 148 -13.85 19.52 -8.61
N VAL B 149 -15.05 19.12 -8.19
CA VAL B 149 -15.53 19.29 -6.83
C VAL B 149 -15.74 17.92 -6.19
N SER B 150 -14.82 17.56 -5.30
CA SER B 150 -14.87 16.22 -4.70
C SER B 150 -15.55 16.33 -3.34
N VAL B 151 -16.62 15.55 -3.21
CA VAL B 151 -17.49 15.66 -2.06
C VAL B 151 -17.17 14.68 -0.94
N ASN B 152 -16.92 15.25 0.23
CA ASN B 152 -16.60 14.46 1.41
C ASN B 152 -17.87 14.04 2.13
N TYR B 153 -18.63 13.16 1.49
CA TYR B 153 -19.92 12.72 1.99
C TYR B 153 -19.87 11.91 3.29
N ARG B 154 -20.94 11.97 4.07
CA ARG B 154 -21.05 11.22 5.30
C ARG B 154 -21.13 9.73 5.04
N ARG B 155 -20.41 8.96 5.85
CA ARG B 155 -20.24 7.54 5.60
C ARG B 155 -21.01 6.64 6.55
N ALA B 156 -21.39 5.47 6.05
CA ALA B 156 -21.90 4.38 6.84
C ALA B 156 -20.74 3.63 7.57
N PRO B 157 -21.05 2.81 8.60
CA PRO B 157 -22.38 2.57 9.17
C PRO B 157 -22.88 3.65 10.12
N GLU B 158 -22.07 4.67 10.44
CA GLU B 158 -22.46 5.73 11.39
C GLU B 158 -23.56 6.61 10.80
N HIS B 159 -23.46 6.88 9.50
CA HIS B 159 -24.52 7.58 8.76
C HIS B 159 -25.13 6.67 7.71
N ARG B 160 -26.35 6.20 7.93
CA ARG B 160 -27.00 5.29 6.98
C ARG B 160 -27.76 6.04 5.87
N TYR B 161 -28.30 5.30 4.90
CA TYR B 161 -29.23 5.86 3.92
C TYR B 161 -30.19 6.83 4.65
N PRO B 162 -30.46 8.02 4.08
CA PRO B 162 -30.00 8.62 2.82
C PRO B 162 -28.93 9.69 2.97
N CYS B 163 -28.20 9.73 4.08
CA CYS B 163 -27.25 10.85 4.31
C CYS B 163 -26.31 11.13 3.16
N ALA B 164 -25.70 10.09 2.58
CA ALA B 164 -24.77 10.32 1.47
C ALA B 164 -25.47 11.00 0.29
N TYR B 165 -26.67 10.53 -0.06
CA TYR B 165 -27.47 11.15 -1.14
C TYR B 165 -27.81 12.60 -0.81
N ASP B 166 -28.23 12.84 0.43
CA ASP B 166 -28.48 14.21 0.89
C ASP B 166 -27.28 15.12 0.68
N ASP B 167 -26.07 14.63 1.01
CA ASP B 167 -24.85 15.42 0.85
C ASP B 167 -24.55 15.69 -0.60
N GLY B 168 -24.84 14.71 -1.45
CA GLY B 168 -24.63 14.92 -2.88
C GLY B 168 -25.59 15.99 -3.45
N TRP B 169 -26.82 15.99 -2.94
CA TRP B 169 -27.79 17.02 -3.36
C TRP B 169 -27.32 18.39 -2.87
N THR B 170 -26.94 18.47 -1.59
CA THR B 170 -26.37 19.70 -1.05
C THR B 170 -25.22 20.22 -1.90
N ALA B 171 -24.39 19.30 -2.40
CA ALA B 171 -23.22 19.68 -3.17
C ALA B 171 -23.60 20.19 -4.56
N LEU B 172 -24.57 19.51 -5.18
CA LEU B 172 -25.06 19.95 -6.48
C LEU B 172 -25.61 21.38 -6.38
N LYS B 173 -26.56 21.58 -5.46
CA LYS B 173 -27.18 22.89 -5.26
C LYS B 173 -26.14 23.93 -4.96
N TRP B 174 -25.19 23.59 -4.09
CA TRP B 174 -24.09 24.52 -3.83
C TRP B 174 -23.30 24.88 -5.08
N VAL B 175 -22.95 23.89 -5.92
CA VAL B 175 -22.25 24.19 -7.17
C VAL B 175 -23.19 25.05 -8.05
N MET B 176 -24.47 24.68 -8.13
CA MET B 176 -25.48 25.43 -8.92
C MET B 176 -25.50 26.90 -8.51
N SER B 177 -25.47 27.14 -7.19
CA SER B 177 -25.54 28.50 -6.65
C SER B 177 -24.21 29.28 -6.63
N GLN B 178 -23.26 28.97 -7.51
CA GLN B 178 -21.93 29.62 -7.49
C GLN B 178 -21.55 30.31 -8.80
N PRO B 179 -21.41 31.65 -8.77
CA PRO B 179 -20.90 32.42 -9.90
C PRO B 179 -19.72 31.77 -10.65
N PHE B 180 -18.62 31.49 -9.95
CA PHE B 180 -17.39 30.96 -10.59
C PHE B 180 -17.59 29.65 -11.37
N MET B 181 -18.57 28.84 -10.96
CA MET B 181 -18.82 27.53 -11.58
C MET B 181 -19.56 27.66 -12.92
N ARG B 182 -20.16 28.85 -13.13
CA ARG B 182 -20.96 29.12 -14.31
C ARG B 182 -20.09 29.55 -15.49
N SER B 183 -20.48 29.15 -16.70
CA SER B 183 -19.69 29.48 -17.89
C SER B 183 -20.55 29.72 -19.16
N ALA B 187 -25.42 31.41 -19.51
CA ALA B 187 -24.18 31.25 -18.76
C ALA B 187 -24.42 30.52 -17.42
N GLN B 188 -24.52 29.19 -17.49
CA GLN B 188 -24.81 28.35 -16.31
C GLN B 188 -23.70 27.34 -16.05
N ALA B 189 -23.75 26.70 -14.89
CA ALA B 189 -22.71 25.73 -14.50
C ALA B 189 -22.96 24.43 -15.24
N ARG B 190 -22.03 24.03 -16.11
CA ARG B 190 -22.13 22.79 -16.85
C ARG B 190 -21.62 21.62 -16.01
N VAL B 191 -22.55 21.03 -15.26
CA VAL B 191 -22.24 20.05 -14.21
C VAL B 191 -22.32 18.61 -14.72
N PHE B 192 -21.27 17.83 -14.40
CA PHE B 192 -21.27 16.38 -14.59
C PHE B 192 -21.21 15.75 -13.19
N LEU B 193 -21.97 14.69 -12.99
CA LEU B 193 -21.94 13.96 -11.73
C LEU B 193 -21.19 12.67 -11.99
N SER B 194 -20.29 12.31 -11.08
CA SER B 194 -19.32 11.24 -11.33
C SER B 194 -19.01 10.52 -10.02
N GLY B 195 -18.74 9.23 -10.09
CA GLY B 195 -18.28 8.54 -8.90
C GLY B 195 -17.90 7.14 -9.27
N ASP B 196 -17.01 6.53 -8.45
CA ASP B 196 -16.76 5.08 -8.56
C ASP B 196 -17.37 4.32 -7.41
N SER B 197 -17.71 3.05 -7.61
CA SER B 197 -18.15 2.25 -6.47
C SER B 197 -19.39 2.96 -5.89
N SER B 198 -19.45 3.07 -4.57
CA SER B 198 -20.56 3.73 -3.91
C SER B 198 -20.81 5.16 -4.45
N GLY B 199 -19.75 5.82 -4.91
CA GLY B 199 -19.83 7.19 -5.43
C GLY B 199 -20.61 7.22 -6.74
N GLY B 200 -20.52 6.12 -7.47
CA GLY B 200 -21.26 5.95 -8.75
C GLY B 200 -22.75 5.78 -8.44
N ASN B 201 -23.07 4.99 -7.43
CA ASN B 201 -24.43 4.90 -6.87
C ASN B 201 -24.97 6.26 -6.44
N ILE B 202 -24.20 7.02 -5.65
CA ILE B 202 -24.61 8.35 -5.22
C ILE B 202 -24.88 9.24 -6.43
N ALA B 203 -23.94 9.25 -7.40
CA ALA B 203 -24.10 10.02 -8.63
C ALA B 203 -25.45 9.73 -9.31
N HIS B 204 -25.79 8.44 -9.44
CA HIS B 204 -27.09 8.03 -9.99
C HIS B 204 -28.25 8.69 -9.24
N HIS B 205 -28.31 8.48 -7.92
CA HIS B 205 -29.38 9.06 -7.12
C HIS B 205 -29.45 10.59 -7.12
N VAL B 206 -28.32 11.30 -7.09
CA VAL B 206 -28.35 12.76 -7.18
C VAL B 206 -28.87 13.21 -8.57
N ALA B 207 -28.55 12.41 -9.58
CA ALA B 207 -28.96 12.71 -10.95
C ALA B 207 -30.50 12.57 -11.11
N VAL B 208 -31.07 11.53 -10.51
CA VAL B 208 -32.51 11.30 -10.50
C VAL B 208 -33.24 12.47 -9.80
N ARG B 209 -32.72 12.86 -8.64
CA ARG B 209 -33.30 13.97 -7.90
C ARG B 209 -33.26 15.28 -8.73
N ALA B 210 -32.12 15.55 -9.38
CA ALA B 210 -31.97 16.70 -10.26
C ALA B 210 -33.01 16.69 -11.37
N ALA B 211 -33.23 15.49 -11.94
CA ALA B 211 -34.18 15.29 -13.02
C ALA B 211 -35.62 15.59 -12.53
N ASP B 212 -35.97 15.05 -11.36
CA ASP B 212 -37.27 15.32 -10.75
C ASP B 212 -37.47 16.79 -10.38
N GLU B 213 -36.39 17.52 -10.17
CA GLU B 213 -36.52 18.89 -9.72
C GLU B 213 -36.09 19.91 -10.77
N GLY B 214 -36.04 19.48 -12.02
CA GLY B 214 -35.67 20.35 -13.15
C GLY B 214 -34.32 21.02 -13.04
N VAL B 215 -33.33 20.29 -12.50
CA VAL B 215 -31.95 20.75 -12.51
C VAL B 215 -31.21 19.99 -13.61
N LYS B 216 -30.57 20.75 -14.50
CA LYS B 216 -29.89 20.22 -15.68
C LYS B 216 -28.48 19.73 -15.35
N VAL B 217 -28.23 18.47 -15.67
CA VAL B 217 -26.91 17.84 -15.49
C VAL B 217 -26.49 17.35 -16.86
N CYS B 218 -25.35 17.86 -17.34
CA CYS B 218 -24.83 17.55 -18.67
C CYS B 218 -24.48 16.08 -18.88
N GLY B 219 -24.24 15.33 -17.81
CA GLY B 219 -23.96 13.91 -17.97
C GLY B 219 -23.48 13.29 -16.68
N ASN B 220 -23.60 11.96 -16.62
CA ASN B 220 -23.11 11.14 -15.50
C ASN B 220 -21.94 10.27 -15.96
N ILE B 221 -20.93 10.14 -15.09
CA ILE B 221 -19.76 9.31 -15.41
C ILE B 221 -19.64 8.31 -14.25
N LEU B 222 -19.97 7.04 -14.52
CA LEU B 222 -20.01 6.04 -13.47
C LEU B 222 -18.90 5.04 -13.71
N LEU B 223 -18.07 4.85 -12.67
CA LEU B 223 -16.95 3.91 -12.73
C LEU B 223 -17.22 2.78 -11.78
N ASN B 224 -17.55 1.60 -12.32
CA ASN B 224 -17.89 0.47 -11.48
C ASN B 224 -18.91 0.83 -10.40
N ALA B 225 -19.99 1.51 -10.83
CA ALA B 225 -21.04 1.94 -9.90
C ALA B 225 -21.56 0.80 -9.09
N MET B 226 -21.84 1.07 -7.82
CA MET B 226 -22.21 0.02 -6.89
C MET B 226 -23.74 -0.16 -6.77
N PHE B 227 -24.23 -1.32 -7.18
CA PHE B 227 -25.63 -1.70 -7.10
C PHE B 227 -25.70 -3.12 -6.62
N GLY B 228 -26.84 -3.50 -6.05
CA GLY B 228 -27.02 -4.89 -5.64
C GLY B 228 -28.48 -5.33 -5.72
N GLY B 229 -28.78 -6.41 -5.02
CA GLY B 229 -30.14 -6.98 -4.99
C GLY B 229 -30.12 -8.23 -4.13
N THR B 230 -31.31 -8.70 -3.79
CA THR B 230 -31.44 -9.88 -2.94
C THR B 230 -30.93 -11.17 -3.57
N GLU B 231 -31.17 -11.37 -4.86
CA GLU B 231 -30.69 -12.58 -5.54
C GLU B 231 -29.26 -12.38 -6.10
N ARG B 232 -28.50 -13.47 -6.23
CA ARG B 232 -27.19 -13.39 -6.87
C ARG B 232 -27.29 -13.39 -8.38
N THR B 233 -26.42 -12.65 -9.04
CA THR B 233 -26.34 -12.73 -10.48
C THR B 233 -25.28 -13.75 -10.80
N GLU B 234 -25.18 -14.09 -12.08
CA GLU B 234 -24.19 -15.03 -12.55
C GLU B 234 -22.76 -14.55 -12.28
N SER B 235 -22.48 -13.29 -12.59
CA SER B 235 -21.12 -12.76 -12.41
C SER B 235 -20.67 -12.78 -10.94
N GLU B 236 -21.62 -12.53 -10.03
CA GLU B 236 -21.36 -12.61 -8.59
C GLU B 236 -20.91 -13.98 -8.09
N ARG B 237 -21.60 -15.04 -8.52
CA ARG B 237 -21.24 -16.39 -8.11
C ARG B 237 -19.92 -16.80 -8.75
N ARG B 238 -19.77 -16.45 -10.02
CA ARG B 238 -18.57 -16.75 -10.78
C ARG B 238 -17.29 -16.05 -10.28
N LEU B 239 -17.38 -14.74 -10.05
CA LEU B 239 -16.18 -13.93 -9.73
C LEU B 239 -15.89 -13.75 -8.24
N ASP B 240 -16.79 -14.26 -7.39
CA ASP B 240 -16.68 -14.13 -5.94
C ASP B 240 -15.32 -14.58 -5.47
N GLY B 241 -14.60 -13.66 -4.84
CA GLY B 241 -13.32 -13.99 -4.23
C GLY B 241 -12.14 -14.07 -5.18
N LYS B 242 -12.36 -13.93 -6.48
CA LYS B 242 -11.29 -14.13 -7.47
C LYS B 242 -10.45 -12.87 -7.69
N TYR B 243 -11.09 -11.71 -7.57
CA TYR B 243 -10.42 -10.47 -7.87
C TYR B 243 -10.72 -9.43 -6.81
N PHE B 244 -10.21 -9.70 -5.60
CA PHE B 244 -10.19 -8.77 -4.46
C PHE B 244 -11.49 -8.64 -3.66
N VAL B 245 -12.63 -8.88 -4.31
CA VAL B 245 -13.95 -8.56 -3.77
C VAL B 245 -14.67 -9.87 -3.45
N THR B 246 -15.33 -9.90 -2.29
CA THR B 246 -16.10 -11.06 -1.90
C THR B 246 -17.56 -10.67 -1.71
N LEU B 247 -18.45 -11.61 -1.97
CA LEU B 247 -19.86 -11.41 -1.70
C LEU B 247 -20.11 -11.16 -0.24
N GLN B 248 -19.34 -11.83 0.61
CA GLN B 248 -19.45 -11.60 2.04
C GLN B 248 -19.22 -10.12 2.35
N ASP B 249 -18.19 -9.49 1.77
CA ASP B 249 -17.99 -8.06 2.05
C ASP B 249 -19.06 -7.17 1.38
N ARG B 250 -19.47 -7.55 0.16
CA ARG B 250 -20.51 -6.79 -0.59
C ARG B 250 -21.76 -6.73 0.30
N ASP B 251 -22.16 -7.89 0.81
CA ASP B 251 -23.32 -7.98 1.71
C ASP B 251 -23.15 -7.09 2.92
N TRP B 252 -21.93 -7.13 3.51
CA TRP B 252 -21.63 -6.33 4.69
C TRP B 252 -21.82 -4.85 4.44
N TYR B 253 -21.32 -4.34 3.30
CA TYR B 253 -21.40 -2.89 3.03
C TYR B 253 -22.86 -2.41 2.78
N TRP B 254 -23.61 -3.24 2.07
CA TRP B 254 -25.03 -2.96 1.86
C TRP B 254 -25.77 -2.93 3.20
N LYS B 255 -25.58 -3.94 4.01
CA LYS B 255 -26.10 -3.94 5.38
C LYS B 255 -25.68 -2.70 6.18
N ALA B 256 -24.43 -2.26 6.06
CA ALA B 256 -23.95 -1.06 6.76
C ALA B 256 -24.62 0.24 6.34
N TYR B 257 -24.94 0.36 5.05
CA TYR B 257 -25.51 1.61 4.49
C TYR B 257 -27.06 1.60 4.52
N LEU B 258 -27.68 0.46 4.25
CA LEU B 258 -29.16 0.44 4.12
C LEU B 258 -29.80 0.59 5.51
N PRO B 259 -31.06 1.06 5.59
CA PRO B 259 -31.80 1.06 6.85
C PRO B 259 -31.70 -0.30 7.49
N GLU B 260 -31.70 -0.37 8.82
CA GLU B 260 -31.53 -1.67 9.53
C GLU B 260 -32.62 -2.72 9.23
N ASP B 261 -33.79 -2.23 8.82
CA ASP B 261 -34.98 -3.04 8.54
C ASP B 261 -35.04 -3.48 7.07
N ALA B 262 -34.05 -3.05 6.27
CA ALA B 262 -34.13 -3.18 4.81
C ALA B 262 -33.37 -4.38 4.31
N ASP B 263 -33.60 -4.73 3.05
CA ASP B 263 -32.81 -5.76 2.39
C ASP B 263 -32.19 -5.18 1.09
N ARG B 264 -31.47 -6.00 0.33
CA ARG B 264 -30.76 -5.45 -0.85
C ARG B 264 -31.70 -5.11 -2.02
N ASP B 265 -32.98 -5.44 -1.89
CA ASP B 265 -33.96 -4.95 -2.86
C ASP B 265 -34.52 -3.58 -2.52
N HIS B 266 -33.98 -2.96 -1.48
CA HIS B 266 -34.26 -1.54 -1.24
C HIS B 266 -33.87 -0.76 -2.51
N PRO B 267 -34.66 0.26 -2.90
CA PRO B 267 -34.34 0.96 -4.15
C PRO B 267 -32.96 1.69 -4.18
N ALA B 268 -32.35 1.95 -3.03
CA ALA B 268 -31.03 2.63 -3.02
C ALA B 268 -30.00 1.68 -3.62
N CYS B 269 -30.18 0.41 -3.27
CA CYS B 269 -29.33 -0.68 -3.68
C CYS B 269 -29.69 -1.23 -5.06
N ASN B 270 -30.99 -1.44 -5.28
CA ASN B 270 -31.51 -2.10 -6.47
C ASN B 270 -32.52 -1.17 -7.15
N PRO B 271 -32.05 -0.10 -7.83
CA PRO B 271 -32.93 0.99 -8.23
C PRO B 271 -33.98 0.62 -9.31
N PHE B 272 -33.73 -0.44 -10.08
CA PHE B 272 -34.69 -0.91 -11.09
C PHE B 272 -35.17 -2.31 -10.74
N GLY B 273 -35.07 -2.66 -9.46
CA GLY B 273 -35.51 -3.97 -8.99
C GLY B 273 -36.95 -3.92 -8.55
N PRO B 274 -37.40 -4.94 -7.79
CA PRO B 274 -38.84 -5.13 -7.53
C PRO B 274 -39.45 -3.92 -6.87
N ASN B 275 -38.66 -3.15 -6.13
CA ASN B 275 -39.13 -1.98 -5.44
C ASN B 275 -38.64 -0.73 -6.13
N GLY B 276 -38.17 -0.90 -7.36
CA GLY B 276 -37.52 0.20 -8.08
C GLY B 276 -38.51 1.20 -8.62
N ARG B 277 -38.02 2.12 -9.45
CA ARG B 277 -38.86 3.15 -10.01
C ARG B 277 -38.34 3.45 -11.39
N ARG B 278 -39.14 3.20 -12.42
CA ARG B 278 -38.72 3.51 -13.79
C ARG B 278 -38.56 5.02 -13.95
N LEU B 279 -37.78 5.44 -14.94
CA LEU B 279 -37.40 6.84 -15.08
C LEU B 279 -37.86 7.45 -16.40
N GLY B 280 -38.79 6.75 -17.07
CA GLY B 280 -39.35 7.24 -18.34
C GLY B 280 -39.84 8.68 -18.23
N GLY B 281 -39.49 9.50 -19.22
CA GLY B 281 -40.03 10.85 -19.31
C GLY B 281 -39.36 11.94 -18.50
N LEU B 282 -38.39 11.58 -17.67
CA LEU B 282 -37.59 12.57 -16.93
C LEU B 282 -36.52 13.11 -17.82
N PRO B 283 -36.13 14.39 -17.64
CA PRO B 283 -34.97 14.86 -18.39
C PRO B 283 -33.66 14.34 -17.73
N PHE B 284 -33.50 13.01 -17.68
CA PHE B 284 -32.35 12.39 -17.02
C PHE B 284 -31.05 12.53 -17.86
N ALA B 285 -29.93 12.80 -17.17
CA ALA B 285 -28.64 13.05 -17.81
C ALA B 285 -28.23 11.93 -18.78
N LYS B 286 -27.46 12.28 -19.80
CA LYS B 286 -26.79 11.24 -20.57
C LYS B 286 -25.76 10.57 -19.63
N SER B 287 -25.49 9.29 -19.85
CA SER B 287 -24.60 8.48 -19.01
C SER B 287 -23.43 7.87 -19.75
N LEU B 288 -22.23 7.96 -19.14
CA LEU B 288 -21.09 7.13 -19.56
C LEU B 288 -20.87 6.10 -18.45
N ILE B 289 -21.04 4.83 -18.79
CA ILE B 289 -21.06 3.79 -17.77
C ILE B 289 -19.86 2.91 -18.01
N ILE B 290 -18.88 2.99 -17.10
CA ILE B 290 -17.65 2.20 -17.23
C ILE B 290 -17.70 0.95 -16.35
N VAL B 291 -17.46 -0.23 -16.93
CA VAL B 291 -17.70 -1.51 -16.26
C VAL B 291 -16.46 -2.43 -16.37
N SER B 292 -15.88 -2.82 -15.23
CA SER B 292 -14.85 -3.88 -15.16
C SER B 292 -15.42 -5.28 -15.32
N GLY B 293 -14.97 -5.98 -16.34
CA GLY B 293 -15.44 -7.37 -16.52
C GLY B 293 -15.04 -8.29 -15.39
N LEU B 294 -14.04 -7.90 -14.58
CA LEU B 294 -13.63 -8.75 -13.45
C LEU B 294 -14.16 -8.21 -12.11
N ASP B 295 -15.12 -7.30 -12.19
CA ASP B 295 -15.89 -6.84 -11.03
C ASP B 295 -17.05 -7.79 -10.95
N LEU B 296 -17.16 -8.50 -9.84
CA LEU B 296 -18.20 -9.50 -9.69
C LEU B 296 -19.62 -8.97 -9.84
N THR B 297 -19.80 -7.64 -9.76
CA THR B 297 -21.11 -7.01 -9.91
C THR B 297 -21.34 -6.46 -11.31
N CYS B 298 -20.51 -6.90 -12.28
CA CYS B 298 -20.62 -6.42 -13.66
C CYS B 298 -22.02 -6.64 -14.27
N ASP B 299 -22.63 -7.79 -14.01
CA ASP B 299 -24.00 -8.08 -14.51
C ASP B 299 -25.01 -6.99 -14.14
N ARG B 300 -25.00 -6.59 -12.88
CA ARG B 300 -25.87 -5.53 -12.38
C ARG B 300 -25.65 -4.19 -13.02
N GLN B 301 -24.41 -3.84 -13.28
CA GLN B 301 -24.10 -2.56 -13.92
C GLN B 301 -24.59 -2.53 -15.38
N LEU B 302 -24.44 -3.65 -16.08
CA LEU B 302 -24.89 -3.76 -17.47
C LEU B 302 -26.42 -3.78 -17.50
N ALA B 303 -27.03 -4.47 -16.52
CA ALA B 303 -28.51 -4.42 -16.34
C ALA B 303 -29.00 -3.02 -16.03
N TYR B 304 -28.25 -2.30 -15.22
CA TYR B 304 -28.58 -0.92 -14.94
C TYR B 304 -28.52 -0.04 -16.21
N ALA B 305 -27.48 -0.22 -17.01
CA ALA B 305 -27.35 0.53 -18.26
C ALA B 305 -28.56 0.24 -19.19
N ASP B 306 -28.96 -1.02 -19.27
CA ASP B 306 -30.08 -1.42 -20.10
C ASP B 306 -31.42 -0.81 -19.64
N ALA B 307 -31.66 -0.77 -18.33
CA ALA B 307 -32.84 -0.08 -17.77
C ALA B 307 -32.92 1.38 -18.18
N LEU B 308 -31.80 2.09 -18.11
CA LEU B 308 -31.73 3.46 -18.54
C LEU B 308 -32.14 3.60 -20.00
N ARG B 309 -31.58 2.73 -20.85
CA ARG B 309 -31.91 2.65 -22.29
C ARG B 309 -33.43 2.39 -22.47
N GLU B 310 -33.96 1.41 -21.73
CA GLU B 310 -35.37 1.02 -21.79
C GLU B 310 -36.27 2.17 -21.39
N ASP B 311 -35.78 3.04 -20.50
CA ASP B 311 -36.54 4.23 -20.09
C ASP B 311 -36.32 5.40 -21.01
N GLY B 312 -35.70 5.15 -22.17
CA GLY B 312 -35.51 6.20 -23.19
C GLY B 312 -34.40 7.19 -22.94
N HIS B 313 -33.41 6.82 -22.12
CA HIS B 313 -32.31 7.73 -21.83
C HIS B 313 -31.08 7.31 -22.61
N HIS B 314 -30.15 8.25 -22.77
CA HIS B 314 -28.97 7.98 -23.56
C HIS B 314 -27.82 7.48 -22.68
N VAL B 315 -27.24 6.34 -23.10
CA VAL B 315 -26.20 5.61 -22.37
C VAL B 315 -25.07 5.21 -23.34
N LYS B 316 -23.83 5.40 -22.89
CA LYS B 316 -22.67 4.84 -23.54
C LYS B 316 -21.98 3.96 -22.51
N VAL B 317 -21.86 2.66 -22.79
CA VAL B 317 -21.26 1.71 -21.86
C VAL B 317 -19.88 1.37 -22.37
N VAL B 318 -18.88 1.38 -21.47
CA VAL B 318 -17.52 0.99 -21.82
C VAL B 318 -17.18 -0.25 -21.01
N GLN B 319 -17.15 -1.42 -21.65
CA GLN B 319 -16.90 -2.65 -20.93
C GLN B 319 -15.43 -2.96 -21.04
N CYS B 320 -14.78 -3.13 -19.90
CA CYS B 320 -13.34 -3.33 -19.87
C CYS B 320 -13.13 -4.77 -19.44
N GLU B 321 -13.06 -5.68 -20.40
CA GLU B 321 -13.17 -7.12 -20.11
C GLU B 321 -12.08 -7.65 -19.18
N ASN B 322 -10.87 -7.07 -19.28
CA ASN B 322 -9.71 -7.53 -18.50
C ASN B 322 -9.45 -6.77 -17.19
N ALA B 323 -10.33 -5.85 -16.85
CA ALA B 323 -10.13 -4.94 -15.72
C ALA B 323 -10.78 -5.41 -14.41
N THR B 324 -10.07 -5.21 -13.31
CA THR B 324 -10.57 -5.47 -11.98
C THR B 324 -11.11 -4.14 -11.44
N VAL B 325 -11.68 -4.16 -10.25
CA VAL B 325 -11.97 -2.93 -9.54
C VAL B 325 -10.66 -2.13 -9.43
N GLY B 326 -10.81 -0.82 -9.37
CA GLY B 326 -9.67 0.07 -9.11
C GLY B 326 -8.75 0.37 -10.29
N PHE B 327 -8.97 -0.24 -11.45
CA PHE B 327 -8.05 -0.13 -12.59
C PHE B 327 -7.76 1.31 -13.02
N TYR B 328 -8.71 2.22 -12.75
CA TYR B 328 -8.61 3.60 -13.17
C TYR B 328 -7.71 4.38 -12.20
N LEU B 329 -7.20 3.71 -11.17
CA LEU B 329 -6.35 4.35 -10.20
C LEU B 329 -4.87 4.31 -10.56
N LEU B 330 -4.46 3.46 -11.48
CA LEU B 330 -3.06 3.31 -11.84
C LEU B 330 -2.96 3.33 -13.34
N PRO B 331 -2.03 4.16 -13.87
CA PRO B 331 -1.89 4.29 -15.34
C PRO B 331 -1.11 3.17 -15.97
N ASN B 332 -1.55 1.93 -15.78
CA ASN B 332 -0.76 0.76 -16.14
C ASN B 332 -1.48 -0.30 -16.96
N THR B 333 -2.62 0.03 -17.57
CA THR B 333 -3.28 -0.93 -18.48
C THR B 333 -3.85 -0.19 -19.67
N VAL B 334 -4.12 -0.95 -20.73
CA VAL B 334 -4.74 -0.38 -21.92
C VAL B 334 -6.09 0.19 -21.51
N HIS B 335 -6.85 -0.60 -20.71
CA HIS B 335 -8.14 -0.17 -20.20
C HIS B 335 -8.10 1.20 -19.50
N TYR B 336 -7.05 1.48 -18.71
CA TYR B 336 -6.91 2.82 -18.11
C TYR B 336 -6.92 3.94 -19.17
N HIS B 337 -6.11 3.77 -20.23
CA HIS B 337 -5.98 4.80 -21.25
C HIS B 337 -7.27 4.88 -22.05
N GLU B 338 -7.85 3.74 -22.35
CA GLU B 338 -9.13 3.69 -23.05
C GLU B 338 -10.18 4.54 -22.34
N VAL B 339 -10.32 4.28 -21.04
CA VAL B 339 -11.33 4.96 -20.24
C VAL B 339 -11.07 6.45 -20.13
N MET B 340 -9.81 6.86 -19.96
CA MET B 340 -9.52 8.29 -19.85
C MET B 340 -9.85 9.03 -21.15
N GLU B 341 -9.61 8.37 -22.27
CA GLU B 341 -10.01 8.96 -23.55
C GLU B 341 -11.55 9.04 -23.69
N GLU B 342 -12.25 7.95 -23.39
CA GLU B 342 -13.71 7.96 -23.33
C GLU B 342 -14.30 9.08 -22.46
N ILE B 343 -13.69 9.32 -21.30
CA ILE B 343 -14.16 10.38 -20.41
C ILE B 343 -13.94 11.75 -21.03
N SER B 344 -12.75 11.96 -21.59
CA SER B 344 -12.47 13.19 -22.30
C SER B 344 -13.48 13.43 -23.45
N ASP B 345 -13.72 12.40 -24.27
CA ASP B 345 -14.68 12.50 -25.39
C ASP B 345 -16.09 12.81 -24.93
N PHE B 346 -16.47 12.21 -23.81
CA PHE B 346 -17.80 12.40 -23.22
C PHE B 346 -18.06 13.83 -22.71
N LEU B 347 -17.12 14.39 -21.96
CA LEU B 347 -17.21 15.78 -21.47
C LEU B 347 -17.21 16.77 -22.64
N ASN B 348 -16.40 16.48 -23.67
CA ASN B 348 -16.32 17.31 -24.86
C ASN B 348 -17.66 17.39 -25.59
N ALA B 349 -18.20 16.21 -25.87
CA ALA B 349 -19.43 16.06 -26.60
C ALA B 349 -20.65 16.66 -25.89
N ASN B 350 -20.58 16.81 -24.58
CA ASN B 350 -21.76 17.24 -23.82
C ASN B 350 -21.64 18.60 -23.14
N LEU B 351 -20.63 19.36 -23.55
CA LEU B 351 -20.34 20.66 -22.94
C LEU B 351 -21.24 21.78 -23.48
N VAL C 15 -8.34 -8.32 51.30
CA VAL C 15 -9.19 -9.13 50.36
C VAL C 15 -8.68 -10.57 50.30
N PRO C 16 -9.55 -11.53 50.64
CA PRO C 16 -9.20 -12.95 50.64
C PRO C 16 -8.72 -13.35 49.24
N LEU C 17 -7.70 -14.20 49.18
CA LEU C 17 -7.07 -14.52 47.92
C LEU C 17 -8.06 -14.99 46.86
N HIS C 18 -9.03 -15.84 47.25
CA HIS C 18 -9.96 -16.46 46.27
C HIS C 18 -10.87 -15.39 45.67
N THR C 19 -11.24 -14.39 46.48
CA THR C 19 -12.06 -13.25 46.01
C THR C 19 -11.26 -12.39 45.08
N TRP C 20 -10.02 -12.11 45.47
CA TRP C 20 -9.14 -11.38 44.61
C TRP C 20 -8.96 -12.03 43.24
N VAL C 21 -8.71 -13.34 43.21
CA VAL C 21 -8.48 -14.05 41.98
C VAL C 21 -9.77 -14.06 41.16
N LEU C 22 -10.90 -14.35 41.80
CA LEU C 22 -12.16 -14.50 41.07
C LEU C 22 -12.58 -13.16 40.43
N ILE C 23 -12.61 -12.11 41.24
CA ILE C 23 -13.02 -10.81 40.71
C ILE C 23 -12.01 -10.20 39.75
N SER C 24 -10.72 -10.41 39.98
CA SER C 24 -9.74 -9.94 39.02
C SER C 24 -9.92 -10.64 37.68
N ASN C 25 -10.33 -11.91 37.71
CA ASN C 25 -10.52 -12.64 36.46
C ASN C 25 -11.63 -11.95 35.63
N PHE C 26 -12.71 -11.57 36.32
CA PHE C 26 -13.81 -10.82 35.68
C PHE C 26 -13.31 -9.46 35.22
N LYS C 27 -12.63 -8.74 36.09
CA LYS C 27 -12.11 -7.42 35.74
C LYS C 27 -11.28 -7.40 34.44
N LEU C 28 -10.28 -8.27 34.40
CA LEU C 28 -9.37 -8.31 33.26
C LEU C 28 -10.03 -8.79 31.98
N SER C 29 -10.98 -9.74 32.09
CA SER C 29 -11.80 -10.22 30.95
C SER C 29 -12.64 -9.07 30.41
N TYR C 30 -13.32 -8.35 31.31
CA TYR C 30 -14.28 -7.29 30.91
C TYR C 30 -13.55 -6.09 30.28
N ASN C 31 -12.32 -5.87 30.70
CA ASN C 31 -11.48 -4.80 30.10
C ASN C 31 -11.44 -4.94 28.58
N ILE C 32 -11.38 -6.17 28.06
CA ILE C 32 -11.23 -6.31 26.63
C ILE C 32 -12.58 -6.39 25.89
N LEU C 33 -13.67 -6.55 26.63
CA LEU C 33 -15.01 -6.57 26.00
C LEU C 33 -15.64 -5.16 25.78
N ARG C 34 -15.24 -4.19 26.58
CA ARG C 34 -15.74 -2.84 26.39
C ARG C 34 -15.03 -2.19 25.25
N ARG C 35 -15.74 -1.77 24.19
CA ARG C 35 -15.03 -1.01 23.14
C ARG C 35 -15.08 0.48 23.40
N ALA C 36 -14.03 1.19 22.99
CA ALA C 36 -13.93 2.63 23.21
C ALA C 36 -15.08 3.36 22.55
N ASP C 37 -15.64 2.82 21.47
CA ASP C 37 -16.77 3.50 20.80
C ASP C 37 -18.12 3.32 21.50
N GLY C 38 -18.14 2.68 22.67
CA GLY C 38 -19.38 2.48 23.40
C GLY C 38 -20.18 1.26 22.97
N THR C 39 -19.64 0.48 22.02
CA THR C 39 -20.26 -0.81 21.67
C THR C 39 -19.58 -1.93 22.46
N PHE C 40 -20.06 -3.16 22.32
CA PHE C 40 -19.61 -4.23 23.20
C PHE C 40 -19.31 -5.54 22.46
N GLU C 41 -18.26 -6.24 22.92
CA GLU C 41 -17.90 -7.55 22.35
C GLU C 41 -18.86 -8.65 22.84
N ARG C 42 -20.11 -8.62 22.34
CA ARG C 42 -21.18 -9.45 22.88
C ARG C 42 -20.91 -10.93 22.63
N ASP C 43 -20.54 -11.29 21.41
CA ASP C 43 -20.37 -12.72 21.08
C ASP C 43 -19.24 -13.34 21.93
N LEU C 44 -18.16 -12.59 22.09
CA LEU C 44 -17.00 -13.02 22.89
C LEU C 44 -17.36 -13.11 24.39
N GLY C 45 -18.04 -12.09 24.89
CA GLY C 45 -18.59 -12.09 26.27
C GLY C 45 -19.47 -13.27 26.56
N GLU C 46 -20.40 -13.59 25.66
CA GLU C 46 -21.23 -14.76 25.86
C GLU C 46 -20.36 -16.03 25.89
N TYR C 47 -19.45 -16.11 24.93
CA TYR C 47 -18.54 -17.26 24.81
C TYR C 47 -17.71 -17.43 26.09
N LEU C 48 -17.27 -16.33 26.68
CA LEU C 48 -16.33 -16.44 27.86
C LEU C 48 -17.02 -16.53 29.23
N ASP C 49 -18.33 -16.30 29.25
CA ASP C 49 -19.04 -16.29 30.54
C ASP C 49 -19.11 -17.70 31.07
N ARG C 50 -19.02 -17.85 32.38
CA ARG C 50 -19.15 -19.17 32.97
C ARG C 50 -20.59 -19.37 33.38
N ARG C 51 -21.22 -20.41 32.80
CA ARG C 51 -22.66 -20.64 32.95
C ARG C 51 -22.93 -22.10 33.18
N VAL C 52 -24.13 -22.40 33.71
CA VAL C 52 -24.55 -23.81 33.97
C VAL C 52 -25.98 -23.97 33.48
N PRO C 53 -26.39 -25.20 33.08
CA PRO C 53 -27.75 -25.40 32.60
C PRO C 53 -28.73 -25.50 33.77
N ALA C 54 -30.03 -25.32 33.50
CA ALA C 54 -31.05 -25.66 34.50
C ALA C 54 -31.05 -27.19 34.66
N ASN C 55 -31.52 -27.68 35.80
CA ASN C 55 -31.59 -29.14 36.01
C ASN C 55 -32.63 -29.60 37.02
N ALA C 56 -33.57 -30.42 36.54
CA ALA C 56 -34.62 -30.97 37.37
C ALA C 56 -34.09 -31.88 38.48
N ARG C 57 -33.04 -32.66 38.20
CA ARG C 57 -32.36 -33.44 39.26
C ARG C 57 -31.74 -32.47 40.27
N PRO C 58 -32.07 -32.64 41.57
CA PRO C 58 -31.61 -31.67 42.57
C PRO C 58 -30.11 -31.82 42.89
N LEU C 59 -29.43 -30.69 42.98
CA LEU C 59 -28.05 -30.70 43.46
C LEU C 59 -28.10 -30.07 44.84
N GLU C 60 -27.52 -30.76 45.83
CA GLU C 60 -27.70 -30.43 47.25
C GLU C 60 -29.06 -29.82 47.60
N GLY C 61 -30.14 -30.52 47.27
CA GLY C 61 -31.48 -30.14 47.70
C GLY C 61 -32.26 -29.13 46.87
N VAL C 62 -31.64 -28.58 45.82
CA VAL C 62 -32.27 -27.55 44.99
C VAL C 62 -32.31 -27.94 43.52
N SER C 63 -33.47 -27.76 42.89
CA SER C 63 -33.67 -28.00 41.48
C SER C 63 -33.96 -26.69 40.75
N SER C 64 -33.77 -26.65 39.42
CA SER C 64 -33.97 -25.45 38.60
C SER C 64 -34.65 -25.74 37.28
N PHE C 65 -35.36 -24.76 36.75
CA PHE C 65 -36.12 -24.90 35.51
C PHE C 65 -36.05 -23.63 34.71
N ASP C 66 -35.66 -23.74 33.44
CA ASP C 66 -35.73 -22.58 32.54
C ASP C 66 -37.10 -22.48 31.90
N HIS C 67 -37.58 -21.25 31.74
CA HIS C 67 -38.93 -21.04 31.26
C HIS C 67 -39.08 -19.66 30.59
N ILE C 68 -39.61 -19.62 29.38
CA ILE C 68 -39.85 -18.36 28.67
C ILE C 68 -41.14 -17.76 29.18
N ILE C 69 -41.11 -16.52 29.64
CA ILE C 69 -42.30 -15.89 30.19
C ILE C 69 -42.83 -14.81 29.23
N ASP C 70 -42.08 -14.53 28.17
CA ASP C 70 -42.48 -13.59 27.12
C ASP C 70 -41.86 -13.96 25.76
N GLN C 71 -42.62 -14.65 24.92
CA GLN C 71 -42.16 -15.11 23.60
C GLN C 71 -41.79 -13.95 22.68
N SER C 72 -42.61 -12.89 22.74
CA SER C 72 -42.45 -11.68 21.94
C SER C 72 -41.05 -11.05 22.03
N VAL C 73 -40.42 -11.17 23.19
CA VAL C 73 -39.13 -10.52 23.41
C VAL C 73 -38.06 -11.56 23.81
N GLY C 74 -38.46 -12.82 23.86
CA GLY C 74 -37.61 -13.92 24.26
C GLY C 74 -37.18 -13.80 25.71
N LEU C 75 -38.08 -13.32 26.58
CA LEU C 75 -37.74 -13.12 27.99
C LEU C 75 -37.81 -14.43 28.76
N GLU C 76 -36.73 -14.77 29.43
CA GLU C 76 -36.64 -16.03 30.13
C GLU C 76 -36.34 -15.80 31.63
N VAL C 77 -36.76 -16.76 32.45
CA VAL C 77 -36.43 -16.80 33.87
C VAL C 77 -35.91 -18.19 34.21
N ARG C 78 -35.13 -18.28 35.29
CA ARG C 78 -34.75 -19.57 35.83
C ARG C 78 -35.37 -19.66 37.21
N ILE C 79 -36.19 -20.69 37.41
CA ILE C 79 -36.91 -20.90 38.67
C ILE C 79 -36.18 -21.95 39.49
N TYR C 80 -35.97 -21.63 40.75
CA TYR C 80 -35.32 -22.55 41.68
C TYR C 80 -36.30 -22.93 42.81
N ARG C 81 -36.29 -24.19 43.21
CA ARG C 81 -37.20 -24.70 44.24
C ARG C 81 -36.53 -25.79 45.03
N ALA C 82 -36.97 -25.99 46.28
CA ALA C 82 -36.50 -27.14 47.05
C ALA C 82 -37.36 -28.35 46.66
N PHE C 112 -44.79 -19.07 52.04
CA PHE C 112 -43.40 -19.05 51.59
C PHE C 112 -43.08 -17.83 50.72
N PRO C 113 -41.82 -17.32 50.81
CA PRO C 113 -41.48 -16.16 49.98
C PRO C 113 -41.08 -16.56 48.54
N VAL C 114 -41.36 -15.69 47.58
CA VAL C 114 -40.88 -15.81 46.22
C VAL C 114 -39.89 -14.67 46.00
N ILE C 115 -38.61 -15.00 45.80
CA ILE C 115 -37.61 -13.96 45.55
C ILE C 115 -37.38 -13.85 44.03
N ILE C 116 -37.75 -12.71 43.48
CA ILE C 116 -37.46 -12.37 42.10
C ILE C 116 -36.08 -11.67 42.10
N PHE C 117 -35.11 -12.30 41.44
CA PHE C 117 -33.72 -11.86 41.52
C PHE C 117 -33.22 -11.33 40.17
N PHE C 118 -32.50 -10.22 40.22
CA PHE C 118 -31.92 -9.60 39.04
C PHE C 118 -30.40 -9.60 39.17
N HIS C 119 -29.73 -10.36 38.31
CA HIS C 119 -28.27 -10.43 38.34
C HIS C 119 -27.60 -9.10 38.11
N GLY C 120 -26.40 -8.98 38.64
CA GLY C 120 -25.53 -7.83 38.43
C GLY C 120 -24.79 -7.97 37.10
N GLY C 121 -23.74 -7.17 36.92
CA GLY C 121 -23.10 -7.06 35.60
C GLY C 121 -23.20 -5.71 34.95
N SER C 122 -23.63 -4.72 35.73
CA SER C 122 -23.62 -3.31 35.32
C SER C 122 -24.49 -3.03 34.08
N PHE C 123 -25.59 -3.75 33.96
CA PHE C 123 -26.56 -3.69 32.82
C PHE C 123 -26.07 -4.37 31.53
N VAL C 124 -24.80 -4.80 31.50
CA VAL C 124 -24.16 -5.25 30.26
C VAL C 124 -23.79 -6.74 30.32
N HIS C 125 -23.34 -7.22 31.48
CA HIS C 125 -22.76 -8.59 31.60
C HIS C 125 -23.68 -9.57 32.29
N SER C 126 -23.37 -10.86 32.17
CA SER C 126 -23.96 -11.98 32.94
C SER C 126 -25.38 -12.33 32.52
N SER C 127 -25.88 -13.41 33.10
CA SER C 127 -27.21 -13.89 32.78
C SER C 127 -27.68 -14.70 33.98
N ALA C 128 -28.95 -15.15 33.95
CA ALA C 128 -29.49 -15.98 35.03
C ALA C 128 -28.80 -17.34 35.05
N SER C 129 -28.22 -17.73 33.92
CA SER C 129 -27.48 -18.99 33.88
C SER C 129 -26.04 -18.83 34.37
N SER C 130 -25.57 -17.61 34.58
CA SER C 130 -24.17 -17.39 35.01
C SER C 130 -23.92 -18.14 36.32
N THR C 131 -22.83 -18.91 36.40
CA THR C 131 -22.61 -19.76 37.56
C THR C 131 -22.64 -19.03 38.89
N ILE C 132 -22.02 -17.84 38.96
CA ILE C 132 -22.00 -17.08 40.23
C ILE C 132 -23.41 -16.73 40.70
N TYR C 133 -24.31 -16.49 39.74
CA TYR C 133 -25.69 -16.14 40.08
C TYR C 133 -26.58 -17.36 40.30
N ASP C 134 -26.35 -18.43 39.54
CA ASP C 134 -27.02 -19.71 39.81
C ASP C 134 -26.69 -20.19 41.23
N SER C 135 -25.42 -20.07 41.62
CA SER C 135 -24.98 -20.47 42.95
C SER C 135 -25.64 -19.60 44.04
N LEU C 136 -25.74 -18.29 43.78
CA LEU C 136 -26.38 -17.36 44.71
C LEU C 136 -27.85 -17.67 44.88
N CYS C 137 -28.55 -17.87 43.75
CA CYS C 137 -29.96 -18.25 43.81
C CYS C 137 -30.20 -19.57 44.55
N ARG C 138 -29.32 -20.55 44.35
CA ARG C 138 -29.38 -21.81 45.12
C ARG C 138 -29.24 -21.59 46.65
N ARG C 139 -28.29 -20.73 47.04
CA ARG C 139 -28.12 -20.27 48.44
C ARG C 139 -29.37 -19.61 48.97
N PHE C 140 -30.00 -18.78 48.14
CA PHE C 140 -31.23 -18.08 48.49
C PHE C 140 -32.43 -19.01 48.74
N VAL C 141 -32.57 -20.09 47.96
CA VAL C 141 -33.61 -21.11 48.20
C VAL C 141 -33.37 -21.78 49.55
N LYS C 142 -32.13 -22.25 49.78
CA LYS C 142 -31.77 -22.96 51.01
C LYS C 142 -32.01 -22.11 52.26
N LEU C 143 -31.73 -20.83 52.17
CA LEU C 143 -31.94 -19.96 53.33
C LEU C 143 -33.36 -19.39 53.43
N SER C 144 -34.12 -19.41 52.35
CA SER C 144 -35.46 -18.82 52.41
C SER C 144 -36.56 -19.87 52.58
N LYS C 145 -36.23 -21.12 52.26
CA LYS C 145 -37.22 -22.21 52.08
C LYS C 145 -38.35 -21.71 51.19
N GLY C 146 -37.99 -20.92 50.18
CA GLY C 146 -38.97 -20.37 49.25
C GLY C 146 -38.58 -20.67 47.81
N VAL C 147 -39.11 -19.87 46.88
CA VAL C 147 -38.83 -20.01 45.44
C VAL C 147 -38.03 -18.79 44.94
N VAL C 148 -37.04 -19.04 44.08
CA VAL C 148 -36.31 -17.93 43.45
C VAL C 148 -36.60 -17.89 41.96
N VAL C 149 -36.94 -16.73 41.46
CA VAL C 149 -37.18 -16.54 40.05
C VAL C 149 -36.13 -15.55 39.52
N SER C 150 -35.08 -16.08 38.90
CA SER C 150 -33.98 -15.25 38.37
C SER C 150 -34.30 -14.83 36.94
N VAL C 151 -34.31 -13.53 36.71
CA VAL C 151 -34.76 -12.96 35.46
C VAL C 151 -33.60 -12.69 34.49
N ASN C 152 -33.71 -13.20 33.26
CA ASN C 152 -32.75 -12.88 32.20
C ASN C 152 -33.08 -11.66 31.45
N TYR C 153 -32.94 -10.51 32.08
CA TYR C 153 -33.32 -9.28 31.47
C TYR C 153 -32.46 -8.93 30.27
N ARG C 154 -33.03 -8.12 29.35
CA ARG C 154 -32.28 -7.59 28.22
C ARG C 154 -31.22 -6.59 28.66
N ARG C 155 -30.03 -6.70 28.05
CA ARG C 155 -28.82 -6.01 28.49
C ARG C 155 -28.37 -4.93 27.52
N ALA C 156 -27.82 -3.86 28.08
CA ALA C 156 -27.12 -2.85 27.32
C ALA C 156 -25.77 -3.40 26.79
N PRO C 157 -25.15 -2.70 25.82
CA PRO C 157 -25.64 -1.49 25.13
C PRO C 157 -26.66 -1.77 24.03
N GLU C 158 -26.98 -3.02 23.76
CA GLU C 158 -27.88 -3.39 22.67
C GLU C 158 -29.34 -3.05 23.02
N HIS C 159 -29.67 -3.15 24.29
CA HIS C 159 -30.98 -2.82 24.77
C HIS C 159 -30.77 -1.82 25.87
N ARG C 160 -31.02 -0.55 25.55
CA ARG C 160 -30.84 0.53 26.50
C ARG C 160 -32.10 0.72 27.37
N TYR C 161 -32.01 1.68 28.28
CA TYR C 161 -33.15 2.10 29.09
C TYR C 161 -34.40 2.24 28.18
N PRO C 162 -35.57 1.76 28.63
CA PRO C 162 -35.85 1.09 29.89
C PRO C 162 -36.17 -0.39 29.71
N CYS C 163 -35.59 -1.04 28.70
CA CYS C 163 -35.81 -2.47 28.48
C CYS C 163 -35.67 -3.39 29.71
N ALA C 164 -34.57 -3.27 30.45
CA ALA C 164 -34.36 -4.08 31.66
C ALA C 164 -35.47 -3.87 32.70
N TYR C 165 -35.85 -2.62 32.92
CA TYR C 165 -36.98 -2.32 33.81
C TYR C 165 -38.30 -2.94 33.29
N ASP C 166 -38.58 -2.81 31.99
CA ASP C 166 -39.77 -3.45 31.40
C ASP C 166 -39.78 -4.94 31.62
N ASP C 167 -38.62 -5.57 31.46
CA ASP C 167 -38.51 -7.02 31.69
C ASP C 167 -38.74 -7.42 33.16
N GLY C 168 -38.29 -6.57 34.07
CA GLY C 168 -38.50 -6.85 35.49
C GLY C 168 -39.98 -6.74 35.85
N TRP C 169 -40.66 -5.75 35.26
CA TRP C 169 -42.12 -5.61 35.43
C TRP C 169 -42.86 -6.83 34.87
N THR C 170 -42.54 -7.21 33.63
CA THR C 170 -43.09 -8.43 33.06
C THR C 170 -42.93 -9.62 34.00
N ALA C 171 -41.75 -9.76 34.62
CA ALA C 171 -41.47 -10.91 35.48
C ALA C 171 -42.34 -10.87 36.75
N LEU C 172 -42.46 -9.70 37.34
CA LEU C 172 -43.27 -9.56 38.56
C LEU C 172 -44.70 -10.04 38.24
N LYS C 173 -45.33 -9.39 37.25
CA LYS C 173 -46.68 -9.74 36.78
C LYS C 173 -46.82 -11.23 36.50
N TRP C 174 -45.83 -11.83 35.83
CA TRP C 174 -45.88 -13.26 35.59
C TRP C 174 -45.94 -14.03 36.90
N VAL C 175 -45.07 -13.68 37.85
CA VAL C 175 -44.97 -14.41 39.12
C VAL C 175 -46.31 -14.38 39.85
N MET C 176 -46.92 -13.18 39.90
CA MET C 176 -48.24 -12.95 40.50
C MET C 176 -49.25 -13.96 39.92
N SER C 177 -49.40 -13.93 38.59
CA SER C 177 -50.30 -14.82 37.84
C SER C 177 -50.19 -16.33 38.13
N GLN C 178 -49.07 -16.78 38.68
CA GLN C 178 -48.85 -18.23 38.81
C GLN C 178 -49.39 -18.86 40.10
N PRO C 179 -50.31 -19.86 39.94
CA PRO C 179 -50.84 -20.67 41.06
C PRO C 179 -49.74 -21.32 41.89
N PHE C 180 -48.70 -21.84 41.22
CA PHE C 180 -47.57 -22.48 41.90
C PHE C 180 -46.92 -21.55 42.94
N MET C 181 -46.87 -20.26 42.61
CA MET C 181 -46.14 -19.26 43.41
C MET C 181 -46.87 -18.87 44.70
N ARG C 182 -48.19 -19.01 44.69
CA ARG C 182 -49.06 -18.71 45.84
C ARG C 182 -49.14 -19.93 46.75
N ALA C 189 -49.12 -14.69 46.13
CA ALA C 189 -47.68 -14.92 46.24
C ALA C 189 -46.97 -13.91 47.20
N ARG C 190 -46.06 -14.41 48.04
CA ARG C 190 -45.36 -13.56 48.98
C ARG C 190 -43.98 -13.12 48.41
N VAL C 191 -43.99 -12.00 47.67
CA VAL C 191 -42.89 -11.60 46.78
C VAL C 191 -41.87 -10.55 47.28
N PHE C 192 -40.58 -10.89 47.13
CA PHE C 192 -39.49 -9.97 47.38
C PHE C 192 -38.72 -9.72 46.07
N LEU C 193 -38.26 -8.51 45.85
CA LEU C 193 -37.43 -8.19 44.69
C LEU C 193 -36.01 -7.94 45.18
N SER C 194 -35.03 -8.49 44.44
CA SER C 194 -33.66 -8.55 44.90
C SER C 194 -32.74 -8.44 43.67
N GLY C 195 -31.59 -7.80 43.85
CA GLY C 195 -30.58 -7.75 42.78
C GLY C 195 -29.31 -7.18 43.36
N ASP C 196 -28.19 -7.55 42.73
CA ASP C 196 -26.91 -6.90 43.01
C ASP C 196 -26.49 -6.03 41.87
N SER C 197 -25.69 -5.00 42.13
CA SER C 197 -25.19 -4.12 41.09
C SER C 197 -26.41 -3.58 40.31
N SER C 198 -26.34 -3.63 38.98
CA SER C 198 -27.41 -3.19 38.11
C SER C 198 -28.75 -3.87 38.48
N GLY C 199 -28.73 -5.13 38.91
CA GLY C 199 -29.97 -5.80 39.32
C GLY C 199 -30.66 -5.16 40.54
N GLY C 200 -29.87 -4.56 41.42
CA GLY C 200 -30.40 -3.80 42.56
C GLY C 200 -31.10 -2.53 42.09
N ASN C 201 -30.53 -1.90 41.07
CA ASN C 201 -31.14 -0.74 40.45
C ASN C 201 -32.46 -1.17 39.80
N ILE C 202 -32.42 -2.25 39.03
CA ILE C 202 -33.65 -2.80 38.44
C ILE C 202 -34.69 -3.09 39.52
N ALA C 203 -34.29 -3.77 40.59
CA ALA C 203 -35.23 -4.13 41.68
C ALA C 203 -35.96 -2.89 42.24
N HIS C 204 -35.21 -1.82 42.47
CA HIS C 204 -35.74 -0.54 42.91
C HIS C 204 -36.82 0.01 41.97
N HIS C 205 -36.52 0.08 40.67
CA HIS C 205 -37.46 0.67 39.72
C HIS C 205 -38.70 -0.20 39.55
N VAL C 206 -38.54 -1.52 39.61
CA VAL C 206 -39.68 -2.42 39.57
C VAL C 206 -40.57 -2.29 40.83
N ALA C 207 -39.91 -2.16 41.98
CA ALA C 207 -40.59 -1.92 43.27
C ALA C 207 -41.42 -0.64 43.25
N VAL C 208 -40.86 0.44 42.67
CA VAL C 208 -41.55 1.72 42.51
C VAL C 208 -42.78 1.61 41.63
N ARG C 209 -42.63 0.95 40.49
CA ARG C 209 -43.76 0.76 39.61
C ARG C 209 -44.83 -0.09 40.27
N ALA C 210 -44.43 -1.08 41.07
CA ALA C 210 -45.41 -1.93 41.76
C ALA C 210 -46.19 -1.14 42.82
N ALA C 211 -45.52 -0.17 43.45
CA ALA C 211 -46.16 0.76 44.39
C ALA C 211 -47.17 1.67 43.71
N ASP C 212 -46.74 2.31 42.62
CA ASP C 212 -47.59 3.19 41.81
C ASP C 212 -48.89 2.55 41.36
N GLU C 213 -48.83 1.23 41.13
CA GLU C 213 -49.94 0.52 40.49
C GLU C 213 -50.63 -0.41 41.46
N GLY C 214 -50.24 -0.36 42.73
CA GLY C 214 -50.91 -1.12 43.77
C GLY C 214 -50.60 -2.60 43.84
N VAL C 215 -49.48 -3.02 43.26
CA VAL C 215 -49.02 -4.39 43.44
C VAL C 215 -48.18 -4.43 44.70
N LYS C 216 -48.54 -5.32 45.63
CA LYS C 216 -47.83 -5.43 46.91
C LYS C 216 -46.54 -6.26 46.86
N VAL C 217 -45.42 -5.58 47.08
CA VAL C 217 -44.12 -6.23 47.28
C VAL C 217 -43.77 -6.16 48.76
N CYS C 218 -43.54 -7.33 49.40
CA CYS C 218 -43.10 -7.45 50.80
C CYS C 218 -41.75 -6.79 51.14
N GLY C 219 -40.79 -6.83 50.22
CA GLY C 219 -39.49 -6.23 50.51
C GLY C 219 -38.46 -6.34 49.38
N ASN C 220 -37.55 -5.36 49.36
CA ASN C 220 -36.44 -5.31 48.42
C ASN C 220 -35.13 -5.68 49.13
N ILE C 221 -34.37 -6.58 48.51
CA ILE C 221 -33.03 -6.95 49.00
C ILE C 221 -31.98 -6.48 47.96
N LEU C 222 -31.33 -5.34 48.25
CA LEU C 222 -30.33 -4.75 47.36
C LEU C 222 -28.90 -5.02 47.83
N LEU C 223 -28.10 -5.63 46.95
CA LEU C 223 -26.71 -5.90 47.25
C LEU C 223 -25.88 -5.00 46.37
N ASN C 224 -25.23 -4.00 46.97
CA ASN C 224 -24.41 -3.09 46.18
C ASN C 224 -25.19 -2.58 44.95
N ALA C 225 -26.42 -2.13 45.17
CA ALA C 225 -27.24 -1.53 44.09
C ALA C 225 -26.50 -0.41 43.35
N MET C 226 -26.65 -0.42 42.05
CA MET C 226 -25.93 0.47 41.15
C MET C 226 -26.67 1.74 40.91
N PHE C 227 -26.11 2.84 41.43
CA PHE C 227 -26.62 4.19 41.27
C PHE C 227 -25.48 5.14 40.92
N GLY C 228 -25.80 6.27 40.28
CA GLY C 228 -24.78 7.24 39.94
C GLY C 228 -25.25 8.69 39.88
N GLY C 229 -24.41 9.55 39.37
CA GLY C 229 -24.79 10.95 39.12
C GLY C 229 -23.68 11.69 38.40
N THR C 230 -23.97 12.90 37.95
CA THR C 230 -23.01 13.66 37.15
C THR C 230 -21.78 14.05 37.93
N GLU C 231 -21.90 14.33 39.22
CA GLU C 231 -20.75 14.74 40.03
C GLU C 231 -20.17 13.53 40.74
N ARG C 232 -18.93 13.66 41.20
CA ARG C 232 -18.29 12.59 41.93
C ARG C 232 -18.52 12.71 43.42
N THR C 233 -18.74 11.58 44.08
CA THR C 233 -18.82 11.55 45.53
C THR C 233 -17.41 11.36 46.06
N GLU C 234 -17.25 11.53 47.37
CA GLU C 234 -15.97 11.30 48.04
C GLU C 234 -15.48 9.84 47.91
N SER C 235 -16.40 8.89 48.13
CA SER C 235 -16.06 7.46 48.03
C SER C 235 -15.60 7.13 46.62
N GLU C 236 -16.21 7.76 45.62
CA GLU C 236 -15.79 7.56 44.23
C GLU C 236 -14.35 7.96 43.98
N ARG C 237 -14.00 9.19 44.36
CA ARG C 237 -12.64 9.71 44.17
C ARG C 237 -11.63 8.92 45.00
N ARG C 238 -12.00 8.58 46.23
CA ARG C 238 -11.11 7.84 47.11
C ARG C 238 -10.84 6.38 46.70
N LEU C 239 -11.87 5.67 46.25
CA LEU C 239 -11.72 4.23 46.04
C LEU C 239 -11.50 3.87 44.58
N ASP C 240 -11.57 4.86 43.70
CA ASP C 240 -11.40 4.65 42.27
C ASP C 240 -10.14 3.83 41.99
N GLY C 241 -10.31 2.67 41.34
CA GLY C 241 -9.17 1.85 40.91
C GLY C 241 -8.54 0.96 41.98
N LYS C 242 -8.94 1.16 43.24
CA LYS C 242 -8.31 0.44 44.35
C LYS C 242 -8.83 -0.99 44.57
N TYR C 243 -10.09 -1.23 44.22
CA TYR C 243 -10.73 -2.53 44.51
C TYR C 243 -11.59 -2.99 43.34
N PHE C 244 -10.92 -3.24 42.21
CA PHE C 244 -11.46 -3.92 41.02
C PHE C 244 -12.25 -3.00 40.10
N VAL C 245 -12.86 -1.95 40.67
CA VAL C 245 -13.76 -1.08 39.92
C VAL C 245 -13.09 0.27 39.67
N THR C 246 -13.28 0.81 38.47
CA THR C 246 -12.74 2.12 38.08
C THR C 246 -13.87 3.05 37.68
N LEU C 247 -13.66 4.34 37.84
CA LEU C 247 -14.68 5.32 37.41
C LEU C 247 -14.82 5.35 35.88
N GLN C 248 -13.71 5.20 35.17
CA GLN C 248 -13.78 4.99 33.74
C GLN C 248 -14.77 3.89 33.33
N ASP C 249 -14.70 2.70 33.96
CA ASP C 249 -15.70 1.68 33.63
C ASP C 249 -17.14 2.02 34.11
N ARG C 250 -17.27 2.59 35.31
CA ARG C 250 -18.58 3.01 35.78
C ARG C 250 -19.24 3.92 34.73
N ASP C 251 -18.50 4.94 34.31
CA ASP C 251 -18.97 5.89 33.29
C ASP C 251 -19.35 5.15 32.03
N TRP C 252 -18.51 4.18 31.64
CA TRP C 252 -18.78 3.38 30.42
C TRP C 252 -20.11 2.65 30.50
N TYR C 253 -20.38 1.99 31.64
CA TYR C 253 -21.63 1.24 31.78
C TYR C 253 -22.87 2.11 31.76
N TRP C 254 -22.81 3.23 32.45
CA TRP C 254 -23.91 4.20 32.47
C TRP C 254 -24.20 4.75 31.08
N LYS C 255 -23.14 5.11 30.36
CA LYS C 255 -23.28 5.51 28.96
C LYS C 255 -23.92 4.41 28.11
N ALA C 256 -23.58 3.15 28.38
CA ALA C 256 -24.14 2.04 27.63
C ALA C 256 -25.63 1.80 27.88
N TYR C 257 -26.11 2.04 29.11
CA TYR C 257 -27.51 1.72 29.47
C TYR C 257 -28.45 2.88 29.22
N LEU C 258 -27.97 4.07 29.57
CA LEU C 258 -28.81 5.25 29.53
C LEU C 258 -29.09 5.67 28.10
N PRO C 259 -30.17 6.44 27.90
CA PRO C 259 -30.45 6.96 26.54
C PRO C 259 -29.23 7.68 26.00
N GLU C 260 -29.06 7.63 24.67
CA GLU C 260 -27.89 8.21 24.02
C GLU C 260 -27.75 9.69 24.33
N ASP C 261 -28.87 10.39 24.46
CA ASP C 261 -28.84 11.82 24.75
C ASP C 261 -28.75 12.18 26.23
N ALA C 262 -28.80 11.17 27.11
CA ALA C 262 -28.94 11.37 28.56
C ALA C 262 -27.61 11.57 29.26
N ASP C 263 -27.67 12.00 30.52
CA ASP C 263 -26.48 11.99 31.36
C ASP C 263 -26.76 11.25 32.68
N ARG C 264 -25.78 11.25 33.58
CA ARG C 264 -25.88 10.41 34.79
C ARG C 264 -26.87 10.97 35.82
N ASP C 265 -27.46 12.13 35.54
CA ASP C 265 -28.58 12.64 36.35
C ASP C 265 -29.94 12.21 35.79
N HIS C 266 -29.94 11.41 34.74
CA HIS C 266 -31.15 10.75 34.36
C HIS C 266 -31.65 9.99 35.60
N PRO C 267 -32.99 10.01 35.89
CA PRO C 267 -33.56 9.36 37.09
C PRO C 267 -33.35 7.85 37.21
N ALA C 268 -33.03 7.17 36.10
CA ALA C 268 -32.78 5.74 36.17
C ALA C 268 -31.47 5.52 36.94
N CYS C 269 -30.54 6.42 36.74
CA CYS C 269 -29.22 6.36 37.32
C CYS C 269 -29.19 7.02 38.68
N ASN C 270 -29.83 8.19 38.77
CA ASN C 270 -29.79 9.01 39.98
C ASN C 270 -31.22 9.29 40.46
N PRO C 271 -31.87 8.28 41.06
CA PRO C 271 -33.33 8.34 41.31
C PRO C 271 -33.78 9.46 42.28
N PHE C 272 -32.88 9.96 43.12
CA PHE C 272 -33.17 11.06 44.05
C PHE C 272 -32.30 12.28 43.80
N GLY C 273 -31.74 12.39 42.61
CA GLY C 273 -31.01 13.60 42.26
C GLY C 273 -31.91 14.64 41.60
N PRO C 274 -31.28 15.65 40.96
CA PRO C 274 -31.91 16.82 40.36
C PRO C 274 -33.16 16.53 39.53
N ASN C 275 -33.27 15.30 39.02
CA ASN C 275 -34.35 14.93 38.10
C ASN C 275 -35.23 13.79 38.59
N GLY C 276 -35.00 13.35 39.83
CA GLY C 276 -35.77 12.24 40.41
C GLY C 276 -36.87 12.62 41.39
N ARG C 277 -37.95 11.83 41.39
CA ARG C 277 -39.09 12.00 42.31
C ARG C 277 -38.87 11.43 43.74
N ARG C 278 -39.64 11.97 44.69
CA ARG C 278 -39.65 11.49 46.04
C ARG C 278 -40.82 10.52 46.14
N LEU C 279 -40.73 9.54 47.02
CA LEU C 279 -41.66 8.41 46.98
C LEU C 279 -42.51 8.27 48.24
N GLY C 280 -42.39 9.26 49.12
CA GLY C 280 -43.28 9.36 50.27
C GLY C 280 -44.70 9.51 49.74
N GLY C 281 -45.59 8.65 50.21
CA GLY C 281 -46.94 8.65 49.70
C GLY C 281 -47.24 7.32 49.03
N LEU C 282 -46.19 6.64 48.56
CA LEU C 282 -46.35 5.33 47.91
C LEU C 282 -46.28 4.17 48.88
N PRO C 283 -47.09 3.13 48.65
CA PRO C 283 -46.98 1.90 49.41
C PRO C 283 -45.70 1.10 49.02
N PHE C 284 -44.54 1.74 49.19
CA PHE C 284 -43.25 1.16 48.81
C PHE C 284 -42.77 0.12 49.80
N ALA C 285 -42.37 -1.04 49.26
CA ALA C 285 -41.74 -2.15 50.00
C ALA C 285 -40.74 -1.76 51.09
N LYS C 286 -40.60 -2.62 52.10
CA LYS C 286 -39.47 -2.52 53.04
C LYS C 286 -38.15 -2.79 52.28
N SER C 287 -37.07 -2.12 52.68
CA SER C 287 -35.77 -2.26 52.04
C SER C 287 -34.72 -2.88 52.97
N LEU C 288 -34.01 -3.90 52.49
CA LEU C 288 -32.73 -4.37 53.09
C LEU C 288 -31.64 -3.96 52.10
N ILE C 289 -30.81 -3.00 52.52
CA ILE C 289 -29.80 -2.38 51.66
C ILE C 289 -28.41 -2.76 52.14
N ILE C 290 -27.75 -3.62 51.37
CA ILE C 290 -26.43 -4.14 51.73
C ILE C 290 -25.37 -3.39 50.94
N VAL C 291 -24.35 -2.85 51.65
CA VAL C 291 -23.43 -1.86 51.09
C VAL C 291 -21.99 -2.24 51.43
N SER C 292 -21.21 -2.50 50.38
CA SER C 292 -19.81 -2.79 50.52
C SER C 292 -19.07 -1.49 50.75
N GLY C 293 -18.29 -1.45 51.82
CA GLY C 293 -17.49 -0.28 52.19
C GLY C 293 -16.37 -0.01 51.22
N LEU C 294 -15.88 -1.05 50.53
CA LEU C 294 -14.82 -0.86 49.51
C LEU C 294 -15.36 -0.83 48.06
N ASP C 295 -16.69 -0.66 47.91
CA ASP C 295 -17.34 -0.32 46.62
C ASP C 295 -17.29 1.20 46.54
N LEU C 296 -16.65 1.71 45.48
CA LEU C 296 -16.42 3.18 45.35
C LEU C 296 -17.72 3.98 45.30
N THR C 297 -18.83 3.31 45.01
CA THR C 297 -20.11 3.98 44.99
C THR C 297 -20.91 3.87 46.32
N CYS C 298 -20.27 3.48 47.42
CA CYS C 298 -21.00 3.29 48.67
C CYS C 298 -21.71 4.58 49.13
N ASP C 299 -21.09 5.74 48.91
CA ASP C 299 -21.76 7.00 49.32
C ASP C 299 -23.15 7.11 48.73
N ARG C 300 -23.28 6.81 47.45
CA ARG C 300 -24.59 6.94 46.78
C ARG C 300 -25.59 5.92 47.25
N GLN C 301 -25.13 4.73 47.62
CA GLN C 301 -26.03 3.71 48.13
C GLN C 301 -26.60 4.14 49.50
N LEU C 302 -25.76 4.77 50.30
CA LEU C 302 -26.19 5.26 51.63
C LEU C 302 -27.15 6.44 51.47
N ALA C 303 -26.89 7.31 50.51
CA ALA C 303 -27.76 8.46 50.23
C ALA C 303 -29.11 8.00 49.74
N TYR C 304 -29.12 6.95 48.92
CA TYR C 304 -30.38 6.36 48.50
C TYR C 304 -31.18 5.83 49.71
N ALA C 305 -30.51 5.18 50.66
CA ALA C 305 -31.18 4.64 51.85
C ALA C 305 -31.74 5.79 52.69
N ASP C 306 -30.92 6.81 52.90
CA ASP C 306 -31.31 8.03 53.63
C ASP C 306 -32.57 8.61 53.03
N ALA C 307 -32.60 8.77 51.71
CA ALA C 307 -33.76 9.36 51.04
C ALA C 307 -35.02 8.52 51.23
N LEU C 308 -34.89 7.20 51.16
CA LEU C 308 -36.05 6.33 51.38
C LEU C 308 -36.57 6.53 52.81
N ARG C 309 -35.65 6.68 53.75
CA ARG C 309 -35.96 6.88 55.16
C ARG C 309 -36.70 8.22 55.32
N GLU C 310 -36.08 9.29 54.81
CA GLU C 310 -36.73 10.60 54.74
C GLU C 310 -38.15 10.55 54.13
N ASP C 311 -38.38 9.66 53.17
CA ASP C 311 -39.69 9.57 52.52
C ASP C 311 -40.69 8.74 53.30
N GLY C 312 -40.29 8.26 54.47
CA GLY C 312 -41.18 7.52 55.35
C GLY C 312 -41.18 6.01 55.21
N HIS C 313 -40.18 5.46 54.51
CA HIS C 313 -40.21 4.03 54.22
C HIS C 313 -39.33 3.25 55.17
N HIS C 314 -39.59 1.94 55.25
CA HIS C 314 -38.89 1.09 56.17
C HIS C 314 -37.58 0.54 55.55
N VAL C 315 -36.45 0.96 56.13
CA VAL C 315 -35.11 0.69 55.57
C VAL C 315 -34.24 0.04 56.63
N LYS C 316 -33.51 -0.99 56.25
CA LYS C 316 -32.42 -1.53 57.08
C LYS C 316 -31.14 -1.57 56.23
N VAL C 317 -30.15 -0.82 56.66
CA VAL C 317 -28.89 -0.78 55.94
C VAL C 317 -27.91 -1.71 56.64
N VAL C 318 -27.34 -2.65 55.89
CA VAL C 318 -26.22 -3.42 56.40
C VAL C 318 -24.93 -2.94 55.72
N GLN C 319 -24.04 -2.30 56.48
CA GLN C 319 -22.77 -1.80 55.93
C GLN C 319 -21.67 -2.78 56.25
N CYS C 320 -21.02 -3.27 55.20
CA CYS C 320 -19.99 -4.26 55.35
C CYS C 320 -18.68 -3.57 55.07
N GLU C 321 -18.09 -3.02 56.13
CA GLU C 321 -16.99 -2.06 55.98
C GLU C 321 -15.75 -2.61 55.23
N ASN C 322 -15.48 -3.91 55.39
CA ASN C 322 -14.29 -4.55 54.83
C ASN C 322 -14.53 -5.25 53.49
N ALA C 323 -15.77 -5.18 52.98
CA ALA C 323 -16.15 -5.90 51.77
C ALA C 323 -15.89 -5.14 50.47
N THR C 324 -15.45 -5.89 49.44
CA THR C 324 -15.35 -5.36 48.08
C THR C 324 -16.66 -5.73 47.36
N VAL C 325 -16.82 -5.27 46.12
CA VAL C 325 -17.85 -5.86 45.26
C VAL C 325 -17.68 -7.38 45.24
N GLY C 326 -18.78 -8.08 45.00
CA GLY C 326 -18.78 -9.52 44.81
C GLY C 326 -18.66 -10.39 46.03
N PHE C 327 -18.49 -9.77 47.21
CA PHE C 327 -18.23 -10.56 48.43
C PHE C 327 -19.29 -11.63 48.77
N TYR C 328 -20.53 -11.35 48.40
CA TYR C 328 -21.65 -12.27 48.60
C TYR C 328 -21.60 -13.50 47.67
N LEU C 329 -20.58 -13.56 46.80
CA LEU C 329 -20.51 -14.62 45.80
C LEU C 329 -19.66 -15.82 46.26
N LEU C 330 -18.91 -15.63 47.34
CA LEU C 330 -18.00 -16.65 47.85
C LEU C 330 -18.18 -16.66 49.35
N PRO C 331 -18.34 -17.85 49.94
CA PRO C 331 -18.55 -17.98 51.39
C PRO C 331 -17.25 -17.94 52.19
N ASN C 332 -16.55 -16.82 52.18
CA ASN C 332 -15.18 -16.77 52.67
C ASN C 332 -14.78 -15.53 53.45
N THR C 333 -15.77 -14.76 53.90
CA THR C 333 -15.55 -13.64 54.80
C THR C 333 -16.67 -13.62 55.84
N VAL C 334 -16.45 -12.87 56.93
CA VAL C 334 -17.47 -12.69 57.95
C VAL C 334 -18.66 -11.97 57.33
N HIS C 335 -18.40 -11.04 56.41
CA HIS C 335 -19.46 -10.28 55.77
C HIS C 335 -20.40 -11.16 55.00
N TYR C 336 -19.88 -12.16 54.30
CA TYR C 336 -20.72 -13.12 53.63
C TYR C 336 -21.72 -13.72 54.62
N HIS C 337 -21.22 -14.26 55.74
CA HIS C 337 -22.07 -14.99 56.67
C HIS C 337 -23.06 -14.02 57.28
N GLU C 338 -22.57 -12.82 57.61
CA GLU C 338 -23.41 -11.78 58.20
C GLU C 338 -24.61 -11.43 57.32
N VAL C 339 -24.33 -11.24 56.03
CA VAL C 339 -25.36 -10.84 55.08
C VAL C 339 -26.37 -11.95 54.81
N MET C 340 -25.92 -13.20 54.72
CA MET C 340 -26.83 -14.32 54.53
C MET C 340 -27.80 -14.43 55.71
N GLU C 341 -27.27 -14.25 56.92
CA GLU C 341 -28.14 -14.21 58.13
C GLU C 341 -29.12 -13.03 58.11
N GLU C 342 -28.63 -11.83 57.81
CA GLU C 342 -29.52 -10.64 57.63
C GLU C 342 -30.66 -10.87 56.65
N ILE C 343 -30.34 -11.45 55.49
CA ILE C 343 -31.35 -11.78 54.49
C ILE C 343 -32.34 -12.82 55.04
N SER C 344 -31.80 -13.89 55.64
CA SER C 344 -32.60 -14.91 56.30
C SER C 344 -33.55 -14.26 57.28
N ASP C 345 -33.02 -13.45 58.19
CA ASP C 345 -33.85 -12.71 59.16
C ASP C 345 -34.93 -11.88 58.49
N PHE C 346 -34.55 -11.06 57.51
CA PHE C 346 -35.45 -10.15 56.79
C PHE C 346 -36.60 -10.88 56.10
N LEU C 347 -36.30 -12.02 55.49
CA LEU C 347 -37.32 -12.86 54.87
C LEU C 347 -38.22 -13.46 55.97
N ASN C 348 -37.61 -14.14 56.95
CA ASN C 348 -38.34 -14.71 58.08
C ASN C 348 -39.26 -13.72 58.79
N ALA C 349 -38.73 -12.55 59.13
CA ALA C 349 -39.52 -11.54 59.84
C ALA C 349 -40.72 -11.09 59.01
N ASN C 350 -40.60 -11.23 57.69
CA ASN C 350 -41.62 -10.77 56.74
C ASN C 350 -42.31 -11.94 56.00
N VAL D 14 7.15 -12.35 36.77
CA VAL D 14 7.58 -13.15 35.56
C VAL D 14 6.38 -13.84 34.87
N VAL D 15 5.37 -14.17 35.66
CA VAL D 15 4.14 -14.70 35.09
C VAL D 15 3.21 -13.52 34.75
N PRO D 16 2.70 -13.46 33.51
CA PRO D 16 1.77 -12.37 33.14
C PRO D 16 0.57 -12.39 34.07
N LEU D 17 0.04 -11.21 34.41
CA LEU D 17 -1.00 -11.12 35.42
C LEU D 17 -2.25 -11.92 35.04
N HIS D 18 -2.68 -11.87 33.78
CA HIS D 18 -3.90 -12.59 33.45
C HIS D 18 -3.65 -14.11 33.59
N THR D 19 -2.45 -14.58 33.22
CA THR D 19 -2.09 -15.98 33.40
C THR D 19 -2.14 -16.40 34.88
N TRP D 20 -1.49 -15.61 35.73
CA TRP D 20 -1.45 -15.91 37.12
C TRP D 20 -2.87 -15.96 37.66
N VAL D 21 -3.72 -15.03 37.26
CA VAL D 21 -5.12 -15.01 37.75
C VAL D 21 -5.93 -16.27 37.32
N LEU D 22 -5.87 -16.58 36.03
CA LEU D 22 -6.59 -17.72 35.45
C LEU D 22 -6.11 -19.05 36.07
N ILE D 23 -4.81 -19.31 36.01
CA ILE D 23 -4.31 -20.61 36.55
C ILE D 23 -4.50 -20.70 38.08
N SER D 24 -4.35 -19.60 38.81
CA SER D 24 -4.62 -19.63 40.25
C SER D 24 -6.10 -19.90 40.53
N ASN D 25 -6.99 -19.41 39.69
CA ASN D 25 -8.42 -19.69 39.86
C ASN D 25 -8.65 -21.22 39.75
N PHE D 26 -8.01 -21.85 38.78
CA PHE D 26 -8.05 -23.34 38.68
C PHE D 26 -7.43 -24.03 39.90
N LYS D 27 -6.21 -23.61 40.27
CA LYS D 27 -5.49 -24.21 41.39
C LYS D 27 -6.30 -24.18 42.69
N LEU D 28 -6.80 -23.01 43.06
CA LEU D 28 -7.61 -22.87 44.28
C LEU D 28 -8.92 -23.67 44.23
N SER D 29 -9.59 -23.66 43.09
CA SER D 29 -10.81 -24.46 42.93
C SER D 29 -10.47 -25.97 43.05
N TYR D 30 -9.44 -26.42 42.33
CA TYR D 30 -9.09 -27.85 42.37
C TYR D 30 -8.67 -28.31 43.77
N ASN D 31 -8.03 -27.43 44.54
CA ASN D 31 -7.67 -27.70 45.96
C ASN D 31 -8.89 -28.23 46.74
N ILE D 32 -10.05 -27.65 46.48
CA ILE D 32 -11.27 -28.02 47.18
C ILE D 32 -11.90 -29.33 46.65
N LEU D 33 -11.52 -29.75 45.44
CA LEU D 33 -12.23 -30.86 44.78
C LEU D 33 -11.58 -32.22 45.06
N ARG D 34 -10.27 -32.20 45.27
CA ARG D 34 -9.54 -33.40 45.65
C ARG D 34 -9.80 -33.65 47.14
N ARG D 35 -10.24 -34.85 47.47
CA ARG D 35 -10.42 -35.23 48.87
C ARG D 35 -9.18 -36.02 49.31
N ALA D 36 -8.83 -35.86 50.58
CA ALA D 36 -7.64 -36.47 51.17
C ALA D 36 -7.64 -38.00 51.03
N ASP D 37 -8.81 -38.63 50.99
CA ASP D 37 -8.87 -40.09 50.89
C ASP D 37 -8.74 -40.59 49.43
N GLY D 38 -8.50 -39.68 48.47
CA GLY D 38 -8.33 -40.07 47.07
C GLY D 38 -9.59 -40.16 46.22
N THR D 39 -10.71 -39.79 46.82
CA THR D 39 -11.96 -39.64 46.09
C THR D 39 -12.13 -38.18 45.63
N PHE D 40 -13.15 -37.90 44.84
CA PHE D 40 -13.24 -36.61 44.14
C PHE D 40 -14.63 -35.99 44.20
N GLU D 41 -14.68 -34.66 44.39
CA GLU D 41 -15.95 -33.95 44.41
C GLU D 41 -16.45 -33.78 42.98
N ARG D 42 -16.86 -34.88 42.33
CA ARG D 42 -17.28 -34.83 40.91
C ARG D 42 -18.43 -33.88 40.62
N ASP D 43 -19.50 -33.97 41.42
CA ASP D 43 -20.68 -33.17 41.16
C ASP D 43 -20.37 -31.68 41.23
N LEU D 44 -19.52 -31.30 42.18
CA LEU D 44 -19.14 -29.90 42.35
C LEU D 44 -18.21 -29.49 41.22
N GLY D 45 -17.22 -30.34 40.94
CA GLY D 45 -16.31 -30.10 39.80
C GLY D 45 -17.04 -29.80 38.51
N GLU D 46 -18.06 -30.60 38.20
CA GLU D 46 -18.88 -30.42 36.97
C GLU D 46 -19.64 -29.14 37.03
N TYR D 47 -20.16 -28.82 38.22
CA TYR D 47 -20.94 -27.63 38.40
C TYR D 47 -20.07 -26.38 38.17
N LEU D 48 -18.83 -26.40 38.64
CA LEU D 48 -17.93 -25.23 38.61
C LEU D 48 -17.09 -25.07 37.37
N ASP D 49 -17.00 -26.10 36.53
CA ASP D 49 -16.18 -25.96 35.32
C ASP D 49 -16.77 -24.91 34.38
N ARG D 50 -15.89 -24.19 33.69
CA ARG D 50 -16.36 -23.27 32.68
C ARG D 50 -16.37 -23.99 31.33
N ARG D 51 -17.56 -24.15 30.79
CA ARG D 51 -17.80 -24.91 29.56
C ARG D 51 -18.62 -24.12 28.55
N VAL D 52 -18.54 -24.48 27.27
CA VAL D 52 -19.38 -23.82 26.23
C VAL D 52 -20.07 -24.85 25.35
N PRO D 53 -21.22 -24.48 24.77
CA PRO D 53 -21.91 -25.46 23.95
C PRO D 53 -21.23 -25.52 22.58
N ALA D 54 -21.43 -26.60 21.84
CA ALA D 54 -21.09 -26.65 20.43
C ALA D 54 -22.05 -25.69 19.73
N ASN D 55 -21.68 -25.19 18.54
CA ASN D 55 -22.55 -24.34 17.77
C ASN D 55 -22.17 -24.38 16.28
N ALA D 56 -23.11 -24.83 15.45
CA ALA D 56 -22.94 -24.88 14.01
C ALA D 56 -22.72 -23.52 13.37
N ARG D 57 -23.28 -22.48 14.01
CA ARG D 57 -23.06 -21.10 13.57
C ARG D 57 -21.62 -20.66 13.89
N PRO D 58 -20.88 -20.23 12.85
CA PRO D 58 -19.46 -19.94 13.01
C PRO D 58 -19.24 -18.85 14.02
N LEU D 59 -18.21 -18.98 14.85
CA LEU D 59 -17.75 -17.84 15.63
C LEU D 59 -16.29 -17.55 15.27
N GLU D 60 -16.02 -16.33 14.81
CA GLU D 60 -14.71 -16.01 14.25
C GLU D 60 -14.24 -17.06 13.25
N GLY D 61 -15.14 -17.57 12.43
CA GLY D 61 -14.73 -18.40 11.31
C GLY D 61 -14.75 -19.91 11.59
N VAL D 62 -15.06 -20.32 12.82
CA VAL D 62 -15.01 -21.73 13.18
C VAL D 62 -16.35 -22.17 13.74
N SER D 63 -16.82 -23.35 13.32
CA SER D 63 -18.03 -23.99 13.81
C SER D 63 -17.68 -25.26 14.54
N SER D 64 -18.57 -25.76 15.40
CA SER D 64 -18.34 -26.98 16.17
C SER D 64 -19.58 -27.85 16.30
N PHE D 65 -19.38 -29.14 16.49
CA PHE D 65 -20.45 -30.15 16.47
C PHE D 65 -20.10 -31.22 17.45
N ASP D 66 -21.00 -31.53 18.37
CA ASP D 66 -20.82 -32.69 19.26
C ASP D 66 -21.38 -33.94 18.61
N HIS D 67 -20.67 -35.05 18.77
CA HIS D 67 -21.11 -36.32 18.18
C HIS D 67 -20.74 -37.48 19.09
N ILE D 68 -21.73 -38.33 19.42
CA ILE D 68 -21.42 -39.62 20.07
C ILE D 68 -20.90 -40.60 19.01
N ILE D 69 -19.76 -41.22 19.30
CA ILE D 69 -19.03 -42.05 18.36
C ILE D 69 -18.94 -43.51 18.82
N ASP D 70 -19.18 -43.75 20.11
CA ASP D 70 -19.39 -45.10 20.62
C ASP D 70 -20.54 -45.05 21.62
N GLN D 71 -21.75 -45.31 21.12
CA GLN D 71 -22.99 -45.33 21.93
C GLN D 71 -22.92 -46.33 23.11
N SER D 72 -22.22 -47.44 22.91
CA SER D 72 -22.00 -48.43 23.98
C SER D 72 -21.42 -47.78 25.24
N VAL D 73 -20.90 -46.57 25.10
CA VAL D 73 -20.33 -45.84 26.23
C VAL D 73 -20.82 -44.40 26.21
N GLY D 74 -21.28 -43.96 25.05
CA GLY D 74 -21.52 -42.53 24.87
C GLY D 74 -20.19 -41.84 24.97
N LEU D 75 -19.20 -42.34 24.24
CA LEU D 75 -18.00 -41.57 24.01
C LEU D 75 -18.40 -40.47 23.02
N GLU D 76 -18.21 -39.22 23.44
CA GLU D 76 -18.58 -38.04 22.67
C GLU D 76 -17.30 -37.36 22.20
N VAL D 77 -17.36 -36.72 21.04
CA VAL D 77 -16.25 -35.84 20.60
C VAL D 77 -16.89 -34.53 20.20
N ARG D 78 -16.09 -33.46 20.22
CA ARG D 78 -16.49 -32.20 19.62
C ARG D 78 -15.61 -31.95 18.38
N ILE D 79 -16.28 -31.68 17.27
CA ILE D 79 -15.63 -31.48 15.97
C ILE D 79 -15.69 -30.02 15.58
N TYR D 80 -14.55 -29.49 15.17
CA TYR D 80 -14.37 -28.12 14.80
C TYR D 80 -13.89 -28.07 13.35
N ARG D 81 -14.40 -27.10 12.60
CA ARG D 81 -13.95 -26.87 11.21
C ARG D 81 -14.21 -25.40 10.83
N ALA D 82 -13.44 -24.87 9.89
CA ALA D 82 -13.77 -23.55 9.35
C ALA D 82 -15.13 -23.65 8.67
N ALA D 83 -15.93 -22.61 8.76
CA ALA D 83 -17.25 -22.58 8.10
C ALA D 83 -17.62 -21.12 7.97
N ALA D 108 -13.88 -31.89 0.89
CA ALA D 108 -12.94 -30.78 0.71
C ALA D 108 -12.07 -31.07 -0.50
N ALA D 109 -11.62 -30.01 -1.17
CA ALA D 109 -10.83 -30.17 -2.38
C ALA D 109 -9.37 -30.55 -2.12
N GLU D 110 -8.69 -29.82 -1.23
CA GLU D 110 -7.25 -30.05 -0.98
C GLU D 110 -7.05 -30.85 0.31
N PRO D 111 -6.01 -31.74 0.36
CA PRO D 111 -5.71 -32.50 1.58
C PRO D 111 -5.56 -31.55 2.82
N PHE D 112 -6.02 -32.04 3.96
CA PHE D 112 -6.00 -31.24 5.21
C PHE D 112 -5.70 -32.16 6.39
N PRO D 113 -5.11 -31.60 7.48
CA PRO D 113 -4.86 -32.42 8.66
C PRO D 113 -6.13 -32.57 9.52
N VAL D 114 -6.29 -33.75 10.10
CA VAL D 114 -7.22 -33.91 11.21
C VAL D 114 -6.41 -34.01 12.48
N ILE D 115 -6.66 -33.13 13.44
CA ILE D 115 -5.96 -33.21 14.71
C ILE D 115 -6.91 -33.84 15.72
N ILE D 116 -6.54 -34.98 16.30
CA ILE D 116 -7.37 -35.53 17.37
C ILE D 116 -6.76 -35.01 18.66
N PHE D 117 -7.55 -34.28 19.42
CA PHE D 117 -7.04 -33.59 20.59
C PHE D 117 -7.57 -34.20 21.87
N PHE D 118 -6.68 -34.38 22.86
CA PHE D 118 -7.05 -34.83 24.17
C PHE D 118 -6.75 -33.73 25.18
N HIS D 119 -7.80 -33.23 25.81
CA HIS D 119 -7.65 -32.18 26.85
C HIS D 119 -6.81 -32.59 28.08
N GLY D 120 -6.26 -31.58 28.76
CA GLY D 120 -5.51 -31.80 29.99
C GLY D 120 -6.44 -31.78 31.19
N GLY D 121 -5.89 -31.62 32.39
CA GLY D 121 -6.69 -31.84 33.59
C GLY D 121 -6.21 -33.01 34.43
N SER D 122 -5.00 -33.47 34.16
CA SER D 122 -4.36 -34.47 35.00
C SER D 122 -5.20 -35.76 35.18
N PHE D 123 -5.95 -36.11 34.13
CA PHE D 123 -6.79 -37.35 34.03
C PHE D 123 -8.15 -37.23 34.67
N VAL D 124 -8.33 -36.17 35.47
CA VAL D 124 -9.47 -36.03 36.39
C VAL D 124 -10.42 -34.88 35.99
N HIS D 125 -9.83 -33.77 35.53
CA HIS D 125 -10.59 -32.53 35.31
C HIS D 125 -10.87 -32.25 33.83
N SER D 126 -11.83 -31.37 33.58
CA SER D 126 -12.04 -30.75 32.27
C SER D 126 -12.76 -31.67 31.29
N SER D 127 -13.04 -31.15 30.11
CA SER D 127 -13.99 -31.76 29.18
C SER D 127 -13.65 -31.19 27.80
N ALA D 128 -14.16 -31.81 26.75
CA ALA D 128 -13.97 -31.25 25.39
C ALA D 128 -14.76 -29.94 25.36
N SER D 129 -15.74 -29.82 26.25
CA SER D 129 -16.54 -28.61 26.23
C SER D 129 -15.95 -27.50 27.13
N SER D 130 -14.89 -27.79 27.88
CA SER D 130 -14.26 -26.77 28.74
C SER D 130 -13.83 -25.62 27.84
N THR D 131 -14.17 -24.39 28.23
CA THR D 131 -13.84 -23.24 27.39
C THR D 131 -12.34 -23.12 27.04
N ILE D 132 -11.46 -23.36 27.99
CA ILE D 132 -10.05 -23.26 27.68
C ILE D 132 -9.67 -24.16 26.51
N TYR D 133 -10.30 -25.33 26.43
CA TYR D 133 -9.93 -26.27 25.39
C TYR D 133 -10.72 -26.10 24.12
N ASP D 134 -11.98 -25.67 24.26
CA ASP D 134 -12.78 -25.28 23.09
C ASP D 134 -12.01 -24.18 22.34
N SER D 135 -11.47 -23.23 23.09
CA SER D 135 -10.75 -22.09 22.52
C SER D 135 -9.41 -22.52 21.85
N LEU D 136 -8.65 -23.37 22.52
CA LEU D 136 -7.42 -23.96 21.94
C LEU D 136 -7.74 -24.70 20.62
N CYS D 137 -8.80 -25.48 20.63
CA CYS D 137 -9.18 -26.28 19.43
C CYS D 137 -9.60 -25.32 18.29
N ARG D 138 -10.28 -24.21 18.62
CA ARG D 138 -10.62 -23.24 17.56
C ARG D 138 -9.35 -22.63 16.99
N ARG D 139 -8.41 -22.28 17.86
CA ARG D 139 -7.08 -21.79 17.42
C ARG D 139 -6.40 -22.83 16.50
N PHE D 140 -6.49 -24.10 16.88
CA PHE D 140 -5.87 -25.16 16.06
C PHE D 140 -6.51 -25.25 14.67
N VAL D 141 -7.82 -25.09 14.59
CA VAL D 141 -8.45 -25.07 13.24
C VAL D 141 -7.86 -23.92 12.39
N LYS D 142 -7.77 -22.74 12.99
CA LYS D 142 -7.25 -21.59 12.25
C LYS D 142 -5.78 -21.77 11.81
N LEU D 143 -4.94 -22.38 12.65
CA LEU D 143 -3.51 -22.61 12.35
C LEU D 143 -3.32 -23.69 11.29
N SER D 144 -4.18 -24.70 11.35
CA SER D 144 -4.00 -25.95 10.59
C SER D 144 -4.71 -25.96 9.25
N LYS D 145 -5.72 -25.10 9.13
CA LYS D 145 -6.71 -25.11 8.06
C LYS D 145 -7.32 -26.52 7.87
N GLY D 146 -7.46 -27.24 8.98
CA GLY D 146 -7.93 -28.60 8.96
C GLY D 146 -9.09 -28.81 9.89
N VAL D 147 -9.20 -30.03 10.42
CA VAL D 147 -10.35 -30.38 11.29
C VAL D 147 -9.79 -30.82 12.61
N VAL D 148 -10.45 -30.42 13.69
CA VAL D 148 -10.02 -30.86 15.02
C VAL D 148 -11.08 -31.70 15.66
N VAL D 149 -10.64 -32.82 16.24
CA VAL D 149 -11.57 -33.73 16.91
C VAL D 149 -11.16 -33.83 18.37
N SER D 150 -11.96 -33.22 19.22
CA SER D 150 -11.66 -33.15 20.63
C SER D 150 -12.44 -34.20 21.40
N VAL D 151 -11.67 -35.07 22.06
CA VAL D 151 -12.19 -36.31 22.64
C VAL D 151 -12.56 -36.15 24.11
N ASN D 152 -13.84 -36.38 24.39
CA ASN D 152 -14.36 -36.30 25.75
C ASN D 152 -14.09 -37.63 26.45
N TYR D 153 -12.82 -37.91 26.72
CA TYR D 153 -12.42 -39.18 27.29
C TYR D 153 -12.88 -39.39 28.75
N ARG D 154 -13.06 -40.66 29.14
CA ARG D 154 -13.51 -41.00 30.49
C ARG D 154 -12.44 -40.68 31.50
N ARG D 155 -12.85 -40.08 32.61
CA ARG D 155 -11.91 -39.52 33.60
C ARG D 155 -11.80 -40.30 34.91
N ALA D 156 -10.62 -40.27 35.49
CA ALA D 156 -10.39 -40.75 36.84
C ALA D 156 -11.00 -39.78 37.88
N PRO D 157 -11.13 -40.21 39.16
CA PRO D 157 -10.78 -41.55 39.71
C PRO D 157 -11.81 -42.64 39.36
N GLU D 158 -12.97 -42.19 38.91
CA GLU D 158 -14.11 -43.01 38.55
C GLU D 158 -13.84 -43.99 37.42
N HIS D 159 -12.94 -43.61 36.50
CA HIS D 159 -12.47 -44.49 35.43
C HIS D 159 -10.96 -44.50 35.42
N ARG D 160 -10.38 -45.61 35.82
CA ARG D 160 -8.94 -45.69 35.95
C ARG D 160 -8.32 -46.18 34.65
N TYR D 161 -7.00 -46.22 34.61
CA TYR D 161 -6.30 -46.89 33.56
C TYR D 161 -7.00 -48.25 33.21
N PRO D 162 -7.15 -48.59 31.90
CA PRO D 162 -6.71 -47.84 30.73
C PRO D 162 -7.85 -47.18 29.94
N CYS D 163 -8.93 -46.81 30.60
CA CYS D 163 -10.14 -46.33 29.93
C CYS D 163 -9.83 -45.15 28.99
N ALA D 164 -8.96 -44.23 29.42
CA ALA D 164 -8.66 -43.03 28.64
C ALA D 164 -8.01 -43.43 27.32
N TYR D 165 -7.03 -44.32 27.42
CA TYR D 165 -6.34 -44.86 26.24
C TYR D 165 -7.23 -45.61 25.27
N ASP D 166 -8.18 -46.38 25.79
CA ASP D 166 -9.14 -47.11 24.97
C ASP D 166 -10.02 -46.13 24.23
N ASP D 167 -10.42 -45.06 24.93
CA ASP D 167 -11.27 -44.03 24.33
C ASP D 167 -10.51 -43.31 23.21
N GLY D 168 -9.21 -43.09 23.39
CA GLY D 168 -8.41 -42.48 22.35
C GLY D 168 -8.39 -43.34 21.11
N TRP D 169 -8.28 -44.65 21.33
CA TRP D 169 -8.24 -45.62 20.24
C TRP D 169 -9.57 -45.64 19.54
N THR D 170 -10.68 -45.63 20.28
CA THR D 170 -11.99 -45.61 19.61
C THR D 170 -12.06 -44.39 18.68
N ALA D 171 -11.55 -43.25 19.17
CA ALA D 171 -11.65 -42.00 18.44
C ALA D 171 -10.81 -42.05 17.17
N LEU D 172 -9.57 -42.53 17.31
CA LEU D 172 -8.70 -42.69 16.14
C LEU D 172 -9.33 -43.53 15.04
N LYS D 173 -9.78 -44.73 15.41
CA LYS D 173 -10.40 -45.65 14.45
C LYS D 173 -11.58 -45.00 13.79
N TRP D 174 -12.37 -44.29 14.60
CA TRP D 174 -13.57 -43.67 14.11
C TRP D 174 -13.25 -42.61 13.06
N VAL D 175 -12.23 -41.79 13.34
CA VAL D 175 -11.81 -40.72 12.42
C VAL D 175 -11.30 -41.33 11.12
N MET D 176 -10.42 -42.32 11.23
CA MET D 176 -9.90 -43.06 10.06
C MET D 176 -11.00 -43.58 9.13
N SER D 177 -12.17 -43.87 9.70
CA SER D 177 -13.27 -44.50 8.98
C SER D 177 -14.18 -43.51 8.26
N GLN D 178 -14.11 -42.23 8.61
CA GLN D 178 -15.04 -41.24 8.06
C GLN D 178 -14.51 -40.53 6.81
N PRO D 179 -15.31 -40.60 5.71
CA PRO D 179 -14.93 -39.94 4.46
C PRO D 179 -14.83 -38.42 4.60
N PHE D 180 -15.58 -37.84 5.54
CA PHE D 180 -15.52 -36.39 5.70
C PHE D 180 -14.26 -35.92 6.44
N MET D 181 -13.49 -36.87 6.97
CA MET D 181 -12.23 -36.59 7.67
C MET D 181 -11.03 -36.52 6.74
N ARG D 182 -11.30 -36.54 5.42
CA ARG D 182 -10.20 -36.47 4.44
C ARG D 182 -10.71 -35.81 3.18
N SER D 183 -9.80 -35.22 2.40
CA SER D 183 -10.26 -34.57 1.18
C SER D 183 -10.75 -35.60 0.13
N GLY D 184 -11.50 -35.09 -0.85
CA GLY D 184 -12.05 -35.92 -1.95
C GLY D 184 -11.02 -36.73 -2.69
N GLY D 185 -9.78 -36.23 -2.79
CA GLY D 185 -8.72 -36.89 -3.53
C GLY D 185 -7.83 -37.82 -2.72
N ASP D 186 -8.11 -37.95 -1.41
CA ASP D 186 -7.26 -38.70 -0.51
C ASP D 186 -7.96 -40.01 -0.20
N ALA D 187 -7.19 -41.10 -0.15
CA ALA D 187 -7.79 -42.39 0.22
C ALA D 187 -7.85 -42.60 1.74
N GLN D 188 -6.98 -41.88 2.47
CA GLN D 188 -6.91 -42.00 3.94
C GLN D 188 -6.84 -40.58 4.61
N ALA D 189 -7.39 -40.47 5.82
CA ALA D 189 -7.28 -39.25 6.65
C ALA D 189 -5.82 -38.99 6.97
N ARG D 190 -5.43 -37.72 7.10
CA ARG D 190 -4.06 -37.42 7.50
C ARG D 190 -4.11 -36.92 8.95
N VAL D 191 -3.80 -37.82 9.88
CA VAL D 191 -4.15 -37.65 11.30
C VAL D 191 -2.96 -37.22 12.14
N PHE D 192 -3.20 -36.21 13.01
CA PHE D 192 -2.21 -35.90 14.05
C PHE D 192 -2.85 -36.15 15.41
N LEU D 193 -2.09 -36.60 16.39
CA LEU D 193 -2.61 -36.86 17.71
C LEU D 193 -2.00 -35.77 18.56
N SER D 194 -2.78 -35.20 19.47
CA SER D 194 -2.33 -34.01 20.21
C SER D 194 -2.94 -34.05 21.58
N GLY D 195 -2.24 -33.46 22.55
CA GLY D 195 -2.83 -33.20 23.83
C GLY D 195 -1.91 -32.45 24.76
N ASP D 196 -2.50 -31.82 25.77
CA ASP D 196 -1.71 -31.24 26.84
C ASP D 196 -1.89 -32.02 28.15
N SER D 197 -0.91 -31.89 29.03
CA SER D 197 -1.01 -32.49 30.35
C SER D 197 -1.35 -34.00 30.16
N SER D 198 -2.35 -34.53 30.86
CA SER D 198 -2.75 -35.94 30.67
C SER D 198 -3.12 -36.30 29.23
N GLY D 199 -3.68 -35.34 28.49
CA GLY D 199 -3.93 -35.49 27.08
C GLY D 199 -2.72 -35.84 26.24
N GLY D 200 -1.54 -35.29 26.55
CA GLY D 200 -0.30 -35.61 25.85
C GLY D 200 0.15 -37.03 26.16
N ASN D 201 -0.09 -37.46 27.41
CA ASN D 201 0.16 -38.84 27.81
C ASN D 201 -0.74 -39.76 27.01
N ILE D 202 -2.02 -39.42 26.91
CA ILE D 202 -2.98 -40.20 26.10
C ILE D 202 -2.55 -40.26 24.63
N ALA D 203 -2.30 -39.09 24.01
CA ALA D 203 -1.77 -39.06 22.63
C ALA D 203 -0.64 -40.05 22.42
N HIS D 204 0.34 -40.04 23.33
CA HIS D 204 1.47 -40.94 23.24
C HIS D 204 1.04 -42.41 23.19
N HIS D 205 0.22 -42.83 24.15
CA HIS D 205 -0.21 -44.23 24.25
C HIS D 205 -1.07 -44.64 23.06
N VAL D 206 -1.93 -43.74 22.60
CA VAL D 206 -2.70 -43.98 21.39
C VAL D 206 -1.80 -44.19 20.18
N ALA D 207 -0.74 -43.38 20.09
CA ALA D 207 0.23 -43.43 18.98
C ALA D 207 1.01 -44.74 18.96
N VAL D 208 1.30 -45.26 20.16
CA VAL D 208 1.97 -46.56 20.32
C VAL D 208 1.07 -47.68 19.83
N ARG D 209 -0.19 -47.66 20.22
CA ARG D 209 -1.13 -48.67 19.78
C ARG D 209 -1.30 -48.60 18.24
N ALA D 210 -1.47 -47.41 17.69
CA ALA D 210 -1.55 -47.18 16.24
C ALA D 210 -0.34 -47.73 15.49
N ALA D 211 0.85 -47.41 15.98
CA ALA D 211 2.08 -47.99 15.43
C ALA D 211 2.05 -49.54 15.50
N ASP D 212 1.64 -50.08 16.65
CA ASP D 212 1.54 -51.53 16.86
C ASP D 212 0.63 -52.20 15.83
N GLU D 213 -0.40 -51.50 15.38
CA GLU D 213 -1.40 -52.08 14.51
C GLU D 213 -1.32 -51.56 13.08
N GLY D 214 -0.18 -50.98 12.74
CA GLY D 214 0.07 -50.45 11.39
C GLY D 214 -0.80 -49.29 10.92
N VAL D 215 -1.46 -48.60 11.86
CA VAL D 215 -2.26 -47.39 11.55
C VAL D 215 -1.34 -46.16 11.51
N LYS D 216 -1.37 -45.45 10.39
CA LYS D 216 -0.47 -44.32 10.12
C LYS D 216 -0.94 -43.01 10.79
N VAL D 217 -0.04 -42.43 11.56
CA VAL D 217 -0.28 -41.16 12.27
C VAL D 217 0.80 -40.23 11.79
N CYS D 218 0.39 -39.11 11.16
CA CYS D 218 1.33 -38.14 10.61
C CYS D 218 2.22 -37.45 11.63
N GLY D 219 1.79 -37.39 12.89
CA GLY D 219 2.63 -36.75 13.90
C GLY D 219 1.91 -36.58 15.21
N ASN D 220 2.69 -36.38 16.27
CA ASN D 220 2.14 -36.16 17.61
C ASN D 220 2.52 -34.76 18.06
N ILE D 221 1.57 -34.09 18.70
CA ILE D 221 1.84 -32.72 19.21
C ILE D 221 1.54 -32.69 20.73
N LEU D 222 2.59 -32.62 21.54
CA LEU D 222 2.49 -32.81 22.97
C LEU D 222 2.80 -31.49 23.68
N LEU D 223 1.87 -31.04 24.51
CA LEU D 223 2.07 -29.78 25.24
C LEU D 223 2.14 -30.12 26.72
N ASN D 224 3.32 -30.00 27.33
CA ASN D 224 3.50 -30.39 28.74
C ASN D 224 2.85 -31.74 29.07
N ALA D 225 3.12 -32.72 28.21
CA ALA D 225 2.63 -34.08 28.40
C ALA D 225 2.97 -34.56 29.80
N MET D 226 2.02 -35.26 30.40
CA MET D 226 2.10 -35.63 31.80
C MET D 226 2.74 -37.01 31.95
N PHE D 227 3.94 -37.04 32.52
CA PHE D 227 4.65 -38.30 32.83
C PHE D 227 5.16 -38.25 34.27
N GLY D 228 5.40 -39.42 34.87
CA GLY D 228 5.96 -39.48 36.23
C GLY D 228 6.87 -40.68 36.50
N GLY D 229 7.12 -40.94 37.78
CA GLY D 229 8.02 -42.00 38.22
C GLY D 229 8.09 -41.99 39.74
N THR D 230 8.63 -43.06 40.31
CA THR D 230 8.76 -43.17 41.77
C THR D 230 9.77 -42.18 42.36
N GLU D 231 10.95 -42.05 41.75
CA GLU D 231 11.94 -41.09 42.23
C GLU D 231 11.63 -39.64 41.80
N ARG D 232 12.01 -38.66 42.61
CA ARG D 232 11.91 -37.26 42.21
C ARG D 232 13.07 -36.87 41.31
N THR D 233 12.79 -36.10 40.27
CA THR D 233 13.81 -35.50 39.44
C THR D 233 14.19 -34.17 40.07
N GLU D 234 15.24 -33.53 39.56
CA GLU D 234 15.67 -32.25 40.10
C GLU D 234 14.61 -31.16 39.88
N SER D 235 13.97 -31.17 38.71
CA SER D 235 13.01 -30.09 38.41
C SER D 235 11.84 -30.16 39.36
N GLU D 236 11.38 -31.38 39.65
CA GLU D 236 10.29 -31.62 40.59
C GLU D 236 10.63 -31.02 41.96
N ARG D 237 11.82 -31.33 42.48
CA ARG D 237 12.25 -30.80 43.76
C ARG D 237 12.39 -29.28 43.71
N ARG D 238 13.03 -28.77 42.66
CA ARG D 238 13.30 -27.33 42.56
C ARG D 238 12.03 -26.46 42.41
N LEU D 239 11.07 -26.93 41.62
CA LEU D 239 9.93 -26.09 41.21
C LEU D 239 8.64 -26.35 41.97
N ASP D 240 8.66 -27.35 42.84
CA ASP D 240 7.50 -27.72 43.65
C ASP D 240 6.91 -26.52 44.36
N GLY D 241 5.62 -26.29 44.11
CA GLY D 241 4.85 -25.21 44.72
C GLY D 241 5.10 -23.80 44.21
N LYS D 242 6.03 -23.64 43.26
CA LYS D 242 6.46 -22.29 42.89
C LYS D 242 5.61 -21.69 41.77
N TYR D 243 5.09 -22.54 40.90
CA TYR D 243 4.30 -22.09 39.75
C TYR D 243 3.07 -22.96 39.59
N PHE D 244 2.15 -22.81 40.54
CA PHE D 244 0.80 -23.41 40.52
C PHE D 244 0.70 -24.91 40.87
N VAL D 245 1.76 -25.66 40.62
CA VAL D 245 1.65 -27.10 40.70
C VAL D 245 2.51 -27.57 41.88
N THR D 246 1.99 -28.54 42.65
CA THR D 246 2.72 -29.09 43.80
C THR D 246 2.92 -30.58 43.62
N LEU D 247 4.01 -31.11 44.16
CA LEU D 247 4.21 -32.57 44.12
C LEU D 247 3.08 -33.33 44.79
N GLN D 248 2.52 -32.73 45.84
CA GLN D 248 1.40 -33.35 46.54
C GLN D 248 0.26 -33.59 45.54
N ASP D 249 -0.08 -32.55 44.75
CA ASP D 249 -1.20 -32.74 43.81
C ASP D 249 -0.80 -33.69 42.68
N ARG D 250 0.44 -33.60 42.22
CA ARG D 250 0.88 -34.51 41.14
C ARG D 250 0.68 -35.96 41.60
N ASP D 251 1.10 -36.26 42.83
CA ASP D 251 0.96 -37.64 43.36
C ASP D 251 -0.48 -38.06 43.44
N TRP D 252 -1.34 -37.15 43.88
CA TRP D 252 -2.76 -37.40 43.99
C TRP D 252 -3.37 -37.83 42.66
N TYR D 253 -3.05 -37.10 41.60
CA TYR D 253 -3.61 -37.44 40.29
C TYR D 253 -3.12 -38.79 39.76
N TRP D 254 -1.85 -39.08 39.92
CA TRP D 254 -1.35 -40.40 39.49
C TRP D 254 -2.02 -41.55 40.24
N LYS D 255 -2.08 -41.45 41.56
CA LYS D 255 -2.82 -42.45 42.37
C LYS D 255 -4.26 -42.54 41.91
N ALA D 256 -4.89 -41.42 41.59
CA ALA D 256 -6.26 -41.47 41.08
C ALA D 256 -6.44 -42.20 39.74
N TYR D 257 -5.46 -42.11 38.85
CA TYR D 257 -5.58 -42.66 37.49
C TYR D 257 -5.09 -44.10 37.42
N LEU D 258 -3.95 -44.37 38.03
CA LEU D 258 -3.31 -45.69 37.92
C LEU D 258 -4.11 -46.75 38.67
N PRO D 259 -3.98 -48.04 38.28
CA PRO D 259 -4.74 -49.09 39.00
C PRO D 259 -4.45 -49.08 40.50
N GLU D 260 -5.44 -49.48 41.31
CA GLU D 260 -5.35 -49.30 42.76
C GLU D 260 -4.16 -50.00 43.45
N ASP D 261 -3.52 -50.95 42.78
CA ASP D 261 -2.36 -51.60 43.37
C ASP D 261 -1.04 -51.18 42.75
N ALA D 262 -1.08 -50.17 41.87
CA ALA D 262 0.10 -49.74 41.13
C ALA D 262 0.86 -48.64 41.85
N ASP D 263 2.07 -48.36 41.36
CA ASP D 263 2.80 -47.15 41.73
C ASP D 263 3.20 -46.37 40.46
N ARG D 264 4.00 -45.30 40.63
CA ARG D 264 4.27 -44.35 39.53
C ARG D 264 5.28 -44.84 38.51
N ASP D 265 5.76 -46.08 38.69
CA ASP D 265 6.63 -46.71 37.71
C ASP D 265 5.84 -47.61 36.76
N HIS D 266 4.54 -47.69 36.97
CA HIS D 266 3.65 -48.33 36.02
C HIS D 266 3.96 -47.65 34.67
N PRO D 267 4.06 -48.42 33.57
CA PRO D 267 4.47 -47.82 32.29
C PRO D 267 3.43 -46.84 31.68
N ALA D 268 2.20 -46.83 32.17
CA ALA D 268 1.24 -45.75 31.81
C ALA D 268 1.75 -44.39 32.28
N CYS D 269 2.26 -44.37 33.51
CA CYS D 269 2.87 -43.19 34.09
C CYS D 269 4.30 -42.94 33.61
N ASN D 270 5.10 -44.01 33.59
CA ASN D 270 6.52 -43.89 33.34
C ASN D 270 6.90 -44.84 32.20
N PRO D 271 6.56 -44.49 30.93
CA PRO D 271 6.65 -45.43 29.80
C PRO D 271 8.07 -45.87 29.37
N PHE D 272 9.09 -45.11 29.75
CA PHE D 272 10.44 -45.53 29.46
C PHE D 272 11.20 -45.89 30.75
N GLY D 273 10.45 -46.16 31.81
CA GLY D 273 11.04 -46.58 33.08
C GLY D 273 11.20 -48.09 33.18
N PRO D 274 11.44 -48.59 34.41
CA PRO D 274 11.87 -49.98 34.62
C PRO D 274 10.83 -50.96 34.11
N ASN D 275 9.56 -50.57 34.19
CA ASN D 275 8.47 -51.42 33.73
C ASN D 275 8.07 -51.14 32.28
N GLY D 276 8.85 -50.30 31.59
CA GLY D 276 8.42 -49.76 30.28
C GLY D 276 9.01 -50.37 29.03
N ARG D 277 8.15 -50.66 28.05
CA ARG D 277 8.58 -51.16 26.73
C ARG D 277 9.33 -50.10 25.95
N ARG D 278 10.37 -50.50 25.26
CA ARG D 278 11.01 -49.62 24.30
C ARG D 278 10.32 -49.76 22.94
N LEU D 279 10.42 -48.73 22.12
CA LEU D 279 9.54 -48.58 20.95
C LEU D 279 10.27 -48.60 19.60
N GLY D 280 11.58 -48.84 19.62
CA GLY D 280 12.37 -48.98 18.39
C GLY D 280 11.80 -49.98 17.39
N GLY D 281 12.08 -49.76 16.11
CA GLY D 281 11.57 -50.58 15.03
C GLY D 281 10.10 -50.36 14.70
N LEU D 282 9.36 -49.74 15.62
CA LEU D 282 7.97 -49.42 15.37
C LEU D 282 7.88 -48.23 14.40
N PRO D 283 6.78 -48.17 13.61
CA PRO D 283 6.49 -47.02 12.74
C PRO D 283 5.83 -45.89 13.55
N PHE D 284 6.56 -45.38 14.53
CA PHE D 284 6.04 -44.37 15.46
C PHE D 284 6.00 -42.99 14.81
N ALA D 285 4.90 -42.29 15.03
CA ALA D 285 4.75 -40.90 14.56
C ALA D 285 5.97 -40.01 14.84
N LYS D 286 6.22 -39.04 13.99
CA LYS D 286 7.15 -37.97 14.35
C LYS D 286 6.49 -37.15 15.50
N SER D 287 7.29 -36.48 16.32
CA SER D 287 6.75 -35.80 17.51
C SER D 287 7.19 -34.36 17.60
N LEU D 288 6.28 -33.49 18.04
CA LEU D 288 6.64 -32.11 18.39
C LEU D 288 6.37 -32.00 19.90
N ILE D 289 7.42 -31.78 20.68
CA ILE D 289 7.32 -31.88 22.14
C ILE D 289 7.54 -30.51 22.73
N ILE D 290 6.50 -29.93 23.29
CA ILE D 290 6.57 -28.57 23.81
C ILE D 290 6.65 -28.69 25.33
N VAL D 291 7.68 -28.08 25.91
CA VAL D 291 7.94 -28.17 27.35
C VAL D 291 8.06 -26.77 28.02
N SER D 292 7.25 -26.50 29.03
CA SER D 292 7.37 -25.30 29.85
C SER D 292 8.54 -25.44 30.82
N GLY D 293 9.43 -24.43 30.86
CA GLY D 293 10.61 -24.47 31.73
C GLY D 293 10.24 -24.43 33.21
N LEU D 294 9.09 -23.79 33.50
CA LEU D 294 8.60 -23.66 34.87
C LEU D 294 7.56 -24.70 35.25
N ASP D 295 7.36 -25.71 34.40
CA ASP D 295 6.60 -26.91 34.75
C ASP D 295 7.55 -27.84 35.51
N LEU D 296 7.20 -28.17 36.75
CA LEU D 296 8.09 -28.98 37.61
C LEU D 296 8.45 -30.39 37.04
N THR D 297 7.68 -30.88 36.07
CA THR D 297 7.97 -32.18 35.43
C THR D 297 8.77 -32.02 34.13
N CYS D 298 9.36 -30.86 33.91
CA CYS D 298 10.03 -30.63 32.62
C CYS D 298 11.17 -31.65 32.36
N ASP D 299 11.92 -32.01 33.41
CA ASP D 299 12.95 -33.09 33.31
C ASP D 299 12.43 -34.37 32.69
N ARG D 300 11.28 -34.84 33.16
CA ARG D 300 10.67 -36.07 32.67
C ARG D 300 10.24 -35.94 31.22
N GLN D 301 9.85 -34.73 30.82
CA GLN D 301 9.44 -34.50 29.45
C GLN D 301 10.63 -34.55 28.52
N LEU D 302 11.74 -33.91 28.90
CA LEU D 302 12.95 -33.94 28.08
C LEU D 302 13.55 -35.34 28.03
N ALA D 303 13.39 -36.11 29.10
CA ALA D 303 13.85 -37.50 29.14
C ALA D 303 13.03 -38.38 28.19
N TYR D 304 11.72 -38.17 28.19
CA TYR D 304 10.79 -38.86 27.28
C TYR D 304 11.18 -38.63 25.82
N ALA D 305 11.63 -37.41 25.54
CA ALA D 305 11.98 -37.01 24.20
C ALA D 305 13.27 -37.69 23.79
N ASP D 306 14.28 -37.60 24.65
CA ASP D 306 15.56 -38.27 24.41
C ASP D 306 15.40 -39.78 24.27
N ALA D 307 14.54 -40.39 25.08
CA ALA D 307 14.17 -41.80 24.96
C ALA D 307 13.56 -42.19 23.59
N LEU D 308 12.74 -41.30 23.03
CA LEU D 308 12.19 -41.52 21.69
C LEU D 308 13.29 -41.45 20.63
N ARG D 309 14.17 -40.46 20.75
CA ARG D 309 15.32 -40.37 19.86
C ARG D 309 16.15 -41.66 19.95
N GLU D 310 16.33 -42.18 21.19
CA GLU D 310 17.04 -43.45 21.40
C GLU D 310 16.35 -44.62 20.69
N ASP D 311 15.03 -44.65 20.70
CA ASP D 311 14.33 -45.70 19.99
C ASP D 311 14.36 -45.49 18.47
N GLY D 312 15.22 -44.57 18.05
CA GLY D 312 15.38 -44.18 16.65
C GLY D 312 14.36 -43.22 16.03
N HIS D 313 13.35 -42.77 16.81
CA HIS D 313 12.29 -41.89 16.26
C HIS D 313 12.61 -40.39 16.17
N HIS D 314 11.87 -39.67 15.32
CA HIS D 314 12.10 -38.23 15.08
C HIS D 314 11.34 -37.36 16.10
N VAL D 315 12.05 -36.38 16.65
CA VAL D 315 11.54 -35.52 17.71
C VAL D 315 11.99 -34.07 17.46
N LYS D 316 11.05 -33.13 17.62
CA LYS D 316 11.40 -31.71 17.73
C LYS D 316 10.94 -31.22 19.09
N VAL D 317 11.87 -30.71 19.88
CA VAL D 317 11.61 -30.26 21.24
C VAL D 317 11.60 -28.74 21.23
N VAL D 318 10.50 -28.15 21.70
CA VAL D 318 10.43 -26.70 21.87
C VAL D 318 10.42 -26.42 23.37
N GLN D 319 11.53 -25.88 23.89
CA GLN D 319 11.64 -25.51 25.30
C GLN D 319 11.32 -24.05 25.49
N CYS D 320 10.30 -23.79 26.30
CA CYS D 320 9.85 -22.43 26.59
C CYS D 320 10.26 -22.12 28.02
N GLU D 321 11.48 -21.64 28.16
CA GLU D 321 12.13 -21.52 29.49
C GLU D 321 11.40 -20.61 30.49
N ASN D 322 10.72 -19.58 29.98
CA ASN D 322 9.96 -18.64 30.80
C ASN D 322 8.50 -19.04 31.07
N ALA D 323 8.06 -20.19 30.55
CA ALA D 323 6.65 -20.57 30.55
C ALA D 323 6.24 -21.45 31.72
N THR D 324 5.05 -21.19 32.27
CA THR D 324 4.46 -22.02 33.29
C THR D 324 3.53 -22.99 32.59
N VAL D 325 2.92 -23.89 33.34
CA VAL D 325 1.80 -24.64 32.78
C VAL D 325 0.75 -23.67 32.23
N GLY D 326 0.02 -24.15 31.23
CA GLY D 326 -1.12 -23.43 30.70
C GLY D 326 -0.81 -22.25 29.81
N PHE D 327 0.48 -21.98 29.53
CA PHE D 327 0.82 -20.76 28.77
C PHE D 327 0.15 -20.70 27.36
N TYR D 328 -0.10 -21.87 26.77
CA TYR D 328 -0.70 -22.00 25.42
C TYR D 328 -2.21 -21.67 25.40
N LEU D 329 -2.76 -21.41 26.59
CA LEU D 329 -4.16 -21.09 26.78
C LEU D 329 -4.48 -19.60 26.66
N LEU D 330 -3.49 -18.72 26.80
CA LEU D 330 -3.71 -17.25 26.77
C LEU D 330 -2.73 -16.62 25.80
N PRO D 331 -3.23 -15.78 24.87
CA PRO D 331 -2.29 -15.19 23.87
C PRO D 331 -1.52 -14.00 24.39
N ASN D 332 -0.77 -14.19 25.45
CA ASN D 332 -0.14 -13.05 26.13
C ASN D 332 1.35 -13.18 26.37
N THR D 333 2.02 -14.11 25.69
CA THR D 333 3.46 -14.24 25.88
C THR D 333 4.13 -14.48 24.54
N VAL D 334 5.44 -14.26 24.46
CA VAL D 334 6.16 -14.57 23.26
C VAL D 334 6.08 -16.10 23.03
N HIS D 335 6.20 -16.86 24.12
CA HIS D 335 6.21 -18.33 24.00
C HIS D 335 4.92 -18.86 23.38
N TYR D 336 3.81 -18.27 23.76
CA TYR D 336 2.55 -18.58 23.08
C TYR D 336 2.65 -18.47 21.55
N HIS D 337 3.17 -17.34 21.06
CA HIS D 337 3.22 -17.11 19.61
C HIS D 337 4.19 -18.08 18.95
N GLU D 338 5.31 -18.25 19.61
CA GLU D 338 6.34 -19.14 19.16
C GLU D 338 5.80 -20.57 18.99
N VAL D 339 5.07 -21.04 20.00
CA VAL D 339 4.50 -22.40 19.94
C VAL D 339 3.42 -22.56 18.86
N MET D 340 2.54 -21.59 18.71
CA MET D 340 1.55 -21.69 17.63
C MET D 340 2.23 -21.77 16.25
N GLU D 341 3.32 -21.03 16.06
CA GLU D 341 4.09 -21.10 14.80
C GLU D 341 4.75 -22.46 14.63
N GLU D 342 5.34 -22.98 15.70
CA GLU D 342 5.94 -24.33 15.65
C GLU D 342 4.94 -25.42 15.31
N ILE D 343 3.75 -25.31 15.88
CA ILE D 343 2.67 -26.22 15.55
C ILE D 343 2.29 -26.09 14.10
N SER D 344 2.08 -24.87 13.64
CA SER D 344 1.72 -24.70 12.24
C SER D 344 2.80 -25.27 11.29
N ASP D 345 4.07 -25.00 11.60
CA ASP D 345 5.18 -25.46 10.78
C ASP D 345 5.21 -26.97 10.73
N PHE D 346 5.03 -27.60 11.89
CA PHE D 346 5.04 -29.07 12.03
C PHE D 346 3.93 -29.73 11.21
N LEU D 347 2.72 -29.20 11.33
CA LEU D 347 1.59 -29.68 10.55
C LEU D 347 1.87 -29.61 9.04
N ASN D 348 2.33 -28.45 8.60
CA ASN D 348 2.67 -28.18 7.22
C ASN D 348 3.73 -29.12 6.69
N ALA D 349 4.77 -29.34 7.51
CA ALA D 349 5.91 -30.16 7.16
C ALA D 349 5.56 -31.63 7.06
N ASN D 350 4.54 -32.05 7.79
CA ASN D 350 4.27 -33.45 7.95
C ASN D 350 2.96 -33.90 7.37
N LEU D 351 2.27 -32.99 6.69
CA LEU D 351 0.97 -33.30 6.08
C LEU D 351 1.12 -34.36 4.97
N TYR D 352 2.16 -34.17 4.17
CA TYR D 352 2.48 -35.04 3.02
C TYR D 352 3.71 -35.86 3.31
N VAL E 15 -6.11 13.47 -34.71
CA VAL E 15 -4.63 13.28 -34.71
C VAL E 15 -3.97 14.07 -33.57
N PRO E 16 -3.31 13.39 -32.62
CA PRO E 16 -2.59 14.15 -31.59
C PRO E 16 -1.60 15.11 -32.22
N LEU E 17 -1.39 16.25 -31.56
CA LEU E 17 -0.51 17.29 -32.07
C LEU E 17 0.90 16.76 -32.35
N HIS E 18 1.46 16.00 -31.39
CA HIS E 18 2.83 15.54 -31.48
C HIS E 18 2.95 14.62 -32.69
N THR E 19 1.92 13.83 -32.95
CA THR E 19 1.95 12.92 -34.09
C THR E 19 1.87 13.74 -35.37
N TRP E 20 0.95 14.72 -35.38
CA TRP E 20 0.77 15.58 -36.55
C TRP E 20 2.09 16.30 -36.93
N VAL E 21 2.78 16.83 -35.93
CA VAL E 21 4.04 17.54 -36.09
C VAL E 21 5.12 16.58 -36.59
N LEU E 22 5.25 15.43 -35.92
CA LEU E 22 6.34 14.52 -36.28
C LEU E 22 6.24 14.03 -37.74
N ILE E 23 5.06 13.50 -38.09
CA ILE E 23 4.83 12.92 -39.41
C ILE E 23 4.83 14.03 -40.48
N SER E 24 4.27 15.20 -40.18
CA SER E 24 4.37 16.30 -41.11
C SER E 24 5.81 16.69 -41.42
N ASN E 25 6.68 16.63 -40.41
CA ASN E 25 8.10 16.99 -40.62
C ASN E 25 8.70 16.03 -41.64
N PHE E 26 8.43 14.74 -41.47
CA PHE E 26 8.83 13.71 -42.43
C PHE E 26 8.23 14.01 -43.78
N LYS E 27 6.95 14.29 -43.82
CA LYS E 27 6.26 14.49 -45.10
C LYS E 27 6.78 15.66 -45.94
N LEU E 28 6.89 16.84 -45.30
CA LEU E 28 7.46 18.02 -45.94
C LEU E 28 8.91 17.83 -46.35
N SER E 29 9.69 17.13 -45.54
CA SER E 29 11.09 16.85 -45.89
C SER E 29 11.17 15.93 -47.11
N TYR E 30 10.33 14.90 -47.12
CA TYR E 30 10.43 13.89 -48.18
C TYR E 30 9.91 14.44 -49.54
N ASN E 31 9.01 15.43 -49.47
CA ASN E 31 8.54 16.15 -50.66
C ASN E 31 9.74 16.61 -51.51
N ILE E 32 10.83 17.01 -50.87
CA ILE E 32 11.90 17.62 -51.63
C ILE E 32 13.05 16.65 -51.97
N LEU E 33 12.96 15.41 -51.47
CA LEU E 33 13.98 14.39 -51.76
C LEU E 33 13.65 13.53 -53.00
N ARG E 34 12.37 13.44 -53.33
CA ARG E 34 11.92 12.66 -54.47
C ARG E 34 12.06 13.53 -55.72
N ARG E 35 12.78 13.07 -56.74
CA ARG E 35 12.88 13.85 -57.97
C ARG E 35 11.77 13.43 -58.96
N ALA E 36 11.23 14.40 -59.71
CA ALA E 36 10.22 14.13 -60.74
C ALA E 36 10.67 13.04 -61.72
N ASP E 37 11.97 12.88 -61.92
CA ASP E 37 12.46 11.89 -62.89
C ASP E 37 12.64 10.50 -62.26
N GLY E 38 12.25 10.34 -60.99
CA GLY E 38 12.31 9.06 -60.31
C GLY E 38 13.64 8.73 -59.66
N THR E 39 14.57 9.69 -59.69
CA THR E 39 15.79 9.55 -58.97
C THR E 39 15.60 10.24 -57.60
N PHE E 40 16.58 10.09 -56.73
CA PHE E 40 16.40 10.49 -55.32
C PHE E 40 17.57 11.30 -54.82
N GLU E 41 17.27 12.27 -53.96
CA GLU E 41 18.29 13.10 -53.33
C GLU E 41 18.88 12.38 -52.14
N ARG E 42 19.79 11.45 -52.42
CA ARG E 42 20.22 10.48 -51.44
C ARG E 42 21.14 11.14 -50.45
N ASP E 43 22.10 11.91 -50.92
CA ASP E 43 23.03 12.55 -49.99
C ASP E 43 22.32 13.51 -49.04
N LEU E 44 21.38 14.28 -49.57
CA LEU E 44 20.59 15.17 -48.71
C LEU E 44 19.73 14.36 -47.73
N GLY E 45 19.09 13.30 -48.22
CA GLY E 45 18.29 12.39 -47.39
C GLY E 45 19.09 11.87 -46.23
N GLU E 46 20.30 11.38 -46.53
CA GLU E 46 21.18 10.85 -45.50
C GLU E 46 21.51 11.92 -44.49
N TYR E 47 21.83 13.11 -44.99
CA TYR E 47 22.27 14.21 -44.14
C TYR E 47 21.17 14.67 -43.17
N LEU E 48 19.91 14.65 -43.63
CA LEU E 48 18.77 15.17 -42.87
C LEU E 48 18.09 14.12 -41.94
N ASP E 49 18.41 12.84 -42.13
CA ASP E 49 17.77 11.82 -41.30
C ASP E 49 18.17 11.96 -39.82
N ARG E 50 17.22 11.71 -38.92
CA ARG E 50 17.56 11.68 -37.50
C ARG E 50 17.94 10.26 -37.09
N ARG E 51 19.20 10.13 -36.69
CA ARG E 51 19.82 8.84 -36.38
C ARG E 51 20.58 8.90 -35.09
N VAL E 52 20.79 7.72 -34.48
CA VAL E 52 21.59 7.57 -33.25
C VAL E 52 22.55 6.42 -33.42
N PRO E 53 23.73 6.47 -32.74
CA PRO E 53 24.67 5.38 -32.80
C PRO E 53 24.24 4.21 -31.89
N ALA E 54 24.83 3.05 -32.10
CA ALA E 54 24.69 1.95 -31.16
C ALA E 54 25.44 2.32 -29.89
N ASN E 55 25.00 1.80 -28.76
CA ASN E 55 25.77 1.95 -27.56
C ASN E 55 25.64 0.71 -26.66
N ALA E 56 26.80 0.17 -26.29
CA ALA E 56 26.92 -0.93 -25.34
C ALA E 56 26.42 -0.56 -23.94
N ARG E 57 26.68 0.66 -23.48
CA ARG E 57 26.13 1.12 -22.21
C ARG E 57 24.62 1.22 -22.31
N PRO E 58 23.90 0.53 -21.42
CA PRO E 58 22.44 0.45 -21.49
C PRO E 58 21.80 1.83 -21.35
N LEU E 59 20.70 2.04 -22.06
CA LEU E 59 19.88 3.21 -21.85
C LEU E 59 18.54 2.64 -21.49
N GLU E 60 18.00 3.10 -20.37
CA GLU E 60 16.73 2.61 -19.84
C GLU E 60 16.60 1.09 -20.00
N GLY E 61 17.70 0.43 -19.66
CA GLY E 61 17.75 -1.02 -19.56
C GLY E 61 18.07 -1.83 -20.81
N VAL E 62 18.38 -1.15 -21.92
CA VAL E 62 18.64 -1.84 -23.19
C VAL E 62 19.94 -1.36 -23.87
N SER E 63 20.75 -2.33 -24.33
CA SER E 63 21.99 -2.07 -25.06
C SER E 63 21.86 -2.36 -26.55
N SER E 64 22.71 -1.75 -27.37
CA SER E 64 22.71 -1.98 -28.81
C SER E 64 24.12 -2.11 -29.39
N PHE E 65 24.23 -2.87 -30.47
CA PHE E 65 25.51 -3.23 -31.06
C PHE E 65 25.40 -3.30 -32.59
N ASP E 66 26.28 -2.59 -33.29
CA ASP E 66 26.30 -2.66 -34.75
C ASP E 66 27.20 -3.79 -35.21
N HIS E 67 26.82 -4.42 -36.32
CA HIS E 67 27.53 -5.61 -36.77
C HIS E 67 27.33 -5.85 -38.26
N ILE E 68 28.44 -6.04 -38.98
CA ILE E 68 28.38 -6.38 -40.39
C ILE E 68 28.23 -7.90 -40.54
N ILE E 69 27.19 -8.30 -41.27
CA ILE E 69 26.90 -9.72 -41.48
C ILE E 69 27.18 -10.18 -42.91
N ASP E 70 27.29 -9.22 -43.84
CA ASP E 70 27.65 -9.52 -45.23
C ASP E 70 28.64 -8.47 -45.77
N GLN E 71 29.92 -8.76 -45.57
CA GLN E 71 31.01 -7.87 -45.98
C GLN E 71 30.97 -7.57 -47.50
N SER E 72 30.49 -8.54 -48.28
CA SER E 72 30.33 -8.38 -49.73
C SER E 72 29.52 -7.13 -50.09
N VAL E 73 28.31 -7.04 -49.54
CA VAL E 73 27.37 -5.97 -49.89
C VAL E 73 27.30 -4.88 -48.81
N GLY E 74 28.09 -5.05 -47.76
CA GLY E 74 28.12 -4.10 -46.66
C GLY E 74 26.81 -4.09 -45.88
N LEU E 75 26.27 -5.29 -45.65
CA LEU E 75 25.02 -5.43 -44.91
C LEU E 75 25.26 -5.41 -43.41
N GLU E 76 24.50 -4.57 -42.74
CA GLU E 76 24.67 -4.31 -41.34
C GLU E 76 23.36 -4.61 -40.62
N VAL E 77 23.49 -5.04 -39.37
CA VAL E 77 22.35 -5.17 -38.45
C VAL E 77 22.62 -4.39 -37.17
N ARG E 78 21.55 -3.95 -36.51
CA ARG E 78 21.67 -3.44 -35.14
C ARG E 78 21.01 -4.43 -34.23
N ILE E 79 21.77 -4.89 -33.23
CA ILE E 79 21.27 -5.89 -32.26
C ILE E 79 20.97 -5.18 -30.94
N TYR E 80 19.75 -5.39 -30.44
CA TYR E 80 19.30 -4.89 -29.14
C TYR E 80 19.04 -6.01 -28.13
N ARG E 81 19.55 -5.84 -26.92
CA ARG E 81 19.36 -6.80 -25.82
C ARG E 81 19.32 -6.06 -24.50
N ALA E 82 18.66 -6.66 -23.51
CA ALA E 82 18.56 -6.08 -22.17
C ALA E 82 19.86 -6.20 -21.39
N LEU E 100 30.22 -7.37 -28.64
CA LEU E 100 29.84 -8.24 -29.75
C LEU E 100 30.29 -9.69 -29.50
N GLU E 101 31.11 -9.89 -28.47
CA GLU E 101 31.61 -11.23 -28.08
C GLU E 101 30.50 -12.17 -27.63
N PHE E 102 29.48 -11.59 -26.97
CA PHE E 102 28.33 -12.32 -26.42
C PHE E 102 27.47 -13.01 -27.49
N LEU E 103 27.75 -12.74 -28.77
CA LEU E 103 27.08 -13.42 -29.89
C LEU E 103 27.48 -14.90 -29.99
N THR E 104 28.68 -15.19 -29.45
CA THR E 104 29.25 -16.54 -29.42
C THR E 104 29.00 -17.27 -28.09
N ASP E 105 28.22 -16.66 -27.20
CA ASP E 105 27.88 -17.27 -25.91
C ASP E 105 26.87 -18.43 -26.07
N ALA E 106 26.83 -19.30 -25.06
CA ALA E 106 25.96 -20.50 -25.05
C ALA E 106 24.47 -20.16 -25.14
N PRO E 107 23.68 -20.98 -25.88
CA PRO E 107 22.21 -20.83 -25.92
C PRO E 107 21.58 -20.72 -24.53
N ALA E 108 20.40 -20.10 -24.48
CA ALA E 108 19.71 -19.85 -23.21
C ALA E 108 18.68 -20.94 -22.90
N ALA E 109 18.64 -21.35 -21.63
CA ALA E 109 17.72 -22.39 -21.18
C ALA E 109 16.27 -22.03 -21.55
N GLU E 110 15.74 -21.00 -20.90
CA GLU E 110 14.35 -20.58 -21.07
C GLU E 110 14.14 -19.88 -22.42
N PRO E 111 13.10 -20.29 -23.18
CA PRO E 111 12.82 -19.69 -24.50
C PRO E 111 12.71 -18.15 -24.45
N PHE E 112 13.23 -17.50 -25.49
CA PHE E 112 13.07 -16.05 -25.67
C PHE E 112 12.91 -15.71 -27.16
N PRO E 113 12.09 -14.69 -27.47
CA PRO E 113 11.86 -14.39 -28.89
C PRO E 113 13.00 -13.58 -29.50
N VAL E 114 13.33 -13.89 -30.75
CA VAL E 114 14.25 -13.08 -31.53
C VAL E 114 13.44 -12.36 -32.60
N ILE E 115 13.38 -11.03 -32.48
CA ILE E 115 12.58 -10.25 -33.44
C ILE E 115 13.51 -9.67 -34.47
N ILE E 116 13.30 -10.07 -35.71
CA ILE E 116 14.13 -9.56 -36.79
C ILE E 116 13.28 -8.48 -37.40
N PHE E 117 13.75 -7.23 -37.29
CA PHE E 117 12.96 -6.06 -37.71
C PHE E 117 13.50 -5.40 -38.96
N PHE E 118 12.60 -5.02 -39.84
CA PHE E 118 12.90 -4.25 -41.03
C PHE E 118 12.16 -2.90 -40.99
N HIS E 119 12.93 -1.82 -40.92
CA HIS E 119 12.32 -0.46 -40.91
C HIS E 119 11.45 -0.10 -42.10
N GLY E 120 10.51 0.80 -41.88
CA GLY E 120 9.68 1.42 -42.90
C GLY E 120 10.45 2.49 -43.66
N GLY E 121 9.75 3.31 -44.41
CA GLY E 121 10.40 4.27 -45.29
C GLY E 121 10.15 4.03 -46.79
N SER E 122 9.18 3.15 -47.09
CA SER E 122 8.70 2.89 -48.47
C SER E 122 9.74 2.41 -49.44
N PHE E 123 10.70 1.64 -48.91
CA PHE E 123 11.85 1.05 -49.62
C PHE E 123 13.00 2.01 -49.83
N VAL E 124 12.77 3.29 -49.57
CA VAL E 124 13.70 4.34 -49.97
C VAL E 124 14.38 5.04 -48.78
N HIS E 125 13.60 5.32 -47.74
CA HIS E 125 14.10 6.09 -46.58
C HIS E 125 14.44 5.27 -45.37
N SER E 126 15.14 5.91 -44.42
CA SER E 126 15.41 5.42 -43.07
C SER E 126 16.52 4.37 -42.98
N SER E 127 16.84 3.95 -41.78
CA SER E 127 17.99 3.12 -41.55
C SER E 127 17.71 2.37 -40.25
N ALA E 128 18.47 1.31 -39.97
CA ALA E 128 18.37 0.70 -38.65
C ALA E 128 18.78 1.73 -37.59
N SER E 129 19.63 2.68 -37.96
CA SER E 129 20.08 3.71 -37.01
C SER E 129 19.08 4.88 -36.85
N SER E 130 18.02 4.91 -37.66
CA SER E 130 17.05 6.01 -37.59
C SER E 130 16.37 6.01 -36.22
N THR E 131 16.41 7.16 -35.55
CA THR E 131 15.97 7.27 -34.16
C THR E 131 14.59 6.68 -33.93
N ILE E 132 13.64 6.93 -34.85
CA ILE E 132 12.28 6.46 -34.69
C ILE E 132 12.23 4.92 -34.60
N TYR E 133 13.14 4.28 -35.33
CA TYR E 133 13.21 2.80 -35.40
C TYR E 133 14.08 2.24 -34.31
N ASP E 134 15.15 2.95 -33.94
CA ASP E 134 15.94 2.60 -32.78
C ASP E 134 15.05 2.59 -31.54
N SER E 135 14.28 3.67 -31.34
CA SER E 135 13.32 3.74 -30.24
C SER E 135 12.31 2.59 -30.25
N LEU E 136 11.71 2.31 -31.41
CA LEU E 136 10.76 1.21 -31.54
C LEU E 136 11.38 -0.12 -31.17
N CYS E 137 12.59 -0.37 -31.64
CA CYS E 137 13.27 -1.63 -31.35
C CYS E 137 13.57 -1.75 -29.88
N ARG E 138 13.99 -0.64 -29.27
CA ARG E 138 14.16 -0.60 -27.83
C ARG E 138 12.87 -0.95 -27.10
N ARG E 139 11.71 -0.46 -27.59
CA ARG E 139 10.43 -0.79 -26.97
C ARG E 139 10.11 -2.29 -27.11
N PHE E 140 10.34 -2.82 -28.29
CA PHE E 140 10.23 -4.26 -28.56
C PHE E 140 11.11 -5.13 -27.66
N VAL E 141 12.31 -4.69 -27.34
CA VAL E 141 13.12 -5.44 -26.38
C VAL E 141 12.42 -5.51 -25.00
N LYS E 142 11.93 -4.36 -24.51
CA LYS E 142 11.29 -4.31 -23.19
C LYS E 142 10.01 -5.14 -23.17
N LEU E 143 9.27 -5.08 -24.26
CA LEU E 143 7.98 -5.73 -24.33
C LEU E 143 8.06 -7.27 -24.53
N SER E 144 9.15 -7.74 -25.13
CA SER E 144 9.28 -9.14 -25.48
C SER E 144 10.22 -9.89 -24.54
N LYS E 145 10.96 -9.16 -23.70
CA LYS E 145 12.08 -9.75 -22.92
C LYS E 145 13.01 -10.59 -23.79
N GLY E 146 13.12 -10.23 -25.06
CA GLY E 146 13.95 -10.95 -26.02
C GLY E 146 15.06 -10.14 -26.64
N VAL E 147 15.41 -10.50 -27.87
CA VAL E 147 16.47 -9.83 -28.62
C VAL E 147 15.86 -9.24 -29.88
N VAL E 148 16.31 -8.04 -30.27
CA VAL E 148 15.87 -7.47 -31.53
C VAL E 148 17.04 -7.32 -32.48
N VAL E 149 16.85 -7.74 -33.73
CA VAL E 149 17.81 -7.58 -34.80
C VAL E 149 17.19 -6.73 -35.90
N SER E 150 17.62 -5.47 -35.98
CA SER E 150 17.12 -4.55 -36.96
C SER E 150 18.09 -4.54 -38.12
N VAL E 151 17.55 -4.75 -39.31
CA VAL E 151 18.36 -4.96 -40.50
C VAL E 151 18.52 -3.72 -41.38
N ASN E 152 19.78 -3.32 -41.58
CA ASN E 152 20.07 -2.15 -42.43
C ASN E 152 20.07 -2.53 -43.91
N TYR E 153 18.89 -2.81 -44.45
CA TYR E 153 18.76 -3.32 -45.81
C TYR E 153 19.03 -2.27 -46.89
N ARG E 154 19.51 -2.75 -48.06
CA ARG E 154 19.74 -1.89 -49.24
C ARG E 154 18.45 -1.29 -49.80
N ARG E 155 18.49 0.00 -50.12
CA ARG E 155 17.26 0.73 -50.44
C ARG E 155 17.13 1.17 -51.89
N ALA E 156 15.89 1.35 -52.32
CA ALA E 156 15.58 1.95 -53.60
C ALA E 156 15.87 3.47 -53.59
N PRO E 157 16.10 4.07 -54.79
CA PRO E 157 16.19 3.41 -56.10
C PRO E 157 17.58 2.93 -56.50
N GLU E 158 18.59 3.19 -55.67
CA GLU E 158 19.94 2.68 -55.94
C GLU E 158 19.99 1.14 -55.97
N HIS E 159 19.22 0.49 -55.10
CA HIS E 159 19.10 -0.95 -55.11
C HIS E 159 17.63 -1.31 -55.24
N ARG E 160 17.25 -1.75 -56.45
CA ARG E 160 15.87 -2.11 -56.73
C ARG E 160 15.65 -3.57 -56.29
N TYR E 161 14.40 -4.02 -56.41
CA TYR E 161 14.07 -5.45 -56.27
C TYR E 161 15.14 -6.33 -56.94
N PRO E 162 15.56 -7.44 -56.28
CA PRO E 162 15.10 -7.96 -55.00
C PRO E 162 16.09 -7.74 -53.87
N CYS E 163 16.94 -6.72 -53.97
CA CYS E 163 18.06 -6.57 -53.03
C CYS E 163 17.60 -6.60 -51.57
N ALA E 164 16.49 -5.93 -51.29
CA ALA E 164 15.98 -5.79 -49.92
C ALA E 164 15.65 -7.16 -49.34
N TYR E 165 14.88 -7.95 -50.09
CA TYR E 165 14.59 -9.34 -49.73
C TYR E 165 15.85 -10.21 -49.51
N ASP E 166 16.81 -10.14 -50.42
CA ASP E 166 18.06 -10.89 -50.27
C ASP E 166 18.79 -10.56 -48.97
N ASP E 167 18.73 -9.28 -48.58
CA ASP E 167 19.37 -8.81 -47.35
C ASP E 167 18.67 -9.38 -46.15
N GLY E 168 17.35 -9.45 -46.23
CA GLY E 168 16.56 -10.05 -45.17
C GLY E 168 16.82 -11.54 -45.03
N TRP E 169 17.03 -12.22 -46.17
CA TRP E 169 17.34 -13.66 -46.15
C TRP E 169 18.68 -13.85 -45.46
N THR E 170 19.66 -13.04 -45.88
CA THR E 170 20.96 -13.03 -45.25
C THR E 170 20.81 -12.81 -43.74
N ALA E 171 19.95 -11.85 -43.36
CA ALA E 171 19.67 -11.57 -41.95
C ALA E 171 19.11 -12.78 -41.19
N LEU E 172 18.12 -13.46 -41.77
CA LEU E 172 17.57 -14.69 -41.16
C LEU E 172 18.64 -15.81 -40.95
N LYS E 173 19.33 -16.18 -42.03
CA LYS E 173 20.31 -17.25 -41.93
C LYS E 173 21.39 -16.88 -40.90
N TRP E 174 21.77 -15.61 -40.84
CA TRP E 174 22.81 -15.20 -39.90
C TRP E 174 22.34 -15.39 -38.45
N VAL E 175 21.09 -15.05 -38.18
CA VAL E 175 20.51 -15.18 -36.85
C VAL E 175 20.43 -16.67 -36.47
N MET E 176 19.98 -17.50 -37.40
CA MET E 176 19.98 -18.96 -37.22
C MET E 176 21.36 -19.46 -36.78
N SER E 177 22.41 -19.03 -37.48
CA SER E 177 23.77 -19.50 -37.25
C SER E 177 24.49 -18.97 -35.98
N GLN E 178 23.78 -18.21 -35.13
CA GLN E 178 24.38 -17.71 -33.88
C GLN E 178 23.93 -18.51 -32.66
N PRO E 179 24.90 -19.06 -31.89
CA PRO E 179 24.60 -19.78 -30.64
C PRO E 179 23.76 -18.94 -29.67
N PHE E 180 24.08 -17.65 -29.57
CA PHE E 180 23.40 -16.71 -28.65
C PHE E 180 21.89 -16.59 -28.89
N MET E 181 21.49 -16.59 -30.17
CA MET E 181 20.10 -16.43 -30.55
C MET E 181 19.25 -17.65 -30.18
N ARG E 182 19.91 -18.79 -30.05
CA ARG E 182 19.22 -20.07 -29.81
C ARG E 182 18.72 -20.17 -28.37
N SER E 183 17.49 -20.63 -28.18
CA SER E 183 16.96 -20.77 -26.82
C SER E 183 16.36 -22.16 -26.48
N ALA E 189 16.80 -20.94 -32.00
CA ALA E 189 16.42 -19.52 -32.20
C ALA E 189 14.93 -19.39 -32.51
N ARG E 190 14.21 -18.76 -31.59
CA ARG E 190 12.76 -18.57 -31.73
C ARG E 190 12.42 -17.24 -32.45
N VAL E 191 12.30 -17.32 -33.77
CA VAL E 191 12.42 -16.14 -34.65
C VAL E 191 11.06 -15.61 -35.10
N PHE E 192 10.89 -14.29 -34.97
CA PHE E 192 9.74 -13.58 -35.51
C PHE E 192 10.22 -12.56 -36.53
N LEU E 193 9.57 -12.49 -37.67
CA LEU E 193 9.92 -11.48 -38.65
C LEU E 193 8.94 -10.33 -38.49
N SER E 194 9.46 -9.11 -38.55
CA SER E 194 8.65 -7.92 -38.27
C SER E 194 9.08 -6.77 -39.15
N GLY E 195 8.16 -5.88 -39.44
CA GLY E 195 8.51 -4.61 -40.06
C GLY E 195 7.29 -3.73 -40.29
N ASP E 196 7.50 -2.41 -40.39
CA ASP E 196 6.40 -1.51 -40.82
C ASP E 196 6.60 -1.02 -42.23
N SER E 197 5.51 -0.60 -42.86
CA SER E 197 5.60 -0.04 -44.20
C SER E 197 6.33 -1.06 -45.08
N SER E 198 7.23 -0.56 -45.93
CA SER E 198 8.12 -1.42 -46.71
C SER E 198 8.73 -2.59 -45.93
N GLY E 199 9.03 -2.39 -44.65
CA GLY E 199 9.59 -3.45 -43.80
C GLY E 199 8.67 -4.64 -43.59
N GLY E 200 7.36 -4.39 -43.66
CA GLY E 200 6.35 -5.43 -43.47
C GLY E 200 6.32 -6.28 -44.76
N ASN E 201 6.43 -5.61 -45.89
CA ASN E 201 6.58 -6.29 -47.17
C ASN E 201 7.83 -7.20 -47.13
N ILE E 202 8.99 -6.65 -46.78
CA ILE E 202 10.19 -7.48 -46.67
C ILE E 202 9.96 -8.71 -45.77
N ALA E 203 9.37 -8.49 -44.60
CA ALA E 203 9.11 -9.58 -43.64
C ALA E 203 8.33 -10.72 -44.31
N HIS E 204 7.26 -10.36 -45.01
CA HIS E 204 6.43 -11.32 -45.72
C HIS E 204 7.22 -12.18 -46.72
N HIS E 205 7.96 -11.53 -47.61
CA HIS E 205 8.74 -12.23 -48.60
C HIS E 205 9.87 -13.05 -47.95
N VAL E 206 10.44 -12.56 -46.86
CA VAL E 206 11.44 -13.35 -46.16
C VAL E 206 10.79 -14.59 -45.55
N ALA E 207 9.53 -14.44 -45.16
CA ALA E 207 8.74 -15.50 -44.54
C ALA E 207 8.42 -16.63 -45.55
N VAL E 208 8.08 -16.23 -46.76
CA VAL E 208 7.81 -17.16 -47.84
C VAL E 208 9.06 -17.95 -48.19
N ARG E 209 10.18 -17.28 -48.39
CA ARG E 209 11.45 -17.95 -48.66
C ARG E 209 11.82 -18.98 -47.57
N ALA E 210 11.50 -18.65 -46.32
CA ALA E 210 11.74 -19.54 -45.18
C ALA E 210 10.80 -20.76 -45.15
N ALA E 211 9.56 -20.56 -45.58
CA ALA E 211 8.58 -21.64 -45.70
C ALA E 211 9.05 -22.60 -46.79
N ASP E 212 9.23 -22.07 -48.00
CA ASP E 212 9.76 -22.82 -49.12
C ASP E 212 10.96 -23.65 -48.72
N GLU E 213 11.92 -23.06 -48.00
CA GLU E 213 13.16 -23.75 -47.61
C GLU E 213 13.07 -24.49 -46.27
N GLY E 214 11.86 -24.64 -45.75
CA GLY E 214 11.62 -25.34 -44.48
C GLY E 214 12.35 -24.77 -43.27
N VAL E 215 12.50 -23.45 -43.22
CA VAL E 215 13.04 -22.78 -42.04
C VAL E 215 11.85 -22.36 -41.20
N LYS E 216 11.94 -22.57 -39.88
CA LYS E 216 10.82 -22.31 -38.97
C LYS E 216 10.78 -20.86 -38.50
N VAL E 217 9.68 -20.18 -38.81
CA VAL E 217 9.42 -18.83 -38.32
C VAL E 217 8.22 -18.83 -37.37
N CYS E 218 8.47 -18.56 -36.09
CA CYS E 218 7.41 -18.55 -35.06
C CYS E 218 6.24 -17.63 -35.38
N GLY E 219 6.48 -16.55 -36.12
CA GLY E 219 5.43 -15.58 -36.45
C GLY E 219 5.88 -14.31 -37.16
N ASN E 220 4.92 -13.66 -37.80
CA ASN E 220 5.12 -12.39 -38.52
C ASN E 220 4.32 -11.23 -37.90
N ILE E 221 5.01 -10.13 -37.58
CA ILE E 221 4.35 -8.95 -37.01
C ILE E 221 4.42 -7.80 -38.03
N LEU E 222 3.28 -7.45 -38.62
CA LEU E 222 3.28 -6.45 -39.69
C LEU E 222 2.53 -5.18 -39.32
N LEU E 223 3.23 -4.05 -39.34
CA LEU E 223 2.60 -2.77 -39.00
C LEU E 223 2.42 -1.96 -40.26
N ASN E 224 1.17 -1.73 -40.65
CA ASN E 224 0.87 -1.07 -41.93
C ASN E 224 1.83 -1.55 -43.01
N ALA E 225 1.88 -2.87 -43.22
CA ALA E 225 2.67 -3.45 -44.31
C ALA E 225 2.35 -2.79 -45.66
N MET E 226 3.39 -2.56 -46.44
CA MET E 226 3.28 -1.90 -47.74
C MET E 226 3.04 -2.90 -48.89
N PHE E 227 1.86 -2.77 -49.48
CA PHE E 227 1.39 -3.57 -50.63
C PHE E 227 0.63 -2.64 -51.55
N GLY E 228 0.67 -2.97 -52.85
CA GLY E 228 -0.07 -2.21 -53.85
C GLY E 228 -0.60 -3.04 -55.01
N GLY E 229 -0.97 -2.34 -56.07
CA GLY E 229 -1.47 -2.98 -57.28
C GLY E 229 -1.74 -1.91 -58.31
N THR E 230 -2.01 -2.35 -59.54
CA THR E 230 -2.28 -1.44 -60.65
C THR E 230 -3.50 -0.58 -60.43
N GLU E 231 -4.54 -1.17 -59.85
CA GLU E 231 -5.84 -0.52 -59.74
C GLU E 231 -5.98 0.13 -58.38
N ARG E 232 -6.84 1.15 -58.27
CA ARG E 232 -7.10 1.82 -57.00
C ARG E 232 -8.15 1.06 -56.17
N THR E 233 -7.87 0.86 -54.88
CA THR E 233 -8.88 0.38 -53.93
C THR E 233 -9.71 1.60 -53.47
N GLU E 234 -10.78 1.37 -52.70
CA GLU E 234 -11.65 2.47 -52.27
C GLU E 234 -11.04 3.31 -51.14
N SER E 235 -10.25 2.66 -50.28
CA SER E 235 -9.50 3.37 -49.23
C SER E 235 -8.45 4.28 -49.85
N GLU E 236 -7.78 3.79 -50.90
CA GLU E 236 -6.79 4.59 -51.65
C GLU E 236 -7.39 5.87 -52.19
N ARG E 237 -8.56 5.78 -52.82
CA ARG E 237 -9.23 6.97 -53.36
C ARG E 237 -9.81 7.86 -52.26
N ARG E 238 -10.36 7.26 -51.21
CA ARG E 238 -10.97 8.05 -50.14
C ARG E 238 -9.94 8.82 -49.28
N LEU E 239 -8.87 8.12 -48.86
CA LEU E 239 -7.93 8.70 -47.88
C LEU E 239 -6.72 9.44 -48.47
N ASP E 240 -6.62 9.47 -49.80
CA ASP E 240 -5.52 10.14 -50.47
C ASP E 240 -5.41 11.62 -50.05
N GLY E 241 -4.22 11.99 -49.57
CA GLY E 241 -3.93 13.36 -49.24
C GLY E 241 -4.47 13.85 -47.92
N LYS E 242 -5.29 13.04 -47.24
CA LYS E 242 -5.95 13.44 -46.00
C LYS E 242 -5.11 13.24 -44.73
N TYR E 243 -4.25 12.21 -44.75
CA TYR E 243 -3.48 11.90 -43.55
C TYR E 243 -2.04 11.60 -43.88
N PHE E 244 -1.34 12.65 -44.30
CA PHE E 244 0.11 12.61 -44.60
C PHE E 244 0.51 11.94 -45.91
N VAL E 245 -0.24 10.92 -46.34
CA VAL E 245 0.15 10.11 -47.51
C VAL E 245 -0.66 10.46 -48.77
N THR E 246 0.02 10.52 -49.92
CA THR E 246 -0.64 10.78 -51.21
C THR E 246 -0.43 9.63 -52.17
N LEU E 247 -1.37 9.44 -53.10
CA LEU E 247 -1.19 8.43 -54.16
C LEU E 247 0.01 8.68 -55.08
N GLN E 248 0.26 9.95 -55.39
CA GLN E 248 1.45 10.36 -56.15
C GLN E 248 2.71 9.85 -55.50
N ASP E 249 2.83 10.04 -54.17
CA ASP E 249 4.03 9.52 -53.50
C ASP E 249 4.07 7.99 -53.46
N ARG E 250 2.92 7.35 -53.24
CA ARG E 250 2.86 5.87 -53.22
C ARG E 250 3.35 5.28 -54.56
N ASP E 251 2.81 5.80 -55.66
CA ASP E 251 3.24 5.38 -57.00
C ASP E 251 4.74 5.62 -57.20
N TRP E 252 5.22 6.77 -56.69
CA TRP E 252 6.65 7.11 -56.79
C TRP E 252 7.50 6.03 -56.19
N TYR E 253 7.17 5.60 -54.97
CA TYR E 253 8.00 4.64 -54.25
C TYR E 253 7.99 3.24 -54.89
N TRP E 254 6.84 2.85 -55.40
CA TRP E 254 6.73 1.57 -56.10
C TRP E 254 7.59 1.55 -57.38
N LYS E 255 7.41 2.61 -58.18
CA LYS E 255 8.25 2.82 -59.38
C LYS E 255 9.72 2.82 -59.03
N ALA E 256 10.07 3.35 -57.87
CA ALA E 256 11.45 3.38 -57.43
C ALA E 256 12.03 2.02 -57.03
N TYR E 257 11.20 1.13 -56.48
CA TYR E 257 11.68 -0.16 -55.97
C TYR E 257 11.60 -1.31 -56.99
N LEU E 258 10.53 -1.31 -57.75
CA LEU E 258 10.27 -2.41 -58.69
C LEU E 258 11.20 -2.34 -59.91
N PRO E 259 11.43 -3.48 -60.60
CA PRO E 259 12.28 -3.38 -61.79
C PRO E 259 11.73 -2.36 -62.80
N GLU E 260 12.63 -1.76 -63.60
CA GLU E 260 12.23 -0.68 -64.50
C GLU E 260 11.09 -1.00 -65.44
N ASP E 261 11.07 -2.24 -65.96
CA ASP E 261 9.98 -2.70 -66.83
C ASP E 261 8.63 -2.86 -66.10
N ALA E 262 8.71 -3.31 -64.84
CA ALA E 262 7.56 -3.76 -64.02
C ALA E 262 6.45 -2.73 -63.80
N ASP E 263 5.28 -3.21 -63.39
CA ASP E 263 4.16 -2.36 -62.95
C ASP E 263 3.72 -2.82 -61.54
N ARG E 264 2.58 -2.33 -61.06
CA ARG E 264 2.26 -2.57 -59.64
C ARG E 264 1.56 -3.91 -59.31
N ASP E 265 1.37 -4.75 -60.33
CA ASP E 265 0.92 -6.11 -60.08
C ASP E 265 2.11 -7.05 -60.10
N HIS E 266 3.30 -6.49 -60.09
CA HIS E 266 4.47 -7.32 -59.89
C HIS E 266 4.31 -8.02 -58.54
N PRO E 267 4.61 -9.34 -58.48
CA PRO E 267 4.33 -10.06 -57.21
C PRO E 267 4.92 -9.41 -55.93
N ALA E 268 6.14 -8.85 -56.01
CA ALA E 268 6.75 -8.15 -54.86
C ALA E 268 5.85 -7.05 -54.29
N CYS E 269 5.08 -6.41 -55.17
CA CYS E 269 4.22 -5.32 -54.77
C CYS E 269 2.82 -5.82 -54.49
N ASN E 270 2.30 -6.62 -55.42
CA ASN E 270 1.00 -7.22 -55.28
C ASN E 270 1.17 -8.75 -55.27
N PRO E 271 1.13 -9.34 -54.06
CA PRO E 271 1.57 -10.71 -53.82
C PRO E 271 0.49 -11.79 -54.01
N PHE E 272 -0.77 -11.35 -54.02
CA PHE E 272 -1.93 -12.21 -54.24
C PHE E 272 -2.74 -11.62 -55.37
N GLY E 273 -2.05 -10.87 -56.23
CA GLY E 273 -2.65 -10.33 -57.45
C GLY E 273 -2.39 -11.28 -58.60
N PRO E 274 -2.83 -10.89 -59.81
CA PRO E 274 -2.67 -11.64 -61.06
C PRO E 274 -1.40 -12.48 -61.15
N ASN E 275 -0.25 -11.91 -60.77
CA ASN E 275 1.03 -12.58 -60.96
C ASN E 275 1.61 -13.22 -59.69
N GLY E 276 0.77 -13.35 -58.66
CA GLY E 276 1.23 -13.82 -57.36
C GLY E 276 0.76 -15.20 -56.95
N ARG E 277 1.72 -16.05 -56.62
CA ARG E 277 1.47 -17.40 -56.13
C ARG E 277 0.56 -17.43 -54.90
N ARG E 278 -0.09 -18.58 -54.70
CA ARG E 278 -0.80 -18.84 -53.46
C ARG E 278 0.09 -19.73 -52.58
N LEU E 279 -0.18 -19.75 -51.28
CA LEU E 279 0.77 -20.33 -50.32
C LEU E 279 0.31 -21.61 -49.60
N GLY E 280 -0.74 -22.25 -50.12
CA GLY E 280 -1.28 -23.50 -49.54
C GLY E 280 -0.23 -24.55 -49.21
N GLY E 281 -0.32 -25.15 -48.01
CA GLY E 281 0.51 -26.31 -47.66
C GLY E 281 1.95 -26.05 -47.25
N LEU E 282 2.41 -24.82 -47.45
CA LEU E 282 3.71 -24.38 -46.95
C LEU E 282 3.62 -24.23 -45.45
N PRO E 283 4.73 -24.47 -44.74
CA PRO E 283 4.69 -24.24 -43.29
C PRO E 283 4.84 -22.72 -42.99
N PHE E 284 3.88 -21.92 -43.45
CA PHE E 284 3.97 -20.47 -43.30
C PHE E 284 3.76 -20.03 -41.85
N ALA E 285 4.64 -19.14 -41.38
CA ALA E 285 4.55 -18.45 -40.09
C ALA E 285 3.13 -18.00 -39.77
N LYS E 286 2.76 -17.99 -38.49
CA LYS E 286 1.52 -17.34 -38.05
C LYS E 286 1.69 -15.81 -38.18
N SER E 287 0.61 -15.08 -38.43
CA SER E 287 0.66 -13.65 -38.72
C SER E 287 -0.16 -12.77 -37.75
N LEU E 288 0.50 -11.76 -37.20
CA LEU E 288 -0.20 -10.67 -36.53
C LEU E 288 -0.08 -9.44 -37.42
N ILE E 289 -1.21 -8.93 -37.90
CA ILE E 289 -1.14 -7.84 -38.84
C ILE E 289 -1.94 -6.63 -38.38
N ILE E 290 -1.21 -5.54 -38.15
CA ILE E 290 -1.79 -4.33 -37.57
C ILE E 290 -2.04 -3.32 -38.66
N VAL E 291 -3.26 -2.78 -38.71
CA VAL E 291 -3.72 -1.92 -39.80
C VAL E 291 -4.31 -0.61 -39.28
N SER E 292 -3.75 0.51 -39.73
CA SER E 292 -4.26 1.86 -39.45
C SER E 292 -5.43 2.18 -40.35
N GLY E 293 -6.53 2.59 -39.73
CA GLY E 293 -7.74 2.88 -40.46
C GLY E 293 -7.64 4.15 -41.29
N LEU E 294 -6.68 5.01 -40.95
CA LEU E 294 -6.46 6.21 -41.74
C LEU E 294 -5.22 6.11 -42.62
N ASP E 295 -4.71 4.89 -42.83
CA ASP E 295 -3.71 4.60 -43.84
C ASP E 295 -4.50 4.27 -45.12
N LEU E 296 -4.25 4.99 -46.19
CA LEU E 296 -5.04 4.80 -47.42
C LEU E 296 -4.89 3.41 -48.05
N THR E 297 -3.83 2.67 -47.72
CA THR E 297 -3.66 1.32 -48.29
C THR E 297 -4.30 0.20 -47.43
N CYS E 298 -5.20 0.56 -46.52
CA CYS E 298 -5.69 -0.41 -45.55
C CYS E 298 -6.41 -1.62 -46.19
N ASP E 299 -7.30 -1.33 -47.16
CA ASP E 299 -7.97 -2.36 -47.98
C ASP E 299 -7.03 -3.46 -48.41
N ARG E 300 -5.86 -3.08 -48.90
CA ARG E 300 -4.92 -4.07 -49.42
C ARG E 300 -4.33 -4.91 -48.30
N GLN E 301 -4.19 -4.30 -47.13
CA GLN E 301 -3.60 -4.98 -46.00
C GLN E 301 -4.62 -5.98 -45.51
N LEU E 302 -5.89 -5.57 -45.53
CA LEU E 302 -6.99 -6.44 -45.17
C LEU E 302 -7.08 -7.61 -46.16
N ALA E 303 -7.10 -7.29 -47.46
CA ALA E 303 -7.14 -8.31 -48.51
C ALA E 303 -5.98 -9.28 -48.38
N TYR E 304 -4.80 -8.77 -48.03
CA TYR E 304 -3.62 -9.60 -47.75
C TYR E 304 -3.85 -10.60 -46.61
N ALA E 305 -4.55 -10.17 -45.57
CA ALA E 305 -4.78 -11.02 -44.41
C ALA E 305 -5.80 -12.10 -44.79
N ASP E 306 -6.92 -11.67 -45.37
CA ASP E 306 -7.91 -12.59 -45.93
C ASP E 306 -7.24 -13.70 -46.77
N ALA E 307 -6.38 -13.30 -47.70
CA ALA E 307 -5.75 -14.24 -48.61
C ALA E 307 -4.88 -15.29 -47.91
N LEU E 308 -4.15 -14.88 -46.87
CA LEU E 308 -3.38 -15.85 -46.06
C LEU E 308 -4.31 -16.85 -45.37
N ARG E 309 -5.49 -16.38 -44.97
CA ARG E 309 -6.48 -17.20 -44.30
C ARG E 309 -7.00 -18.22 -45.31
N GLU E 310 -7.27 -17.73 -46.52
CA GLU E 310 -7.75 -18.56 -47.61
C GLU E 310 -6.73 -19.62 -48.04
N ASP E 311 -5.44 -19.33 -47.93
CA ASP E 311 -4.39 -20.35 -48.16
C ASP E 311 -4.20 -21.22 -46.90
N GLY E 312 -5.04 -20.98 -45.89
CA GLY E 312 -5.11 -21.82 -44.69
C GLY E 312 -4.11 -21.53 -43.58
N HIS E 313 -3.65 -20.28 -43.49
CA HIS E 313 -2.66 -19.96 -42.48
C HIS E 313 -3.32 -19.17 -41.36
N HIS E 314 -2.65 -19.09 -40.21
CA HIS E 314 -3.21 -18.37 -39.05
C HIS E 314 -2.88 -16.86 -39.08
N VAL E 315 -3.93 -16.04 -38.94
CA VAL E 315 -3.87 -14.58 -39.07
C VAL E 315 -4.70 -13.91 -37.96
N LYS E 316 -4.10 -12.97 -37.22
CA LYS E 316 -4.86 -12.09 -36.31
C LYS E 316 -4.71 -10.66 -36.79
N VAL E 317 -5.83 -10.00 -37.06
CA VAL E 317 -5.87 -8.66 -37.62
C VAL E 317 -6.32 -7.67 -36.54
N VAL E 318 -5.54 -6.60 -36.34
CA VAL E 318 -5.88 -5.57 -35.35
C VAL E 318 -6.10 -4.28 -36.10
N GLN E 319 -7.35 -3.80 -36.13
CA GLN E 319 -7.69 -2.60 -36.87
C GLN E 319 -7.79 -1.45 -35.90
N CYS E 320 -6.99 -0.42 -36.16
CA CYS E 320 -6.95 0.76 -35.31
C CYS E 320 -7.57 1.88 -36.12
N GLU E 321 -8.87 2.05 -35.93
CA GLU E 321 -9.68 2.89 -36.82
C GLU E 321 -9.29 4.35 -36.79
N ASN E 322 -8.80 4.79 -35.63
CA ASN E 322 -8.42 6.19 -35.46
C ASN E 322 -6.95 6.48 -35.75
N ALA E 323 -6.21 5.45 -36.12
CA ALA E 323 -4.77 5.56 -36.24
C ALA E 323 -4.38 5.99 -37.65
N THR E 324 -3.43 6.93 -37.74
CA THR E 324 -2.79 7.29 -39.01
C THR E 324 -1.58 6.37 -39.19
N VAL E 325 -0.86 6.50 -40.31
CA VAL E 325 0.48 5.91 -40.40
C VAL E 325 1.31 6.41 -39.21
N GLY E 326 2.27 5.61 -38.79
CA GLY E 326 3.27 6.03 -37.81
C GLY E 326 2.82 6.06 -36.36
N PHE E 327 1.56 5.75 -36.09
CA PHE E 327 1.02 5.87 -34.72
C PHE E 327 1.81 5.03 -33.69
N TYR E 328 2.41 3.92 -34.12
CA TYR E 328 3.18 3.04 -33.22
C TYR E 328 4.53 3.68 -32.86
N LEU E 329 4.80 4.89 -33.35
CA LEU E 329 6.08 5.55 -33.04
C LEU E 329 6.05 6.45 -31.82
N LEU E 330 4.87 6.80 -31.33
CA LEU E 330 4.74 7.74 -30.21
C LEU E 330 3.77 7.13 -29.23
N PRO E 331 4.07 7.18 -27.92
CA PRO E 331 3.10 6.62 -26.96
C PRO E 331 1.98 7.60 -26.61
N ASN E 332 1.12 7.96 -27.55
CA ASN E 332 0.19 9.04 -27.25
C ASN E 332 -1.20 8.77 -27.77
N THR E 333 -1.52 7.50 -28.01
CA THR E 333 -2.91 7.14 -28.33
C THR E 333 -3.25 5.84 -27.64
N VAL E 334 -4.54 5.60 -27.48
CA VAL E 334 -5.03 4.31 -26.98
C VAL E 334 -4.57 3.18 -27.93
N HIS E 335 -4.66 3.43 -29.23
CA HIS E 335 -4.17 2.48 -30.24
C HIS E 335 -2.74 2.07 -30.05
N TYR E 336 -1.86 3.00 -29.73
CA TYR E 336 -0.47 2.64 -29.40
C TYR E 336 -0.39 1.57 -28.30
N HIS E 337 -1.11 1.82 -27.20
CA HIS E 337 -1.11 0.88 -26.06
C HIS E 337 -1.74 -0.45 -26.42
N GLU E 338 -2.87 -0.39 -27.13
CA GLU E 338 -3.54 -1.62 -27.62
C GLU E 338 -2.56 -2.50 -28.39
N VAL E 339 -1.76 -1.89 -29.26
CA VAL E 339 -0.97 -2.64 -30.22
C VAL E 339 0.23 -3.24 -29.53
N MET E 340 0.84 -2.49 -28.62
CA MET E 340 1.94 -2.99 -27.86
C MET E 340 1.53 -4.26 -27.06
N GLU E 341 0.33 -4.27 -26.50
CA GLU E 341 -0.17 -5.42 -25.73
C GLU E 341 -0.43 -6.58 -26.67
N GLU E 342 -1.13 -6.31 -27.78
CA GLU E 342 -1.32 -7.31 -28.86
C GLU E 342 0.00 -7.97 -29.27
N ILE E 343 1.02 -7.17 -29.54
CA ILE E 343 2.34 -7.70 -29.84
C ILE E 343 2.88 -8.56 -28.70
N SER E 344 2.76 -8.06 -27.47
CA SER E 344 3.23 -8.87 -26.34
C SER E 344 2.49 -10.21 -26.32
N ASP E 345 1.17 -10.17 -26.45
CA ASP E 345 0.33 -11.37 -26.40
C ASP E 345 0.70 -12.38 -27.49
N PHE E 346 0.86 -11.88 -28.73
CA PHE E 346 1.23 -12.71 -29.87
C PHE E 346 2.60 -13.39 -29.69
N LEU E 347 3.57 -12.63 -29.22
CA LEU E 347 4.86 -13.17 -28.95
C LEU E 347 4.78 -14.31 -27.91
N ASN E 348 4.09 -14.07 -26.80
CA ASN E 348 3.94 -15.10 -25.77
C ASN E 348 3.23 -16.36 -26.32
N ALA E 349 2.07 -16.17 -26.94
CA ALA E 349 1.24 -17.26 -27.50
C ALA E 349 1.94 -18.14 -28.54
N ASN E 350 3.04 -17.67 -29.12
CA ASN E 350 3.72 -18.42 -30.17
C ASN E 350 5.18 -18.70 -29.89
N LEU E 351 5.58 -18.50 -28.64
CA LEU E 351 6.98 -18.69 -28.25
C LEU E 351 7.31 -20.16 -28.10
N VAL F 14 0.66 33.44 -41.38
CA VAL F 14 1.67 33.85 -40.34
C VAL F 14 3.04 33.17 -40.52
N VAL F 15 3.16 31.96 -39.98
CA VAL F 15 4.43 31.22 -40.02
C VAL F 15 4.40 30.21 -41.18
N PRO F 16 5.47 30.12 -42.00
CA PRO F 16 5.50 29.06 -43.02
C PRO F 16 5.29 27.69 -42.38
N LEU F 17 4.50 26.85 -43.04
CA LEU F 17 4.16 25.54 -42.52
C LEU F 17 5.40 24.80 -42.06
N HIS F 18 6.42 24.71 -42.91
CA HIS F 18 7.61 23.96 -42.50
C HIS F 18 8.28 24.54 -41.23
N THR F 19 8.30 25.85 -41.09
CA THR F 19 8.92 26.43 -39.89
C THR F 19 8.10 26.05 -38.67
N TRP F 20 6.78 26.14 -38.81
CA TRP F 20 5.87 25.85 -37.72
C TRP F 20 6.01 24.38 -37.26
N VAL F 21 6.14 23.47 -38.22
CA VAL F 21 6.34 22.05 -37.89
C VAL F 21 7.73 21.79 -37.27
N LEU F 22 8.77 22.37 -37.85
CA LEU F 22 10.14 22.16 -37.32
C LEU F 22 10.23 22.69 -35.89
N ILE F 23 9.87 23.95 -35.69
CA ILE F 23 10.01 24.56 -34.35
C ILE F 23 9.03 23.96 -33.34
N SER F 24 7.82 23.60 -33.75
CA SER F 24 6.91 22.95 -32.80
C SER F 24 7.47 21.59 -32.34
N ASN F 25 8.13 20.88 -33.24
CA ASN F 25 8.77 19.60 -32.88
C ASN F 25 9.81 19.79 -31.75
N PHE F 26 10.67 20.80 -31.89
CA PHE F 26 11.58 21.21 -30.79
C PHE F 26 10.81 21.60 -29.52
N LYS F 27 9.78 22.43 -29.66
CA LYS F 27 9.02 22.87 -28.51
C LYS F 27 8.44 21.70 -27.71
N LEU F 28 7.80 20.78 -28.41
CA LEU F 28 7.08 19.68 -27.77
C LEU F 28 8.05 18.68 -27.13
N SER F 29 9.19 18.48 -27.77
CA SER F 29 10.22 17.58 -27.27
C SER F 29 10.81 18.17 -25.98
N TYR F 30 11.19 19.44 -26.05
CA TYR F 30 11.83 20.12 -24.94
C TYR F 30 10.90 20.24 -23.72
N ASN F 31 9.58 20.33 -23.94
CA ASN F 31 8.60 20.28 -22.84
C ASN F 31 8.82 19.10 -21.91
N ILE F 32 9.22 17.95 -22.46
CA ILE F 32 9.35 16.77 -21.60
C ILE F 32 10.75 16.62 -21.00
N LEU F 33 11.70 17.43 -21.48
CA LEU F 33 13.08 17.32 -21.01
C LEU F 33 13.39 18.21 -19.82
N ARG F 34 12.71 19.35 -19.72
CA ARG F 34 12.86 20.20 -18.54
C ARG F 34 12.12 19.56 -17.36
N ARG F 35 12.79 19.42 -16.21
CA ARG F 35 12.13 18.93 -15.01
C ARG F 35 11.74 20.09 -14.13
N ALA F 36 10.63 19.94 -13.44
CA ALA F 36 10.13 21.00 -12.55
C ALA F 36 11.17 21.38 -11.47
N ASP F 37 12.08 20.48 -11.09
CA ASP F 37 13.05 20.83 -10.04
C ASP F 37 14.33 21.47 -10.58
N GLY F 38 14.29 21.85 -11.85
CA GLY F 38 15.40 22.58 -12.48
C GLY F 38 16.52 21.68 -12.94
N THR F 39 16.33 20.35 -12.84
CA THR F 39 17.28 19.41 -13.45
C THR F 39 16.78 19.07 -14.85
N PHE F 40 17.57 18.32 -15.61
CA PHE F 40 17.29 18.13 -17.03
C PHE F 40 17.44 16.67 -17.44
N GLU F 41 16.57 16.19 -18.34
CA GLU F 41 16.65 14.83 -18.89
C GLU F 41 17.75 14.79 -19.93
N ARG F 42 19.00 14.87 -19.47
CA ARG F 42 20.14 14.96 -20.38
C ARG F 42 20.31 13.76 -21.32
N ASP F 43 20.24 12.53 -20.79
CA ASP F 43 20.42 11.36 -21.62
C ASP F 43 19.35 11.24 -22.71
N LEU F 44 18.11 11.51 -22.34
CA LEU F 44 17.00 11.55 -23.31
C LEU F 44 17.21 12.67 -24.37
N GLY F 45 17.55 13.88 -23.92
CA GLY F 45 17.89 14.99 -24.84
C GLY F 45 18.93 14.58 -25.86
N GLU F 46 20.03 14.01 -25.38
CA GLU F 46 21.13 13.57 -26.23
C GLU F 46 20.63 12.53 -27.23
N TYR F 47 19.81 11.61 -26.74
CA TYR F 47 19.29 10.51 -27.58
C TYR F 47 18.37 11.03 -28.70
N LEU F 48 17.56 12.04 -28.37
CA LEU F 48 16.55 12.60 -29.30
C LEU F 48 17.09 13.71 -30.22
N ASP F 49 18.28 14.22 -29.96
CA ASP F 49 18.79 15.33 -30.79
C ASP F 49 19.08 14.87 -32.20
N ARG F 50 18.77 15.70 -33.19
CA ARG F 50 19.20 15.36 -34.55
C ARG F 50 20.61 15.91 -34.83
N ARG F 51 21.53 15.00 -35.14
CA ARG F 51 22.95 15.33 -35.24
C ARG F 51 23.60 14.69 -36.46
N VAL F 52 24.67 15.30 -36.94
CA VAL F 52 25.44 14.76 -38.07
C VAL F 52 26.90 14.73 -37.65
N PRO F 53 27.67 13.76 -38.19
CA PRO F 53 29.09 13.74 -37.84
C PRO F 53 29.89 14.73 -38.70
N ALA F 54 31.13 15.02 -38.32
CA ALA F 54 32.03 15.77 -39.18
C ALA F 54 32.36 14.88 -40.39
N ASN F 55 32.68 15.49 -41.53
CA ASN F 55 33.09 14.77 -42.72
C ASN F 55 34.09 15.56 -43.56
N ALA F 56 35.30 15.04 -43.68
CA ALA F 56 36.35 15.57 -44.57
C ALA F 56 35.98 15.56 -46.05
N ARG F 57 35.17 14.60 -46.49
CA ARG F 57 34.61 14.64 -47.86
C ARG F 57 33.57 15.76 -47.93
N PRO F 58 33.68 16.67 -48.92
CA PRO F 58 32.76 17.80 -48.86
C PRO F 58 31.36 17.45 -49.34
N LEU F 59 30.34 17.94 -48.64
CA LEU F 59 29.00 17.95 -49.17
C LEU F 59 28.73 19.36 -49.66
N GLU F 60 28.31 19.45 -50.92
CA GLU F 60 28.08 20.71 -51.62
C GLU F 60 29.17 21.74 -51.35
N GLY F 61 30.43 21.36 -51.55
CA GLY F 61 31.53 22.31 -51.42
C GLY F 61 32.18 22.52 -50.06
N VAL F 62 31.56 22.04 -48.98
CA VAL F 62 32.04 22.31 -47.61
C VAL F 62 32.43 21.02 -46.90
N SER F 63 33.58 21.05 -46.22
CA SER F 63 34.09 19.95 -45.38
C SER F 63 34.14 20.35 -43.89
N SER F 64 34.23 19.36 -43.00
CA SER F 64 34.22 19.65 -41.56
C SER F 64 35.07 18.68 -40.74
N PHE F 65 35.56 19.16 -39.61
CA PHE F 65 36.54 18.43 -38.79
C PHE F 65 36.28 18.75 -37.33
N ASP F 66 36.21 17.72 -36.50
CA ASP F 66 36.06 17.89 -35.05
C ASP F 66 37.44 17.89 -34.41
N HIS F 67 37.65 18.82 -33.48
CA HIS F 67 38.96 18.97 -32.89
C HIS F 67 38.80 19.36 -31.42
N ILE F 68 39.42 18.59 -30.53
CA ILE F 68 39.46 18.94 -29.12
C ILE F 68 40.50 20.04 -28.95
N ILE F 69 40.05 21.22 -28.53
CA ILE F 69 40.93 22.37 -28.38
C ILE F 69 41.39 22.60 -26.93
N ASP F 70 40.80 21.85 -25.99
CA ASP F 70 41.18 21.93 -24.57
C ASP F 70 40.80 20.68 -23.80
N GLN F 71 41.79 20.03 -23.20
CA GLN F 71 41.60 18.68 -22.64
C GLN F 71 41.04 18.65 -21.22
N SER F 72 41.70 19.39 -20.31
CA SER F 72 41.21 19.60 -18.94
C SER F 72 39.69 19.84 -18.85
N VAL F 73 39.07 20.32 -19.92
CA VAL F 73 37.61 20.45 -20.00
C VAL F 73 36.99 19.55 -21.08
N GLY F 74 37.81 19.03 -21.99
CA GLY F 74 37.31 18.27 -23.14
C GLY F 74 36.58 19.14 -24.14
N LEU F 75 36.98 20.40 -24.24
CA LEU F 75 36.32 21.35 -25.12
C LEU F 75 36.62 21.04 -26.58
N GLU F 76 35.56 20.84 -27.34
CA GLU F 76 35.68 20.45 -28.75
C GLU F 76 35.05 21.49 -29.70
N VAL F 77 35.64 21.67 -30.88
CA VAL F 77 35.02 22.50 -31.92
C VAL F 77 34.80 21.68 -33.18
N ARG F 78 33.85 22.12 -34.00
CA ARG F 78 33.77 21.66 -35.36
C ARG F 78 34.19 22.82 -36.30
N ILE F 79 35.19 22.51 -37.14
CA ILE F 79 35.76 23.47 -38.08
C ILE F 79 35.24 23.14 -39.47
N TYR F 80 34.66 24.16 -40.13
CA TYR F 80 34.13 24.08 -41.48
C TYR F 80 34.99 24.94 -42.42
N ARG F 81 35.27 24.39 -43.60
CA ARG F 81 35.96 25.11 -44.69
C ARG F 81 35.56 24.57 -46.07
N ALA F 82 35.55 25.43 -47.08
CA ALA F 82 35.26 24.98 -48.44
C ALA F 82 36.31 23.98 -48.92
N ALA F 83 35.85 22.93 -49.61
CA ALA F 83 36.76 21.91 -50.15
C ALA F 83 36.09 21.11 -51.27
N PHE F 112 40.73 36.34 -45.35
CA PHE F 112 39.44 35.67 -45.17
C PHE F 112 38.93 35.76 -43.72
N PRO F 113 37.61 35.73 -43.52
CA PRO F 113 37.11 35.75 -42.15
C PRO F 113 37.18 34.38 -41.46
N VAL F 114 37.32 34.42 -40.14
CA VAL F 114 37.12 33.24 -39.29
C VAL F 114 35.92 33.57 -38.41
N ILE F 115 34.83 32.82 -38.59
CA ILE F 115 33.63 33.02 -37.78
C ILE F 115 33.59 31.99 -36.65
N ILE F 116 33.65 32.48 -35.42
CA ILE F 116 33.47 31.64 -34.26
C ILE F 116 31.97 31.65 -33.93
N PHE F 117 31.33 30.48 -34.04
CA PHE F 117 29.88 30.39 -33.92
C PHE F 117 29.50 29.64 -32.63
N PHE F 118 28.59 30.20 -31.84
CA PHE F 118 28.07 29.54 -30.64
C PHE F 118 26.59 29.21 -30.90
N HIS F 119 26.25 27.91 -30.92
CA HIS F 119 24.85 27.48 -31.06
C HIS F 119 23.85 27.97 -30.02
N GLY F 120 22.59 28.03 -30.42
CA GLY F 120 21.49 28.34 -29.51
C GLY F 120 21.03 27.08 -28.78
N GLY F 121 19.85 27.13 -28.20
CA GLY F 121 19.41 26.06 -27.30
C GLY F 121 19.30 26.56 -25.86
N SER F 122 19.35 27.89 -25.70
CA SER F 122 19.01 28.50 -24.40
C SER F 122 19.93 28.05 -23.27
N PHE F 123 21.21 27.84 -23.59
CA PHE F 123 22.26 27.37 -22.69
C PHE F 123 22.21 25.88 -22.35
N VAL F 124 21.11 25.21 -22.67
CA VAL F 124 20.85 23.84 -22.19
C VAL F 124 20.92 22.79 -23.34
N HIS F 125 20.33 23.15 -24.49
CA HIS F 125 20.19 22.21 -25.63
C HIS F 125 21.23 22.35 -26.75
N SER F 126 21.28 21.34 -27.62
CA SER F 126 22.00 21.39 -28.91
C SER F 126 23.50 21.30 -28.75
N SER F 127 24.18 21.18 -29.89
CA SER F 127 25.57 20.83 -29.96
C SER F 127 26.09 21.41 -31.27
N ALA F 128 27.40 21.57 -31.40
CA ALA F 128 27.98 21.91 -32.69
C ALA F 128 27.55 20.88 -33.75
N SER F 129 27.30 19.63 -33.32
CA SER F 129 26.94 18.54 -34.26
C SER F 129 25.46 18.46 -34.60
N SER F 130 24.67 19.26 -33.91
CA SER F 130 23.24 19.34 -34.21
C SER F 130 23.05 19.71 -35.67
N THR F 131 22.12 19.06 -36.38
CA THR F 131 22.00 19.25 -37.82
C THR F 131 21.57 20.67 -38.19
N ILE F 132 20.69 21.27 -37.39
CA ILE F 132 20.25 22.66 -37.64
C ILE F 132 21.44 23.64 -37.64
N TYR F 133 22.43 23.38 -36.77
CA TYR F 133 23.65 24.22 -36.64
C TYR F 133 24.77 23.81 -37.59
N ASP F 134 24.92 22.51 -37.81
CA ASP F 134 25.84 22.04 -38.86
C ASP F 134 25.47 22.64 -40.21
N SER F 135 24.19 22.67 -40.52
CA SER F 135 23.67 23.28 -41.72
C SER F 135 23.96 24.80 -41.81
N LEU F 136 23.64 25.52 -40.74
CA LEU F 136 23.91 26.97 -40.68
C LEU F 136 25.37 27.29 -40.89
N CYS F 137 26.23 26.54 -40.23
CA CYS F 137 27.67 26.78 -40.29
C CYS F 137 28.22 26.54 -41.70
N ARG F 138 27.66 25.54 -42.39
CA ARG F 138 27.99 25.29 -43.79
C ARG F 138 27.52 26.44 -44.68
N ARG F 139 26.34 26.98 -44.39
CA ARG F 139 25.84 28.08 -45.18
C ARG F 139 26.71 29.32 -44.97
N PHE F 140 27.23 29.50 -43.75
CA PHE F 140 28.11 30.62 -43.40
C PHE F 140 29.46 30.50 -44.13
N VAL F 141 29.97 29.28 -44.27
CA VAL F 141 31.16 29.09 -45.09
C VAL F 141 30.91 29.56 -46.54
N LYS F 142 29.76 29.18 -47.10
CA LYS F 142 29.42 29.54 -48.50
C LYS F 142 29.26 31.05 -48.67
N LEU F 143 28.65 31.66 -47.66
CA LEU F 143 28.41 33.10 -47.56
C LEU F 143 29.70 33.92 -47.45
N SER F 144 30.66 33.42 -46.66
CA SER F 144 31.78 34.21 -46.22
C SER F 144 33.09 33.91 -46.97
N LYS F 145 33.12 32.74 -47.63
CA LYS F 145 34.32 32.19 -48.23
C LYS F 145 35.41 32.10 -47.18
N GLY F 146 35.01 31.83 -45.94
CA GLY F 146 35.97 31.74 -44.85
C GLY F 146 35.96 30.38 -44.19
N VAL F 147 36.41 30.39 -42.92
CA VAL F 147 36.40 29.24 -42.02
C VAL F 147 35.37 29.51 -40.87
N VAL F 148 34.55 28.49 -40.59
CA VAL F 148 33.69 28.54 -39.41
C VAL F 148 34.20 27.57 -38.33
N VAL F 149 34.23 28.06 -37.10
CA VAL F 149 34.62 27.28 -35.93
C VAL F 149 33.45 27.26 -34.95
N SER F 150 32.77 26.11 -34.90
CA SER F 150 31.59 25.98 -34.07
C SER F 150 31.95 25.31 -32.76
N VAL F 151 31.61 26.01 -31.70
CA VAL F 151 32.11 25.69 -30.37
C VAL F 151 31.09 24.87 -29.61
N ASN F 152 31.53 23.68 -29.19
CA ASN F 152 30.70 22.81 -28.36
C ASN F 152 30.79 23.22 -26.90
N TYR F 153 30.25 24.38 -26.55
CA TYR F 153 30.39 24.89 -25.19
C TYR F 153 29.64 24.02 -24.16
N ARG F 154 30.14 24.00 -22.94
CA ARG F 154 29.52 23.26 -21.85
C ARG F 154 28.17 23.88 -21.50
N ARG F 155 27.19 23.02 -21.32
CA ARG F 155 25.81 23.43 -21.16
C ARG F 155 25.27 23.34 -19.73
N ALA F 156 24.28 24.19 -19.46
CA ALA F 156 23.45 24.14 -18.26
C ALA F 156 22.41 22.98 -18.38
N PRO F 157 21.77 22.59 -17.25
CA PRO F 157 22.02 23.03 -15.86
C PRO F 157 23.26 22.43 -15.22
N GLU F 158 23.86 21.42 -15.85
CA GLU F 158 25.00 20.75 -15.25
C GLU F 158 26.27 21.61 -15.17
N HIS F 159 26.38 22.59 -16.08
CA HIS F 159 27.46 23.56 -16.05
C HIS F 159 26.86 24.95 -16.07
N ARG F 160 26.90 25.63 -14.92
CA ARG F 160 26.35 26.96 -14.81
C ARG F 160 27.34 28.02 -15.25
N TYR F 161 26.86 29.25 -15.30
CA TYR F 161 27.71 30.42 -15.43
C TYR F 161 28.96 30.26 -14.52
N PRO F 162 30.17 30.60 -15.01
CA PRO F 162 30.48 31.20 -16.30
C PRO F 162 31.02 30.20 -17.30
N CYS F 163 30.71 28.91 -17.17
CA CYS F 163 31.40 27.88 -17.96
C CYS F 163 31.32 28.10 -19.47
N ALA F 164 30.13 28.40 -19.98
CA ALA F 164 29.96 28.61 -21.42
C ALA F 164 30.86 29.78 -21.88
N TYR F 165 30.89 30.86 -21.10
CA TYR F 165 31.76 32.01 -21.37
C TYR F 165 33.26 31.74 -21.37
N ASP F 166 33.74 30.93 -20.41
CA ASP F 166 35.15 30.49 -20.37
C ASP F 166 35.48 29.71 -21.63
N ASP F 167 34.55 28.84 -22.05
CA ASP F 167 34.73 28.05 -23.27
C ASP F 167 34.84 28.90 -24.53
N GLY F 168 34.07 29.98 -24.61
CA GLY F 168 34.11 30.88 -25.74
C GLY F 168 35.45 31.61 -25.78
N TRP F 169 35.88 32.08 -24.61
CA TRP F 169 37.21 32.67 -24.48
C TRP F 169 38.31 31.70 -24.89
N THR F 170 38.30 30.49 -24.35
CA THR F 170 39.22 29.43 -24.79
C THR F 170 39.24 29.27 -26.30
N ALA F 171 38.06 29.33 -26.92
CA ALA F 171 37.97 29.17 -28.35
C ALA F 171 38.56 30.36 -29.13
N LEU F 172 38.27 31.59 -28.67
CA LEU F 172 38.84 32.79 -29.29
C LEU F 172 40.36 32.75 -29.23
N LYS F 173 40.90 32.49 -28.04
CA LYS F 173 42.35 32.38 -27.84
C LYS F 173 42.97 31.35 -28.76
N TRP F 174 42.37 30.15 -28.83
CA TRP F 174 42.85 29.06 -29.69
C TRP F 174 42.92 29.42 -31.16
N VAL F 175 41.84 30.02 -31.68
CA VAL F 175 41.79 30.47 -33.08
C VAL F 175 42.90 31.50 -33.36
N MET F 176 43.07 32.46 -32.45
CA MET F 176 44.07 33.53 -32.58
C MET F 176 45.49 32.96 -32.69
N SER F 177 45.69 31.79 -32.09
CA SER F 177 47.00 31.17 -31.97
C SER F 177 47.31 30.17 -33.09
N GLN F 178 46.39 29.97 -34.03
CA GLN F 178 46.63 29.01 -35.10
C GLN F 178 47.10 29.71 -36.37
N PRO F 179 48.35 29.41 -36.81
CA PRO F 179 48.86 29.98 -38.06
C PRO F 179 47.89 29.79 -39.23
N PHE F 180 47.37 28.57 -39.36
CA PHE F 180 46.42 28.25 -40.43
C PHE F 180 45.18 29.19 -40.50
N MET F 181 44.82 29.81 -39.36
CA MET F 181 43.66 30.72 -39.29
C MET F 181 43.96 32.11 -39.86
N ARG F 182 45.24 32.39 -40.10
CA ARG F 182 45.70 33.69 -40.60
C ARG F 182 45.85 33.67 -42.12
N ALA F 189 44.31 36.25 -37.23
CA ALA F 189 43.05 35.90 -37.87
C ALA F 189 42.08 37.08 -37.86
N ARG F 190 41.24 37.18 -38.89
CA ARG F 190 40.19 38.20 -38.96
C ARG F 190 38.87 37.66 -38.39
N VAL F 191 38.75 37.77 -37.06
CA VAL F 191 37.75 37.02 -36.31
C VAL F 191 36.41 37.75 -36.12
N PHE F 192 35.33 37.01 -36.35
CA PHE F 192 33.99 37.46 -36.07
C PHE F 192 33.40 36.49 -35.03
N LEU F 193 32.68 37.03 -34.06
CA LEU F 193 32.01 36.22 -33.03
C LEU F 193 30.55 36.24 -33.40
N SER F 194 29.91 35.07 -33.34
CA SER F 194 28.49 35.02 -33.66
C SER F 194 27.78 33.88 -32.93
N GLY F 195 26.45 33.99 -32.87
CA GLY F 195 25.67 32.97 -32.21
C GLY F 195 24.22 33.38 -32.21
N ASP F 196 23.36 32.38 -32.04
CA ASP F 196 21.95 32.62 -31.95
C ASP F 196 21.51 32.28 -30.54
N SER F 197 20.42 32.89 -30.08
CA SER F 197 19.84 32.54 -28.78
C SER F 197 20.94 32.71 -27.72
N SER F 198 21.10 31.73 -26.83
CA SER F 198 22.21 31.73 -25.87
C SER F 198 23.57 31.93 -26.49
N GLY F 199 23.78 31.46 -27.73
CA GLY F 199 25.12 31.63 -28.33
C GLY F 199 25.43 33.09 -28.66
N GLY F 200 24.39 33.87 -28.88
CA GLY F 200 24.59 35.30 -29.14
C GLY F 200 24.93 36.01 -27.85
N ASN F 201 24.32 35.55 -26.76
CA ASN F 201 24.64 36.06 -25.42
C ASN F 201 26.12 35.74 -25.13
N ILE F 202 26.53 34.52 -25.42
CA ILE F 202 27.92 34.11 -25.22
C ILE F 202 28.88 34.99 -26.07
N ALA F 203 28.48 35.25 -27.32
CA ALA F 203 29.27 36.05 -28.26
C ALA F 203 29.49 37.46 -27.66
N HIS F 204 28.41 38.05 -27.15
CA HIS F 204 28.50 39.35 -26.48
C HIS F 204 29.56 39.36 -25.37
N HIS F 205 29.45 38.41 -24.45
CA HIS F 205 30.35 38.36 -23.29
C HIS F 205 31.78 38.04 -23.68
N VAL F 206 31.97 37.21 -24.68
CA VAL F 206 33.34 36.98 -25.21
C VAL F 206 33.91 38.27 -25.87
N ALA F 207 33.07 38.97 -26.65
CA ALA F 207 33.49 40.23 -27.29
C ALA F 207 33.94 41.23 -26.21
N VAL F 208 33.19 41.30 -25.11
CA VAL F 208 33.45 42.23 -24.01
C VAL F 208 34.81 41.89 -23.44
N ARG F 209 35.01 40.61 -23.14
CA ARG F 209 36.30 40.18 -22.61
C ARG F 209 37.46 40.47 -23.59
N ALA F 210 37.23 40.27 -24.88
CA ALA F 210 38.26 40.52 -25.90
C ALA F 210 38.64 42.01 -25.93
N ALA F 211 37.65 42.89 -25.96
CA ALA F 211 37.87 44.32 -25.85
C ALA F 211 38.73 44.65 -24.61
N ASP F 212 38.32 44.15 -23.45
CA ASP F 212 39.09 44.33 -22.20
C ASP F 212 40.56 43.93 -22.29
N GLU F 213 40.85 42.88 -23.04
CA GLU F 213 42.19 42.28 -23.04
C GLU F 213 42.96 42.57 -24.32
N GLY F 214 42.57 43.65 -25.01
CA GLY F 214 43.21 44.06 -26.27
C GLY F 214 43.34 42.89 -27.23
N VAL F 215 42.19 42.36 -27.65
CA VAL F 215 42.10 41.39 -28.75
C VAL F 215 41.09 41.92 -29.74
N LYS F 216 41.54 42.09 -31.00
CA LYS F 216 40.70 42.64 -32.04
C LYS F 216 39.74 41.58 -32.62
N VAL F 217 38.48 41.95 -32.62
CA VAL F 217 37.41 41.17 -33.20
C VAL F 217 36.80 42.08 -34.26
N CYS F 218 36.73 41.59 -35.48
CA CYS F 218 36.24 42.36 -36.61
C CYS F 218 34.76 42.66 -36.52
N GLY F 219 34.00 41.87 -35.76
CA GLY F 219 32.57 42.10 -35.65
C GLY F 219 31.86 40.99 -34.91
N ASN F 220 30.69 41.34 -34.38
CA ASN F 220 29.76 40.42 -33.74
C ASN F 220 28.49 40.28 -34.57
N ILE F 221 28.02 39.05 -34.70
CA ILE F 221 26.79 38.75 -35.45
C ILE F 221 25.88 37.98 -34.48
N LEU F 222 24.84 38.67 -34.00
CA LEU F 222 23.88 38.14 -33.02
C LEU F 222 22.56 37.90 -33.66
N LEU F 223 22.05 36.67 -33.51
CA LEU F 223 20.74 36.33 -34.08
C LEU F 223 19.81 36.01 -32.94
N ASN F 224 18.83 36.88 -32.68
CA ASN F 224 17.93 36.66 -31.56
C ASN F 224 18.72 36.31 -30.30
N ALA F 225 19.80 37.06 -30.05
CA ALA F 225 20.59 36.91 -28.84
C ALA F 225 19.70 36.92 -27.60
N MET F 226 20.07 36.12 -26.62
CA MET F 226 19.18 35.85 -25.51
C MET F 226 19.56 36.70 -24.29
N PHE F 227 18.63 37.60 -23.92
CA PHE F 227 18.85 38.46 -22.73
C PHE F 227 17.60 38.47 -21.89
N GLY F 228 17.75 38.82 -20.61
CA GLY F 228 16.60 38.83 -19.72
C GLY F 228 16.65 39.94 -18.69
N GLY F 229 15.68 39.92 -17.78
CA GLY F 229 15.63 40.84 -16.64
C GLY F 229 14.55 40.38 -15.68
N THR F 230 14.64 40.84 -14.43
CA THR F 230 13.64 40.47 -13.46
C THR F 230 12.25 40.94 -13.88
N GLU F 231 12.15 42.16 -14.44
CA GLU F 231 10.84 42.71 -14.85
C GLU F 231 10.42 42.25 -16.25
N ARG F 232 9.12 42.16 -16.53
CA ARG F 232 8.63 41.83 -17.87
C ARG F 232 8.63 43.05 -18.78
N THR F 233 8.96 42.87 -20.05
CA THR F 233 8.85 43.94 -21.03
C THR F 233 7.49 43.79 -21.71
N GLU F 234 7.07 44.80 -22.47
CA GLU F 234 5.82 44.75 -23.22
C GLU F 234 5.74 43.53 -24.15
N SER F 235 6.82 43.30 -24.91
CA SER F 235 6.87 42.21 -25.91
C SER F 235 6.70 40.83 -25.25
N GLU F 236 7.35 40.65 -24.10
CA GLU F 236 7.24 39.39 -23.32
C GLU F 236 5.81 39.09 -22.94
N ARG F 237 5.12 40.08 -22.36
CA ARG F 237 3.71 39.92 -21.99
C ARG F 237 2.86 39.71 -23.24
N ARG F 238 3.08 40.55 -24.25
CA ARG F 238 2.29 40.50 -25.48
C ARG F 238 2.38 39.16 -26.22
N LEU F 239 3.59 38.62 -26.35
CA LEU F 239 3.84 37.49 -27.25
C LEU F 239 4.00 36.12 -26.55
N ASP F 240 3.92 36.12 -25.23
CA ASP F 240 4.06 34.91 -24.44
C ASP F 240 3.14 33.82 -24.99
N GLY F 241 3.72 32.69 -25.38
CA GLY F 241 2.92 31.52 -25.73
C GLY F 241 2.36 31.52 -27.14
N LYS F 242 2.58 32.62 -27.87
CA LYS F 242 1.98 32.76 -29.19
C LYS F 242 2.84 32.18 -30.32
N TYR F 243 4.16 32.24 -30.16
CA TYR F 243 5.10 31.78 -31.21
C TYR F 243 6.19 30.89 -30.66
N PHE F 244 5.78 29.72 -30.10
CA PHE F 244 6.68 28.62 -29.67
C PHE F 244 7.34 28.80 -28.32
N VAL F 245 7.56 30.05 -27.90
CA VAL F 245 8.28 30.33 -26.66
C VAL F 245 7.31 30.81 -25.55
N THR F 246 7.58 30.41 -24.31
CA THR F 246 6.79 30.86 -23.18
C THR F 246 7.73 31.49 -22.15
N LEU F 247 7.20 32.46 -21.38
CA LEU F 247 7.91 33.03 -20.25
C LEU F 247 8.24 31.98 -19.18
N GLN F 248 7.37 30.96 -19.05
CA GLN F 248 7.69 29.87 -18.15
C GLN F 248 9.02 29.20 -18.52
N ASP F 249 9.17 28.83 -19.80
CA ASP F 249 10.43 28.18 -20.21
C ASP F 249 11.61 29.18 -20.20
N ARG F 250 11.37 30.42 -20.63
CA ARG F 250 12.40 31.47 -20.54
C ARG F 250 12.96 31.54 -19.12
N ASP F 251 12.08 31.69 -18.14
CA ASP F 251 12.53 31.73 -16.74
C ASP F 251 13.28 30.47 -16.35
N TRP F 252 12.83 29.31 -16.85
CA TRP F 252 13.45 28.03 -16.52
C TRP F 252 14.89 28.00 -17.00
N TYR F 253 15.15 28.45 -18.24
CA TYR F 253 16.51 28.39 -18.80
C TYR F 253 17.46 29.34 -18.09
N TRP F 254 16.99 30.54 -17.76
CA TRP F 254 17.82 31.44 -16.94
C TRP F 254 18.15 30.86 -15.56
N LYS F 255 17.19 30.23 -14.91
CA LYS F 255 17.45 29.60 -13.59
C LYS F 255 18.49 28.50 -13.75
N ALA F 256 18.40 27.77 -14.86
CA ALA F 256 19.33 26.68 -15.16
C ALA F 256 20.79 27.11 -15.37
N TYR F 257 20.97 28.25 -16.03
CA TYR F 257 22.29 28.80 -16.34
C TYR F 257 22.92 29.65 -15.23
N LEU F 258 22.13 30.56 -14.70
CA LEU F 258 22.62 31.52 -13.72
C LEU F 258 22.99 30.82 -12.42
N PRO F 259 23.92 31.42 -11.65
CA PRO F 259 24.22 30.91 -10.31
C PRO F 259 22.94 30.62 -9.52
N GLU F 260 22.97 29.56 -8.71
CA GLU F 260 21.82 29.19 -7.87
C GLU F 260 21.24 30.37 -7.06
N ASP F 261 22.12 31.25 -6.61
CA ASP F 261 21.72 32.37 -5.77
C ASP F 261 21.16 33.57 -6.54
N ALA F 262 21.40 33.61 -7.88
CA ALA F 262 21.16 34.79 -8.72
C ALA F 262 19.70 34.98 -9.16
N ASP F 263 19.38 36.17 -9.69
CA ASP F 263 18.11 36.39 -10.38
C ASP F 263 18.40 36.93 -11.78
N ARG F 264 17.38 37.28 -12.56
CA ARG F 264 17.59 37.63 -13.97
C ARG F 264 18.22 39.02 -14.17
N ASP F 265 18.46 39.74 -13.06
CA ASP F 265 19.19 41.02 -13.17
C ASP F 265 20.67 40.81 -12.93
N HIS F 266 21.09 39.55 -12.88
CA HIS F 266 22.52 39.22 -12.91
C HIS F 266 23.07 39.70 -14.26
N PRO F 267 24.28 40.29 -14.27
CA PRO F 267 24.83 40.86 -15.54
C PRO F 267 25.01 39.89 -16.73
N ALA F 268 25.06 38.58 -16.45
CA ALA F 268 25.05 37.56 -17.51
C ALA F 268 23.76 37.62 -18.34
N CYS F 269 22.61 37.76 -17.66
CA CYS F 269 21.29 37.83 -18.30
C CYS F 269 20.95 39.25 -18.74
N ASN F 270 21.32 40.25 -17.93
CA ASN F 270 20.86 41.63 -18.13
C ASN F 270 22.08 42.59 -18.13
N PRO F 271 22.89 42.54 -19.20
CA PRO F 271 24.22 43.17 -19.19
C PRO F 271 24.17 44.70 -19.04
N PHE F 272 23.00 45.29 -19.29
CA PHE F 272 22.81 46.74 -19.16
C PHE F 272 21.73 47.14 -18.16
N GLY F 273 21.28 46.19 -17.32
CA GLY F 273 20.36 46.51 -16.23
C GLY F 273 21.11 46.95 -14.99
N PRO F 274 20.43 46.96 -13.82
CA PRO F 274 20.93 47.58 -12.56
C PRO F 274 22.32 47.11 -12.13
N ASN F 275 22.70 45.89 -12.50
CA ASN F 275 23.97 45.35 -12.08
C ASN F 275 24.96 45.27 -13.22
N GLY F 276 24.61 45.97 -14.30
CA GLY F 276 25.39 45.96 -15.51
C GLY F 276 26.57 46.93 -15.54
N ARG F 277 27.19 46.98 -16.70
CA ARG F 277 28.42 47.69 -16.93
C ARG F 277 28.19 48.47 -18.23
N ARG F 278 28.47 49.78 -18.24
CA ARG F 278 28.40 50.48 -19.50
C ARG F 278 29.70 50.19 -20.22
N LEU F 279 29.69 50.25 -21.55
CA LEU F 279 30.84 49.80 -22.34
C LEU F 279 31.52 50.91 -23.15
N GLY F 280 31.09 52.15 -22.94
CA GLY F 280 31.76 53.32 -23.52
C GLY F 280 33.24 53.32 -23.17
N GLY F 281 34.08 53.76 -24.09
CA GLY F 281 35.51 53.74 -23.82
C GLY F 281 36.17 52.40 -24.13
N LEU F 282 35.40 51.32 -24.13
CA LEU F 282 35.94 50.00 -24.53
C LEU F 282 36.02 49.88 -26.06
N PRO F 283 37.12 49.33 -26.59
CA PRO F 283 37.26 49.08 -28.03
C PRO F 283 36.44 47.85 -28.50
N PHE F 284 35.13 47.91 -28.25
CA PHE F 284 34.20 46.85 -28.57
C PHE F 284 34.01 46.72 -30.08
N ALA F 285 33.66 45.50 -30.52
CA ALA F 285 33.44 45.19 -31.92
C ALA F 285 32.23 45.90 -32.49
N LYS F 286 32.20 46.01 -33.81
CA LYS F 286 31.02 46.46 -34.53
C LYS F 286 29.95 45.36 -34.37
N SER F 287 28.68 45.74 -34.29
CA SER F 287 27.62 44.77 -34.09
C SER F 287 26.58 44.72 -35.20
N LEU F 288 26.28 43.49 -35.63
CA LEU F 288 25.14 43.22 -36.48
C LEU F 288 24.12 42.49 -35.62
N ILE F 289 22.97 43.12 -35.40
CA ILE F 289 22.02 42.62 -34.44
C ILE F 289 20.72 42.30 -35.15
N ILE F 290 20.43 41.01 -35.18
CA ILE F 290 19.30 40.51 -35.91
C ILE F 290 18.22 40.13 -34.91
N VAL F 291 17.03 40.66 -35.13
CA VAL F 291 15.93 40.56 -34.18
C VAL F 291 14.62 40.13 -34.86
N SER F 292 14.08 38.99 -34.42
CA SER F 292 12.77 38.53 -34.87
C SER F 292 11.69 39.32 -34.14
N GLY F 293 10.78 39.89 -34.93
CA GLY F 293 9.62 40.61 -34.39
C GLY F 293 8.66 39.78 -33.56
N LEU F 294 8.64 38.47 -33.83
CA LEU F 294 7.72 37.58 -33.11
C LEU F 294 8.43 36.72 -32.07
N ASP F 295 9.65 37.13 -31.71
CA ASP F 295 10.35 36.62 -30.57
C ASP F 295 9.93 37.51 -29.38
N LEU F 296 9.35 36.88 -28.34
CA LEU F 296 8.84 37.63 -27.20
C LEU F 296 9.88 38.54 -26.53
N THR F 297 11.16 38.24 -26.71
CA THR F 297 12.21 39.04 -26.08
C THR F 297 12.76 40.15 -26.98
N CYS F 298 12.05 40.47 -28.06
CA CYS F 298 12.57 41.46 -29.00
C CYS F 298 12.85 42.82 -28.33
N ASP F 299 11.97 43.24 -27.43
CA ASP F 299 12.18 44.47 -26.66
C ASP F 299 13.54 44.52 -26.07
N ARG F 300 13.98 43.43 -25.43
CA ARG F 300 15.28 43.43 -24.75
C ARG F 300 16.44 43.47 -25.71
N GLN F 301 16.29 42.83 -26.87
CA GLN F 301 17.37 42.81 -27.87
C GLN F 301 17.58 44.21 -28.46
N LEU F 302 16.48 44.89 -28.73
CA LEU F 302 16.50 46.27 -29.20
C LEU F 302 17.08 47.22 -28.15
N ALA F 303 16.75 46.99 -26.87
CA ALA F 303 17.28 47.80 -25.74
C ALA F 303 18.77 47.60 -25.59
N TYR F 304 19.22 46.35 -25.79
CA TYR F 304 20.64 46.01 -25.86
C TYR F 304 21.33 46.79 -26.99
N ALA F 305 20.71 46.84 -28.16
CA ALA F 305 21.30 47.54 -29.33
C ALA F 305 21.43 49.02 -28.98
N ASP F 306 20.33 49.59 -28.48
CA ASP F 306 20.26 51.00 -28.11
C ASP F 306 21.34 51.37 -27.12
N ALA F 307 21.50 50.53 -26.08
CA ALA F 307 22.51 50.74 -25.07
C ALA F 307 23.90 50.76 -25.69
N LEU F 308 24.15 49.85 -26.63
CA LEU F 308 25.43 49.82 -27.35
C LEU F 308 25.65 51.11 -28.14
N ARG F 309 24.60 51.57 -28.83
CA ARG F 309 24.61 52.83 -29.59
C ARG F 309 24.90 54.01 -28.65
N GLU F 310 24.13 54.11 -27.57
CA GLU F 310 24.38 55.10 -26.52
C GLU F 310 25.81 55.06 -26.01
N ASP F 311 26.43 53.88 -25.93
CA ASP F 311 27.81 53.79 -25.47
C ASP F 311 28.84 54.15 -26.54
N GLY F 312 28.38 54.69 -27.67
CA GLY F 312 29.30 55.15 -28.73
C GLY F 312 29.76 54.07 -29.71
N HIS F 313 29.14 52.89 -29.63
CA HIS F 313 29.58 51.78 -30.44
C HIS F 313 28.78 51.62 -31.74
N HIS F 314 29.38 50.93 -32.70
CA HIS F 314 28.85 50.81 -34.05
C HIS F 314 27.89 49.62 -34.10
N VAL F 315 26.64 49.89 -34.49
CA VAL F 315 25.53 48.93 -34.42
C VAL F 315 24.68 49.01 -35.66
N LYS F 316 24.38 47.86 -36.27
CA LYS F 316 23.37 47.76 -37.33
C LYS F 316 22.31 46.78 -36.85
N VAL F 317 21.05 47.21 -36.81
CA VAL F 317 19.96 46.37 -36.38
C VAL F 317 19.15 45.97 -37.59
N VAL F 318 18.94 44.66 -37.72
CA VAL F 318 18.08 44.12 -38.76
C VAL F 318 16.86 43.55 -38.08
N GLN F 319 15.78 44.30 -38.11
CA GLN F 319 14.55 43.86 -37.49
C GLN F 319 13.75 43.09 -38.51
N CYS F 320 13.34 41.88 -38.14
CA CYS F 320 12.58 41.05 -39.08
C CYS F 320 11.17 40.92 -38.51
N GLU F 321 10.35 41.89 -38.90
CA GLU F 321 9.00 42.07 -38.37
C GLU F 321 8.18 40.78 -38.27
N ASN F 322 8.27 39.93 -39.29
CA ASN F 322 7.34 38.82 -39.44
C ASN F 322 7.98 37.50 -39.02
N ALA F 323 9.21 37.56 -38.51
CA ALA F 323 9.99 36.36 -38.20
C ALA F 323 9.70 35.83 -36.80
N THR F 324 9.72 34.50 -36.65
CA THR F 324 9.63 33.86 -35.33
C THR F 324 11.06 33.51 -34.96
N VAL F 325 11.27 32.93 -33.78
CA VAL F 325 12.59 32.35 -33.50
C VAL F 325 12.93 31.29 -34.57
N GLY F 326 14.20 31.08 -34.83
CA GLY F 326 14.65 29.98 -35.72
C GLY F 326 14.47 30.21 -37.22
N PHE F 327 13.98 31.38 -37.61
CA PHE F 327 13.71 31.60 -39.05
C PHE F 327 14.96 31.47 -39.91
N TYR F 328 16.14 31.66 -39.31
CA TYR F 328 17.43 31.60 -40.05
C TYR F 328 17.84 30.16 -40.33
N LEU F 329 17.02 29.21 -39.91
CA LEU F 329 17.36 27.78 -40.00
C LEU F 329 16.81 27.08 -41.26
N LEU F 330 15.83 27.70 -41.89
CA LEU F 330 15.11 27.21 -43.05
C LEU F 330 15.04 28.32 -44.09
N PRO F 331 15.47 28.01 -45.33
CA PRO F 331 15.48 28.98 -46.45
C PRO F 331 14.11 29.19 -47.10
N ASN F 332 13.15 29.68 -46.33
CA ASN F 332 11.75 29.69 -46.75
C ASN F 332 11.01 30.97 -46.43
N THR F 333 11.75 32.07 -46.16
CA THR F 333 11.10 33.36 -45.93
C THR F 333 11.98 34.45 -46.56
N VAL F 334 11.36 35.59 -46.85
CA VAL F 334 12.12 36.76 -47.27
C VAL F 334 13.15 37.14 -46.19
N HIS F 335 12.81 36.97 -44.91
CA HIS F 335 13.70 37.40 -43.85
C HIS F 335 14.97 36.57 -43.80
N TYR F 336 14.86 35.27 -44.12
CA TYR F 336 16.04 34.42 -44.27
C TYR F 336 17.04 34.97 -45.30
N HIS F 337 16.52 35.29 -46.49
CA HIS F 337 17.36 35.81 -47.57
C HIS F 337 17.95 37.16 -47.18
N GLU F 338 17.08 38.01 -46.66
CA GLU F 338 17.50 39.31 -46.18
C GLU F 338 18.67 39.22 -45.20
N VAL F 339 18.59 38.30 -44.24
CA VAL F 339 19.62 38.19 -43.20
C VAL F 339 20.93 37.59 -43.71
N MET F 340 20.85 36.58 -44.59
CA MET F 340 22.07 36.01 -45.16
C MET F 340 22.85 37.08 -45.96
N GLU F 341 22.14 37.93 -46.68
CA GLU F 341 22.78 39.04 -47.40
C GLU F 341 23.38 40.09 -46.44
N GLU F 342 22.63 40.50 -45.41
CA GLU F 342 23.15 41.43 -44.37
C GLU F 342 24.41 40.87 -43.72
N ILE F 343 24.43 39.56 -43.49
CA ILE F 343 25.61 38.90 -42.92
C ILE F 343 26.77 38.91 -43.91
N SER F 344 26.48 38.58 -45.17
CA SER F 344 27.53 38.61 -46.17
C SER F 344 28.12 40.03 -46.27
N ASP F 345 27.24 41.02 -46.31
CA ASP F 345 27.64 42.44 -46.43
C ASP F 345 28.52 42.90 -45.28
N PHE F 346 28.12 42.54 -44.05
CA PHE F 346 28.83 42.90 -42.83
C PHE F 346 30.22 42.26 -42.84
N LEU F 347 30.29 41.00 -43.26
CA LEU F 347 31.57 40.29 -43.33
C LEU F 347 32.50 40.94 -44.35
N ASN F 348 31.94 41.22 -45.52
CA ASN F 348 32.70 41.87 -46.61
C ASN F 348 33.21 43.25 -46.20
N ALA F 349 32.32 44.09 -45.69
CA ALA F 349 32.66 45.45 -45.22
C ALA F 349 33.80 45.51 -44.17
N ASN F 350 33.95 44.43 -43.40
CA ASN F 350 34.78 44.43 -42.20
C ASN F 350 35.96 43.50 -42.28
N LEU F 351 36.21 43.03 -43.50
CA LEU F 351 37.42 42.28 -43.77
C LEU F 351 38.58 43.22 -44.15
N TYR F 352 38.26 44.37 -44.75
CA TYR F 352 39.24 45.43 -45.08
C TYR F 352 40.41 44.95 -45.95
#